data_2JMA
#
_entry.id   2JMA
#
_cell.length_a   1.000
_cell.length_b   1.000
_cell.length_c   1.000
_cell.angle_alpha   90.00
_cell.angle_beta   90.00
_cell.angle_gamma   90.00
#
_symmetry.space_group_name_H-M   'P 1'
#
loop_
_entity.id
_entity.type
_entity.pdbx_description
1 polymer 'Spectrin alpha chain, brain'
2 polymer 'P41 peptide'
#
loop_
_entity_poly.entity_id
_entity_poly.type
_entity_poly.pdbx_seq_one_letter_code
_entity_poly.pdbx_strand_id
1 'polypeptide(L)' MDETGKELVLALYDYQEKSPAEVTMKKGDILTLLNSTNKDWWKVEVNDRQGFVPAAYVKKLD A
2 'polypeptide(L)' (ACE)APSYSPPPPP B
#
loop_
_chem_comp.id
_chem_comp.type
_chem_comp.name
_chem_comp.formula
ACE non-polymer 'ACETYL GROUP' 'C2 H4 O'
#
# COMPACT_ATOMS: atom_id res chain seq x y z
N MET A 1 -5.43 5.93 19.33
CA MET A 1 -4.24 5.50 18.55
C MET A 1 -4.56 4.28 17.70
N ASP A 2 -5.62 4.37 16.90
CA ASP A 2 -6.00 3.24 16.03
C ASP A 2 -5.93 3.66 14.58
N GLU A 3 -4.73 4.03 14.16
CA GLU A 3 -4.50 4.45 12.73
C GLU A 3 -4.82 3.31 11.76
N THR A 4 -4.96 2.09 12.26
CA THR A 4 -5.27 0.95 11.40
C THR A 4 -6.78 0.66 11.44
N GLY A 5 -7.51 1.63 11.95
CA GLY A 5 -8.96 1.51 12.05
C GLY A 5 -9.65 2.21 10.91
N LYS A 6 -9.28 1.84 9.69
CA LYS A 6 -9.83 2.41 8.50
C LYS A 6 -10.01 1.30 7.48
N GLU A 7 -10.26 1.65 6.23
CA GLU A 7 -10.42 0.68 5.15
C GLU A 7 -9.15 -0.17 5.07
N LEU A 8 -9.28 -1.47 5.30
CA LEU A 8 -8.11 -2.33 5.29
C LEU A 8 -7.92 -3.08 3.98
N VAL A 9 -6.67 -3.39 3.73
CA VAL A 9 -6.25 -4.12 2.55
C VAL A 9 -5.26 -5.21 2.93
N LEU A 10 -5.11 -6.18 2.06
CA LEU A 10 -4.19 -7.28 2.29
C LEU A 10 -3.02 -7.17 1.35
N ALA A 11 -1.81 -7.37 1.86
CA ALA A 11 -0.62 -7.31 1.04
C ALA A 11 -0.37 -8.66 0.36
N LEU A 12 -0.60 -8.71 -0.94
CA LEU A 12 -0.44 -9.92 -1.72
C LEU A 12 1.02 -10.32 -1.90
N TYR A 13 1.90 -9.34 -2.05
CA TYR A 13 3.32 -9.62 -2.27
C TYR A 13 4.20 -8.68 -1.47
N ASP A 14 5.49 -8.99 -1.44
CA ASP A 14 6.46 -8.18 -0.74
C ASP A 14 6.86 -7.00 -1.61
N TYR A 15 6.93 -5.84 -1.01
CA TYR A 15 7.28 -4.63 -1.74
C TYR A 15 8.25 -3.78 -0.93
N GLN A 16 9.17 -3.12 -1.63
CA GLN A 16 10.16 -2.26 -1.01
C GLN A 16 9.94 -0.82 -1.48
N GLU A 17 9.87 0.10 -0.53
CA GLU A 17 9.67 1.52 -0.86
C GLU A 17 10.81 2.04 -1.73
N LYS A 18 10.48 2.73 -2.81
CA LYS A 18 11.50 3.26 -3.71
C LYS A 18 11.73 4.75 -3.48
N SER A 19 10.66 5.48 -3.18
CA SER A 19 10.76 6.91 -2.94
C SER A 19 10.31 7.25 -1.52
N PRO A 20 10.62 8.46 -1.03
CA PRO A 20 10.22 8.90 0.32
C PRO A 20 8.71 8.91 0.51
N ALA A 21 7.97 8.77 -0.59
CA ALA A 21 6.52 8.75 -0.56
C ALA A 21 6.02 7.33 -0.71
N GLU A 22 6.91 6.38 -0.48
CA GLU A 22 6.59 4.97 -0.61
C GLU A 22 6.85 4.27 0.71
N VAL A 23 6.12 3.18 0.95
CA VAL A 23 6.30 2.42 2.17
C VAL A 23 6.52 0.95 1.85
N THR A 24 7.25 0.27 2.71
CA THR A 24 7.54 -1.14 2.52
C THR A 24 6.48 -2.02 3.17
N MET A 25 6.03 -3.03 2.42
CA MET A 25 5.03 -3.96 2.89
C MET A 25 5.51 -5.39 2.69
N LYS A 26 4.97 -6.30 3.47
CA LYS A 26 5.33 -7.71 3.38
C LYS A 26 4.08 -8.56 3.18
N LYS A 27 4.21 -9.58 2.36
CA LYS A 27 3.10 -10.50 2.07
C LYS A 27 2.53 -11.07 3.36
N GLY A 28 1.23 -10.90 3.54
CA GLY A 28 0.57 -11.40 4.74
C GLY A 28 0.30 -10.29 5.74
N ASP A 29 0.64 -9.07 5.39
CA ASP A 29 0.44 -7.93 6.27
C ASP A 29 -0.87 -7.23 5.94
N ILE A 30 -1.52 -6.70 6.96
CA ILE A 30 -2.77 -5.98 6.77
C ILE A 30 -2.45 -4.50 6.71
N LEU A 31 -2.68 -3.91 5.54
CA LEU A 31 -2.40 -2.50 5.33
C LEU A 31 -3.67 -1.68 5.49
N THR A 32 -3.49 -0.42 5.85
CA THR A 32 -4.59 0.49 6.00
C THR A 32 -4.65 1.44 4.82
N LEU A 33 -5.80 1.52 4.17
CA LEU A 33 -5.94 2.39 3.00
C LEU A 33 -6.16 3.84 3.43
N LEU A 34 -5.40 4.72 2.82
CA LEU A 34 -5.49 6.14 3.11
C LEU A 34 -6.02 6.89 1.89
N ASN A 35 -5.59 6.47 0.71
CA ASN A 35 -6.00 7.10 -0.53
C ASN A 35 -5.85 6.12 -1.69
N SER A 36 -6.97 5.83 -2.36
CA SER A 36 -6.96 4.91 -3.49
C SER A 36 -7.48 5.61 -4.74
N THR A 37 -7.24 6.91 -4.83
CA THR A 37 -7.69 7.69 -5.98
C THR A 37 -6.87 7.34 -7.23
N ASN A 38 -5.74 6.66 -7.01
CA ASN A 38 -4.86 6.26 -8.09
C ASN A 38 -5.15 4.79 -8.40
N LYS A 39 -5.00 4.40 -9.65
CA LYS A 39 -5.29 3.05 -10.07
C LYS A 39 -4.06 2.15 -9.97
N ASP A 40 -2.89 2.74 -10.09
CA ASP A 40 -1.65 1.97 -10.07
C ASP A 40 -0.97 2.02 -8.70
N TRP A 41 -1.22 3.09 -7.95
CA TRP A 41 -0.60 3.25 -6.64
C TRP A 41 -1.63 3.57 -5.58
N TRP A 42 -1.55 2.92 -4.43
CA TRP A 42 -2.47 3.17 -3.34
C TRP A 42 -1.71 3.62 -2.11
N LYS A 43 -2.17 4.70 -1.50
CA LYS A 43 -1.54 5.23 -0.31
C LYS A 43 -2.04 4.45 0.89
N VAL A 44 -1.13 3.82 1.61
CA VAL A 44 -1.49 3.02 2.76
C VAL A 44 -0.65 3.36 3.99
N GLU A 45 -1.08 2.83 5.12
CA GLU A 45 -0.43 3.03 6.40
C GLU A 45 -0.07 1.69 7.04
N VAL A 46 1.22 1.46 7.25
CA VAL A 46 1.68 0.22 7.89
C VAL A 46 2.24 0.52 9.25
N ASN A 47 1.54 0.05 10.26
CA ASN A 47 1.90 0.19 11.68
C ASN A 47 2.00 1.65 12.13
N ASP A 48 2.84 2.39 11.46
CA ASP A 48 3.08 3.79 11.77
C ASP A 48 3.61 4.55 10.55
N ARG A 49 3.96 3.82 9.50
CA ARG A 49 4.53 4.41 8.30
C ARG A 49 3.47 4.66 7.24
N GLN A 50 3.42 5.89 6.74
CA GLN A 50 2.46 6.25 5.71
C GLN A 50 3.17 6.47 4.38
N GLY A 51 2.63 5.86 3.33
CA GLY A 51 3.20 6.01 2.01
C GLY A 51 2.48 5.20 0.96
N PHE A 52 3.00 5.19 -0.24
CA PHE A 52 2.37 4.53 -1.37
C PHE A 52 2.95 3.15 -1.68
N VAL A 53 2.07 2.30 -2.21
CA VAL A 53 2.41 0.94 -2.63
C VAL A 53 1.65 0.61 -3.91
N PRO A 54 2.09 -0.39 -4.67
CA PRO A 54 1.42 -0.81 -5.90
C PRO A 54 0.01 -1.33 -5.59
N ALA A 55 -0.99 -0.83 -6.31
CA ALA A 55 -2.36 -1.26 -6.11
C ALA A 55 -2.52 -2.73 -6.51
N ALA A 56 -1.62 -3.19 -7.37
CA ALA A 56 -1.62 -4.57 -7.82
C ALA A 56 -1.00 -5.50 -6.77
N TYR A 57 -0.54 -4.89 -5.68
CA TYR A 57 0.10 -5.64 -4.60
C TYR A 57 -0.79 -5.68 -3.37
N VAL A 58 -1.97 -5.10 -3.48
CA VAL A 58 -2.87 -5.02 -2.36
C VAL A 58 -4.31 -5.34 -2.80
N LYS A 59 -5.09 -5.91 -1.88
CA LYS A 59 -6.48 -6.27 -2.17
C LYS A 59 -7.43 -5.78 -1.07
N LYS A 60 -8.58 -5.24 -1.49
CA LYS A 60 -9.60 -4.75 -0.55
C LYS A 60 -10.06 -5.88 0.37
N LEU A 61 -9.96 -5.66 1.67
CA LEU A 61 -10.41 -6.68 2.63
C LEU A 61 -11.89 -6.51 2.93
N ASP A 62 -12.42 -5.36 2.58
CA ASP A 62 -13.81 -5.05 2.79
C ASP A 62 -14.52 -4.84 1.46
C ACE B 1 2.94 10.78 -4.15
O ACE B 1 3.74 9.85 -4.08
CH3 ACE B 1 3.12 12.00 -3.30
H1 ACE B 1 3.57 11.71 -2.35
H2 ACE B 1 2.16 12.46 -3.11
H3 ACE B 1 3.76 12.71 -3.82
N ALA B 2 1.90 10.79 -4.96
CA ALA B 2 1.60 9.67 -5.84
C ALA B 2 2.65 9.55 -6.94
N PRO B 3 3.34 8.40 -7.00
CA PRO B 3 4.37 8.14 -8.01
C PRO B 3 3.83 8.29 -9.43
N SER B 4 4.42 9.21 -10.19
CA SER B 4 3.99 9.49 -11.55
C SER B 4 4.66 8.53 -12.54
N TYR B 5 4.48 7.24 -12.32
CA TYR B 5 5.04 6.21 -13.17
C TYR B 5 4.37 4.87 -12.92
N SER B 6 4.67 3.89 -13.77
CA SER B 6 4.09 2.56 -13.64
C SER B 6 4.72 1.78 -12.49
N PRO B 7 3.89 1.06 -11.71
CA PRO B 7 4.35 0.25 -10.60
C PRO B 7 4.92 -1.08 -11.04
N PRO B 8 5.74 -1.72 -10.20
CA PRO B 8 6.36 -3.02 -10.52
C PRO B 8 5.31 -4.11 -10.72
N PRO B 9 5.51 -4.99 -11.71
CA PRO B 9 4.60 -6.09 -12.00
C PRO B 9 4.55 -7.08 -10.84
N PRO B 10 3.36 -7.65 -10.56
CA PRO B 10 3.18 -8.62 -9.48
C PRO B 10 3.97 -9.90 -9.72
N PRO B 11 4.75 -10.32 -8.71
CA PRO B 11 5.54 -11.54 -8.79
C PRO B 11 4.75 -12.76 -8.36
N MET A 1 -5.89 5.63 19.38
CA MET A 1 -4.82 5.64 18.37
C MET A 1 -4.89 4.40 17.47
N ASP A 2 -6.01 4.21 16.76
CA ASP A 2 -6.14 3.05 15.89
C ASP A 2 -5.93 3.46 14.44
N GLU A 3 -4.67 3.68 14.08
CA GLU A 3 -4.33 4.06 12.67
C GLU A 3 -4.78 2.99 11.68
N THR A 4 -5.03 1.78 12.16
CA THR A 4 -5.47 0.69 11.29
C THR A 4 -6.98 0.51 11.38
N GLY A 5 -7.64 1.53 11.91
CA GLY A 5 -9.08 1.51 12.05
C GLY A 5 -9.76 2.18 10.88
N LYS A 6 -9.35 1.80 9.68
CA LYS A 6 -9.87 2.36 8.46
C LYS A 6 -10.03 1.22 7.44
N GLU A 7 -10.22 1.59 6.19
CA GLU A 7 -10.36 0.60 5.11
C GLU A 7 -9.12 -0.28 5.09
N LEU A 8 -9.30 -1.58 5.22
CA LEU A 8 -8.17 -2.48 5.25
C LEU A 8 -7.94 -3.20 3.94
N VAL A 9 -6.67 -3.46 3.68
CA VAL A 9 -6.24 -4.17 2.48
C VAL A 9 -5.24 -5.26 2.84
N LEU A 10 -5.10 -6.21 1.95
CA LEU A 10 -4.19 -7.32 2.17
C LEU A 10 -3.01 -7.20 1.22
N ALA A 11 -1.81 -7.39 1.74
CA ALA A 11 -0.62 -7.32 0.94
C ALA A 11 -0.38 -8.65 0.23
N LEU A 12 -0.64 -8.67 -1.08
CA LEU A 12 -0.48 -9.88 -1.88
C LEU A 12 0.97 -10.31 -2.03
N TYR A 13 1.87 -9.33 -2.14
CA TYR A 13 3.28 -9.64 -2.32
C TYR A 13 4.14 -8.72 -1.47
N ASP A 14 5.42 -9.02 -1.41
CA ASP A 14 6.38 -8.22 -0.67
C ASP A 14 6.80 -7.05 -1.54
N TYR A 15 6.87 -5.88 -0.94
CA TYR A 15 7.22 -4.68 -1.68
C TYR A 15 8.21 -3.83 -0.90
N GLN A 16 9.11 -3.15 -1.61
CA GLN A 16 10.11 -2.29 -1.01
C GLN A 16 9.87 -0.85 -1.48
N GLU A 17 9.84 0.08 -0.54
CA GLU A 17 9.61 1.49 -0.84
C GLU A 17 10.73 2.08 -1.70
N LYS A 18 10.37 2.87 -2.71
CA LYS A 18 11.36 3.48 -3.58
C LYS A 18 11.56 4.96 -3.29
N SER A 19 10.49 5.68 -2.98
CA SER A 19 10.57 7.10 -2.72
C SER A 19 10.18 7.40 -1.27
N PRO A 20 10.40 8.63 -0.78
CA PRO A 20 10.04 9.04 0.59
C PRO A 20 8.52 9.02 0.81
N ALA A 21 7.79 8.88 -0.28
CA ALA A 21 6.34 8.84 -0.23
C ALA A 21 5.86 7.43 -0.48
N GLU A 22 6.76 6.48 -0.21
CA GLU A 22 6.47 5.07 -0.39
C GLU A 22 6.71 4.33 0.91
N VAL A 23 6.03 3.20 1.09
CA VAL A 23 6.20 2.42 2.31
C VAL A 23 6.40 0.94 1.98
N THR A 24 7.23 0.28 2.77
CA THR A 24 7.53 -1.12 2.56
C THR A 24 6.48 -2.01 3.24
N MET A 25 6.02 -3.02 2.50
CA MET A 25 5.02 -3.94 3.00
C MET A 25 5.48 -5.39 2.81
N LYS A 26 4.83 -6.31 3.49
CA LYS A 26 5.18 -7.72 3.41
C LYS A 26 3.94 -8.55 3.16
N LYS A 27 4.09 -9.63 2.40
CA LYS A 27 2.97 -10.52 2.08
C LYS A 27 2.35 -11.08 3.36
N GLY A 28 1.04 -10.94 3.48
CA GLY A 28 0.36 -11.45 4.67
C GLY A 28 0.07 -10.35 5.67
N ASP A 29 0.51 -9.14 5.36
CA ASP A 29 0.31 -8.02 6.25
C ASP A 29 -0.98 -7.30 5.90
N ILE A 30 -1.66 -6.81 6.93
CA ILE A 30 -2.90 -6.09 6.73
C ILE A 30 -2.60 -4.60 6.74
N LEU A 31 -2.71 -4.01 5.56
CA LEU A 31 -2.43 -2.59 5.38
C LEU A 31 -3.69 -1.77 5.54
N THR A 32 -3.52 -0.51 5.89
CA THR A 32 -4.64 0.39 6.06
C THR A 32 -4.70 1.38 4.89
N LEU A 33 -5.84 1.44 4.22
CA LEU A 33 -6.00 2.33 3.08
C LEU A 33 -6.25 3.75 3.55
N LEU A 34 -5.49 4.67 2.98
CA LEU A 34 -5.60 6.07 3.31
C LEU A 34 -6.17 6.83 2.13
N ASN A 35 -5.72 6.47 0.93
CA ASN A 35 -6.19 7.11 -0.29
C ASN A 35 -5.99 6.19 -1.50
N SER A 36 -7.07 5.87 -2.19
CA SER A 36 -7.02 5.01 -3.36
C SER A 36 -7.52 5.76 -4.60
N THR A 37 -7.25 7.06 -4.66
CA THR A 37 -7.67 7.90 -5.79
C THR A 37 -6.87 7.56 -7.05
N ASN A 38 -5.83 6.76 -6.89
CA ASN A 38 -4.98 6.35 -8.00
C ASN A 38 -5.24 4.87 -8.26
N LYS A 39 -5.20 4.46 -9.51
CA LYS A 39 -5.48 3.11 -9.87
C LYS A 39 -4.23 2.23 -9.85
N ASP A 40 -3.07 2.83 -10.00
CA ASP A 40 -1.82 2.07 -10.02
C ASP A 40 -1.13 2.12 -8.66
N TRP A 41 -1.36 3.18 -7.91
CA TRP A 41 -0.73 3.35 -6.61
C TRP A 41 -1.75 3.68 -5.53
N TRP A 42 -1.65 3.01 -4.39
CA TRP A 42 -2.56 3.25 -3.27
C TRP A 42 -1.80 3.71 -2.04
N LYS A 43 -2.29 4.75 -1.39
CA LYS A 43 -1.66 5.26 -0.18
C LYS A 43 -2.14 4.46 1.02
N VAL A 44 -1.21 3.84 1.71
CA VAL A 44 -1.55 3.02 2.88
C VAL A 44 -0.70 3.39 4.09
N GLU A 45 -1.03 2.76 5.22
CA GLU A 45 -0.33 3.00 6.47
C GLU A 45 0.08 1.68 7.10
N VAL A 46 1.37 1.55 7.42
CA VAL A 46 1.89 0.34 8.04
C VAL A 46 2.59 0.69 9.34
N ASN A 47 2.05 0.16 10.44
CA ASN A 47 2.57 0.33 11.81
C ASN A 47 2.63 1.78 12.26
N ASP A 48 3.32 2.57 11.50
CA ASP A 48 3.51 3.99 11.80
C ASP A 48 3.96 4.76 10.56
N ARG A 49 4.26 4.04 9.50
CA ARG A 49 4.74 4.66 8.28
C ARG A 49 3.62 4.81 7.27
N GLN A 50 3.52 5.98 6.70
CA GLN A 50 2.50 6.27 5.71
C GLN A 50 3.16 6.48 4.36
N GLY A 51 2.54 5.95 3.32
CA GLY A 51 3.08 6.11 1.99
C GLY A 51 2.35 5.30 0.95
N PHE A 52 2.85 5.32 -0.26
CA PHE A 52 2.21 4.66 -1.37
C PHE A 52 2.82 3.29 -1.69
N VAL A 53 1.95 2.42 -2.20
CA VAL A 53 2.32 1.08 -2.61
C VAL A 53 1.55 0.73 -3.88
N PRO A 54 2.03 -0.25 -4.66
CA PRO A 54 1.34 -0.68 -5.87
C PRO A 54 -0.06 -1.22 -5.58
N ALA A 55 -1.05 -0.68 -6.26
CA ALA A 55 -2.43 -1.13 -6.06
C ALA A 55 -2.55 -2.60 -6.51
N ALA A 56 -1.62 -3.03 -7.34
CA ALA A 56 -1.60 -4.40 -7.84
C ALA A 56 -0.95 -5.32 -6.81
N TYR A 57 -0.52 -4.75 -5.69
CA TYR A 57 0.12 -5.53 -4.63
C TYR A 57 -0.76 -5.58 -3.40
N VAL A 58 -1.95 -5.02 -3.52
CA VAL A 58 -2.87 -4.94 -2.41
C VAL A 58 -4.31 -5.21 -2.87
N LYS A 59 -5.11 -5.81 -2.00
CA LYS A 59 -6.50 -6.12 -2.32
C LYS A 59 -7.43 -5.74 -1.18
N LYS A 60 -8.60 -5.19 -1.52
CA LYS A 60 -9.60 -4.79 -0.53
C LYS A 60 -10.02 -5.98 0.33
N LEU A 61 -9.99 -5.80 1.64
CA LEU A 61 -10.40 -6.87 2.55
C LEU A 61 -11.88 -6.75 2.89
N ASP A 62 -12.44 -5.58 2.62
CA ASP A 62 -13.85 -5.31 2.90
C ASP A 62 -14.62 -5.12 1.60
C ACE B 1 3.15 10.22 -4.44
O ACE B 1 4.01 9.35 -4.22
CH3 ACE B 1 3.14 11.50 -3.65
H1 ACE B 1 2.48 12.21 -4.15
H2 ACE B 1 4.14 11.91 -3.62
H3 ACE B 1 2.81 11.29 -2.64
N ALA B 2 2.22 10.09 -5.35
CA ALA B 2 2.11 8.90 -6.18
C ALA B 2 3.04 9.00 -7.38
N PRO B 3 3.96 8.04 -7.53
CA PRO B 3 4.92 8.01 -8.64
C PRO B 3 4.23 8.16 -10.00
N SER B 4 4.83 8.97 -10.86
CA SER B 4 4.28 9.23 -12.19
C SER B 4 4.65 8.13 -13.18
N TYR B 5 4.80 6.91 -12.67
CA TYR B 5 5.15 5.78 -13.51
C TYR B 5 4.43 4.54 -13.01
N SER B 6 4.41 3.50 -13.84
CA SER B 6 3.76 2.25 -13.50
C SER B 6 4.50 1.51 -12.38
N PRO B 7 3.76 0.81 -11.51
CA PRO B 7 4.33 0.05 -10.41
C PRO B 7 5.04 -1.21 -10.91
N PRO B 8 5.91 -1.80 -10.08
CA PRO B 8 6.65 -3.01 -10.44
C PRO B 8 5.71 -4.17 -10.74
N PRO B 9 5.94 -4.89 -11.85
CA PRO B 9 5.10 -6.03 -12.25
C PRO B 9 4.96 -7.06 -11.14
N PRO B 10 3.70 -7.40 -10.79
CA PRO B 10 3.40 -8.37 -9.73
C PRO B 10 4.04 -9.73 -10.02
N PRO B 11 4.91 -10.20 -9.11
CA PRO B 11 5.60 -11.47 -9.23
C PRO B 11 4.81 -12.60 -8.57
N MET A 1 -0.16 7.96 11.12
CA MET A 1 -0.79 8.59 12.31
C MET A 1 -2.19 8.02 12.53
N ASP A 2 -2.29 6.71 12.41
CA ASP A 2 -3.54 6.00 12.60
C ASP A 2 -3.25 4.68 13.29
N GLU A 3 -4.24 3.83 13.40
CA GLU A 3 -4.04 2.52 14.04
C GLU A 3 -4.80 1.44 13.28
N THR A 4 -4.60 1.40 11.96
CA THR A 4 -5.25 0.42 11.09
C THR A 4 -6.76 0.34 11.40
N GLY A 5 -7.39 1.51 11.59
CA GLY A 5 -8.79 1.57 11.90
C GLY A 5 -9.62 2.26 10.83
N LYS A 6 -9.81 1.57 9.71
CA LYS A 6 -10.57 2.06 8.57
C LYS A 6 -10.43 1.09 7.41
N GLU A 7 -10.52 1.62 6.21
CA GLU A 7 -10.38 0.82 4.98
C GLU A 7 -9.14 -0.06 5.09
N LEU A 8 -9.31 -1.37 4.89
CA LEU A 8 -8.20 -2.28 5.00
C LEU A 8 -7.92 -3.02 3.72
N VAL A 9 -6.67 -3.35 3.54
CA VAL A 9 -6.21 -4.08 2.38
C VAL A 9 -5.23 -5.18 2.77
N LEU A 10 -5.14 -6.17 1.90
CA LEU A 10 -4.25 -7.29 2.10
C LEU A 10 -3.07 -7.18 1.15
N ALA A 11 -1.87 -7.35 1.66
CA ALA A 11 -0.68 -7.28 0.82
C ALA A 11 -0.46 -8.61 0.09
N LEU A 12 -0.67 -8.58 -1.23
CA LEU A 12 -0.50 -9.75 -2.06
C LEU A 12 0.96 -10.14 -2.24
N TYR A 13 1.83 -9.16 -2.37
CA TYR A 13 3.25 -9.43 -2.57
C TYR A 13 4.10 -8.50 -1.74
N ASP A 14 5.39 -8.79 -1.68
CA ASP A 14 6.33 -7.96 -0.95
C ASP A 14 6.66 -6.75 -1.80
N TYR A 15 6.84 -5.63 -1.14
CA TYR A 15 7.17 -4.40 -1.82
C TYR A 15 8.12 -3.57 -0.97
N GLN A 16 9.04 -2.88 -1.62
CA GLN A 16 10.01 -2.05 -0.92
C GLN A 16 9.85 -0.60 -1.35
N GLU A 17 9.87 0.29 -0.37
CA GLU A 17 9.73 1.73 -0.64
C GLU A 17 10.86 2.22 -1.52
N LYS A 18 10.52 2.95 -2.59
CA LYS A 18 11.54 3.46 -3.48
C LYS A 18 11.72 4.98 -3.32
N SER A 19 10.69 5.64 -2.80
CA SER A 19 10.75 7.08 -2.59
C SER A 19 10.30 7.41 -1.18
N PRO A 20 10.52 8.65 -0.70
CA PRO A 20 10.09 9.08 0.63
C PRO A 20 8.57 9.04 0.79
N ALA A 21 7.86 8.87 -0.32
CA ALA A 21 6.41 8.81 -0.31
C ALA A 21 5.95 7.38 -0.52
N GLU A 22 6.84 6.44 -0.28
CA GLU A 22 6.55 5.03 -0.44
C GLU A 22 6.81 4.29 0.86
N VAL A 23 6.12 3.18 1.07
CA VAL A 23 6.31 2.39 2.28
C VAL A 23 6.55 0.93 1.93
N THR A 24 7.23 0.23 2.81
CA THR A 24 7.56 -1.18 2.60
C THR A 24 6.49 -2.08 3.22
N MET A 25 6.10 -3.13 2.49
CA MET A 25 5.09 -4.07 2.95
C MET A 25 5.50 -5.50 2.60
N LYS A 26 4.87 -6.47 3.24
CA LYS A 26 5.16 -7.88 3.01
C LYS A 26 3.87 -8.65 2.78
N LYS A 27 3.95 -9.70 1.97
CA LYS A 27 2.78 -10.54 1.68
C LYS A 27 2.25 -11.14 2.98
N GLY A 28 0.95 -10.99 3.19
CA GLY A 28 0.33 -11.52 4.40
C GLY A 28 0.16 -10.46 5.48
N ASP A 29 0.39 -9.21 5.11
CA ASP A 29 0.25 -8.11 6.05
C ASP A 29 -1.02 -7.31 5.78
N ILE A 30 -1.64 -6.81 6.83
CA ILE A 30 -2.86 -6.03 6.69
C ILE A 30 -2.49 -4.55 6.71
N LEU A 31 -2.73 -3.87 5.62
CA LEU A 31 -2.41 -2.46 5.50
C LEU A 31 -3.65 -1.60 5.59
N THR A 32 -3.49 -0.41 6.15
CA THR A 32 -4.57 0.54 6.27
C THR A 32 -4.63 1.43 5.03
N LEU A 33 -5.79 1.52 4.39
CA LEU A 33 -5.94 2.34 3.20
C LEU A 33 -6.14 3.78 3.59
N LEU A 34 -5.34 4.66 3.02
CA LEU A 34 -5.43 6.08 3.31
C LEU A 34 -5.91 6.86 2.10
N ASN A 35 -5.44 6.47 0.92
CA ASN A 35 -5.83 7.14 -0.31
C ASN A 35 -5.75 6.18 -1.49
N SER A 36 -6.85 6.00 -2.19
CA SER A 36 -6.90 5.11 -3.34
C SER A 36 -7.45 5.84 -4.56
N THR A 37 -7.12 7.12 -4.69
CA THR A 37 -7.58 7.93 -5.81
C THR A 37 -6.87 7.53 -7.11
N ASN A 38 -5.84 6.71 -6.96
CA ASN A 38 -5.06 6.24 -8.09
C ASN A 38 -5.34 4.75 -8.27
N LYS A 39 -5.22 4.21 -9.48
CA LYS A 39 -5.51 2.80 -9.71
C LYS A 39 -4.23 1.98 -9.82
N ASP A 40 -3.09 2.65 -9.81
CA ASP A 40 -1.81 1.95 -9.92
C ASP A 40 -1.08 1.98 -8.58
N TRP A 41 -1.32 3.05 -7.82
CA TRP A 41 -0.68 3.23 -6.53
C TRP A 41 -1.70 3.61 -5.46
N TRP A 42 -1.60 2.96 -4.31
CA TRP A 42 -2.51 3.23 -3.19
C TRP A 42 -1.71 3.62 -1.97
N LYS A 43 -2.12 4.69 -1.30
CA LYS A 43 -1.43 5.12 -0.09
C LYS A 43 -1.97 4.36 1.09
N VAL A 44 -1.09 3.70 1.81
CA VAL A 44 -1.47 2.91 2.96
C VAL A 44 -0.57 3.21 4.15
N GLU A 45 -0.88 2.63 5.29
CA GLU A 45 -0.09 2.84 6.49
C GLU A 45 0.24 1.53 7.18
N VAL A 46 1.52 1.35 7.47
CA VAL A 46 2.00 0.17 8.17
C VAL A 46 2.58 0.58 9.48
N ASN A 47 1.92 0.18 10.57
CA ASN A 47 2.32 0.46 11.96
C ASN A 47 2.37 1.95 12.29
N ASP A 48 3.14 2.66 11.53
CA ASP A 48 3.32 4.12 11.69
C ASP A 48 3.89 4.75 10.42
N ARG A 49 4.26 3.92 9.47
CA ARG A 49 4.84 4.40 8.23
C ARG A 49 3.76 4.61 7.18
N GLN A 50 3.55 5.86 6.80
CA GLN A 50 2.56 6.22 5.81
C GLN A 50 3.23 6.42 4.45
N GLY A 51 2.63 5.87 3.41
CA GLY A 51 3.17 6.02 2.07
C GLY A 51 2.44 5.19 1.05
N PHE A 52 2.93 5.24 -0.18
CA PHE A 52 2.30 4.57 -1.29
C PHE A 52 2.87 3.19 -1.58
N VAL A 53 1.98 2.33 -2.08
CA VAL A 53 2.31 0.98 -2.48
C VAL A 53 1.51 0.65 -3.74
N PRO A 54 1.97 -0.32 -4.54
CA PRO A 54 1.27 -0.72 -5.75
C PRO A 54 -0.14 -1.24 -5.46
N ALA A 55 -1.13 -0.70 -6.15
CA ALA A 55 -2.51 -1.13 -5.96
C ALA A 55 -2.67 -2.58 -6.38
N ALA A 56 -1.79 -3.02 -7.28
CA ALA A 56 -1.80 -4.41 -7.77
C ALA A 56 -1.17 -5.34 -6.74
N TYR A 57 -0.63 -4.75 -5.68
CA TYR A 57 0.01 -5.51 -4.62
C TYR A 57 -0.87 -5.53 -3.39
N VAL A 58 -2.06 -4.98 -3.52
CA VAL A 58 -2.97 -4.89 -2.40
C VAL A 58 -4.42 -5.13 -2.86
N LYS A 59 -5.22 -5.75 -2.00
CA LYS A 59 -6.62 -6.05 -2.33
C LYS A 59 -7.54 -5.69 -1.17
N LYS A 60 -8.69 -5.10 -1.49
CA LYS A 60 -9.70 -4.74 -0.48
C LYS A 60 -10.07 -5.96 0.34
N LEU A 61 -10.07 -5.83 1.65
CA LEU A 61 -10.41 -6.94 2.52
C LEU A 61 -11.91 -7.02 2.73
N ASP A 62 -12.60 -5.90 2.52
CA ASP A 62 -14.04 -5.85 2.72
C ASP A 62 -14.67 -4.84 1.76
C ACE B 1 2.68 10.63 -4.51
O ACE B 1 3.40 9.66 -4.28
CH3 ACE B 1 2.79 11.89 -3.69
H1 ACE B 1 2.19 12.66 -4.16
H2 ACE B 1 3.82 12.20 -3.66
H3 ACE B 1 2.46 11.67 -2.69
N ALA B 2 1.76 10.63 -5.47
CA ALA B 2 1.55 9.48 -6.33
C ALA B 2 2.56 9.47 -7.49
N PRO B 3 3.35 8.40 -7.60
CA PRO B 3 4.37 8.25 -8.65
C PRO B 3 3.79 8.32 -10.06
N SER B 4 4.57 8.89 -10.98
CA SER B 4 4.13 9.05 -12.36
C SER B 4 4.67 7.91 -13.24
N TYR B 5 4.56 6.69 -12.75
CA TYR B 5 5.01 5.52 -13.48
C TYR B 5 4.30 4.28 -12.96
N SER B 6 4.23 3.25 -13.79
CA SER B 6 3.59 2.01 -13.41
C SER B 6 4.39 1.25 -12.35
N PRO B 7 3.70 0.60 -11.41
CA PRO B 7 4.34 -0.16 -10.33
C PRO B 7 5.13 -1.36 -10.88
N PRO B 8 6.06 -1.90 -10.07
CA PRO B 8 6.89 -3.04 -10.47
C PRO B 8 6.04 -4.29 -10.77
N PRO B 9 6.53 -5.15 -11.68
CA PRO B 9 5.83 -6.39 -12.06
C PRO B 9 5.47 -7.26 -10.87
N PRO B 10 4.16 -7.50 -10.66
CA PRO B 10 3.67 -8.32 -9.54
C PRO B 10 4.15 -9.76 -9.64
N PRO B 11 4.94 -10.21 -8.65
CA PRO B 11 5.45 -11.57 -8.62
C PRO B 11 4.43 -12.56 -8.08
N MET A 1 -0.27 7.85 11.07
CA MET A 1 -0.94 8.40 12.28
C MET A 1 -2.35 7.84 12.42
N ASP A 2 -2.49 6.54 12.18
CA ASP A 2 -3.78 5.86 12.28
C ASP A 2 -3.59 4.60 13.11
N GLU A 3 -4.62 3.77 13.18
CA GLU A 3 -4.50 2.51 13.95
C GLU A 3 -5.17 1.37 13.20
N THR A 4 -4.84 1.23 11.92
CA THR A 4 -5.41 0.19 11.05
C THR A 4 -6.91 -0.01 11.31
N GLY A 5 -7.63 1.10 11.50
CA GLY A 5 -9.04 1.04 11.78
C GLY A 5 -9.88 1.83 10.80
N LYS A 6 -10.12 1.21 9.65
CA LYS A 6 -10.91 1.79 8.56
C LYS A 6 -10.75 0.92 7.34
N GLU A 7 -10.89 1.53 6.17
CA GLU A 7 -10.73 0.81 4.90
C GLU A 7 -9.39 0.06 4.90
N LEU A 8 -9.45 -1.27 4.85
CA LEU A 8 -8.25 -2.08 4.90
C LEU A 8 -7.99 -2.84 3.61
N VAL A 9 -6.77 -3.29 3.49
CA VAL A 9 -6.31 -4.06 2.34
C VAL A 9 -5.36 -5.15 2.77
N LEU A 10 -5.20 -6.13 1.91
CA LEU A 10 -4.30 -7.25 2.17
C LEU A 10 -3.11 -7.18 1.24
N ALA A 11 -1.93 -7.38 1.79
CA ALA A 11 -0.71 -7.35 0.99
C ALA A 11 -0.49 -8.70 0.30
N LEU A 12 -0.70 -8.72 -1.01
CA LEU A 12 -0.53 -9.92 -1.80
C LEU A 12 0.92 -10.35 -1.91
N TYR A 13 1.83 -9.40 -2.00
CA TYR A 13 3.25 -9.71 -2.13
C TYR A 13 4.09 -8.74 -1.32
N ASP A 14 5.39 -9.00 -1.25
CA ASP A 14 6.30 -8.14 -0.54
C ASP A 14 6.70 -7.00 -1.46
N TYR A 15 6.85 -5.84 -0.89
CA TYR A 15 7.21 -4.65 -1.66
C TYR A 15 8.18 -3.78 -0.88
N GLN A 16 9.15 -3.21 -1.59
CA GLN A 16 10.13 -2.33 -0.97
C GLN A 16 9.95 -0.91 -1.47
N GLU A 17 9.93 0.05 -0.55
CA GLU A 17 9.75 1.45 -0.89
C GLU A 17 10.89 1.98 -1.76
N LYS A 18 10.55 2.78 -2.76
CA LYS A 18 11.56 3.34 -3.65
C LYS A 18 11.68 4.85 -3.49
N SER A 19 10.58 5.52 -3.17
CA SER A 19 10.60 6.96 -2.99
C SER A 19 10.28 7.34 -1.55
N PRO A 20 10.50 8.61 -1.16
CA PRO A 20 10.21 9.09 0.20
C PRO A 20 8.70 9.12 0.47
N ALA A 21 7.91 8.80 -0.56
CA ALA A 21 6.47 8.78 -0.44
C ALA A 21 5.97 7.35 -0.60
N GLU A 22 6.88 6.41 -0.40
CA GLU A 22 6.57 4.99 -0.53
C GLU A 22 6.84 4.28 0.78
N VAL A 23 6.15 3.16 1.02
CA VAL A 23 6.36 2.40 2.23
C VAL A 23 6.54 0.91 1.91
N THR A 24 7.32 0.24 2.73
CA THR A 24 7.62 -1.16 2.54
C THR A 24 6.53 -2.03 3.20
N MET A 25 6.10 -3.08 2.49
CA MET A 25 5.08 -3.98 3.01
C MET A 25 5.50 -5.43 2.80
N LYS A 26 4.89 -6.32 3.55
CA LYS A 26 5.19 -7.74 3.45
C LYS A 26 3.92 -8.55 3.22
N LYS A 27 4.06 -9.68 2.55
CA LYS A 27 2.91 -10.54 2.27
C LYS A 27 2.28 -11.02 3.57
N GLY A 28 0.96 -10.90 3.66
CA GLY A 28 0.26 -11.33 4.86
C GLY A 28 0.02 -10.20 5.83
N ASP A 29 0.35 -8.98 5.42
CA ASP A 29 0.17 -7.83 6.27
C ASP A 29 -1.12 -7.11 5.91
N ILE A 30 -1.81 -6.61 6.93
CA ILE A 30 -3.05 -5.89 6.72
C ILE A 30 -2.75 -4.40 6.73
N LEU A 31 -2.85 -3.80 5.57
CA LEU A 31 -2.55 -2.37 5.41
C LEU A 31 -3.81 -1.54 5.49
N THR A 32 -3.67 -0.34 6.03
CA THR A 32 -4.77 0.58 6.12
C THR A 32 -4.78 1.49 4.89
N LEU A 33 -5.91 1.54 4.20
CA LEU A 33 -6.03 2.37 3.02
C LEU A 33 -6.25 3.82 3.42
N LEU A 34 -5.40 4.68 2.91
CA LEU A 34 -5.48 6.10 3.20
C LEU A 34 -5.94 6.88 1.96
N ASN A 35 -5.55 6.40 0.80
CA ASN A 35 -5.93 7.01 -0.47
C ASN A 35 -5.87 6.00 -1.60
N SER A 36 -6.84 6.04 -2.49
CA SER A 36 -6.90 5.12 -3.61
C SER A 36 -7.42 5.83 -4.87
N THR A 37 -7.06 7.11 -5.03
CA THR A 37 -7.50 7.88 -6.19
C THR A 37 -6.70 7.48 -7.43
N ASN A 38 -5.70 6.65 -7.21
CA ASN A 38 -4.83 6.15 -8.26
C ASN A 38 -5.15 4.69 -8.51
N LYS A 39 -4.98 4.21 -9.74
CA LYS A 39 -5.29 2.82 -10.06
C LYS A 39 -4.06 1.92 -10.02
N ASP A 40 -2.88 2.50 -9.84
CA ASP A 40 -1.66 1.70 -9.80
C ASP A 40 -0.91 1.87 -8.48
N TRP A 41 -1.18 2.96 -7.78
CA TRP A 41 -0.51 3.25 -6.52
C TRP A 41 -1.53 3.64 -5.45
N TRP A 42 -1.52 2.92 -4.34
CA TRP A 42 -2.43 3.19 -3.24
C TRP A 42 -1.65 3.60 -2.00
N LYS A 43 -2.12 4.62 -1.29
CA LYS A 43 -1.44 5.06 -0.08
C LYS A 43 -1.98 4.30 1.10
N VAL A 44 -1.09 3.71 1.87
CA VAL A 44 -1.45 2.92 3.03
C VAL A 44 -0.51 3.21 4.19
N GLU A 45 -0.83 2.65 5.35
CA GLU A 45 0.01 2.83 6.54
C GLU A 45 0.40 1.48 7.13
N VAL A 46 1.68 1.32 7.42
CA VAL A 46 2.19 0.09 8.02
C VAL A 46 2.88 0.44 9.31
N ASN A 47 2.36 -0.10 10.41
CA ASN A 47 2.87 0.08 11.77
C ASN A 47 2.83 1.52 12.23
N ASP A 48 3.43 2.38 11.46
CA ASP A 48 3.48 3.81 11.74
C ASP A 48 3.96 4.59 10.51
N ARG A 49 4.42 3.89 9.49
CA ARG A 49 4.92 4.54 8.29
C ARG A 49 3.80 4.70 7.28
N GLN A 50 3.66 5.92 6.77
CA GLN A 50 2.64 6.22 5.79
C GLN A 50 3.28 6.45 4.42
N GLY A 51 2.68 5.89 3.40
CA GLY A 51 3.19 6.05 2.05
C GLY A 51 2.47 5.20 1.04
N PHE A 52 2.95 5.22 -0.18
CA PHE A 52 2.30 4.52 -1.28
C PHE A 52 2.91 3.15 -1.57
N VAL A 53 2.05 2.27 -2.06
CA VAL A 53 2.40 0.93 -2.46
C VAL A 53 1.64 0.58 -3.73
N PRO A 54 2.13 -0.39 -4.51
CA PRO A 54 1.46 -0.82 -5.74
C PRO A 54 0.05 -1.33 -5.45
N ALA A 55 -0.93 -0.76 -6.14
CA ALA A 55 -2.33 -1.18 -5.97
C ALA A 55 -2.49 -2.62 -6.40
N ALA A 56 -1.61 -3.07 -7.29
CA ALA A 56 -1.63 -4.44 -7.79
C ALA A 56 -1.07 -5.41 -6.76
N TYR A 57 -0.49 -4.84 -5.70
CA TYR A 57 0.11 -5.64 -4.63
C TYR A 57 -0.82 -5.68 -3.43
N VAL A 58 -1.98 -5.06 -3.57
CA VAL A 58 -2.92 -4.97 -2.49
C VAL A 58 -4.36 -5.25 -2.97
N LYS A 59 -5.17 -5.81 -2.10
CA LYS A 59 -6.55 -6.12 -2.44
C LYS A 59 -7.49 -5.70 -1.30
N LYS A 60 -8.65 -5.16 -1.66
CA LYS A 60 -9.65 -4.74 -0.68
C LYS A 60 -10.06 -5.93 0.18
N LEU A 61 -10.08 -5.73 1.48
CA LEU A 61 -10.45 -6.80 2.41
C LEU A 61 -11.96 -6.91 2.53
N ASP A 62 -12.64 -5.82 2.23
CA ASP A 62 -14.09 -5.78 2.29
C ASP A 62 -14.62 -4.57 1.51
C ACE B 1 2.51 11.21 -4.33
O ACE B 1 3.39 10.37 -4.12
CH3 ACE B 1 2.57 12.56 -3.67
H1 ACE B 1 2.32 13.32 -4.41
H2 ACE B 1 3.57 12.74 -3.32
H3 ACE B 1 1.88 12.59 -2.84
N ALA B 2 1.46 10.99 -5.12
CA ALA B 2 1.28 9.72 -5.79
C ALA B 2 2.23 9.57 -6.97
N PRO B 3 2.98 8.45 -7.01
CA PRO B 3 3.93 8.18 -8.09
C PRO B 3 3.24 8.15 -9.45
N SER B 4 3.64 9.06 -10.33
CA SER B 4 3.04 9.16 -11.66
C SER B 4 3.76 8.26 -12.67
N TYR B 5 4.15 7.07 -12.25
CA TYR B 5 4.84 6.14 -13.13
C TYR B 5 4.30 4.74 -12.88
N SER B 6 4.65 3.81 -13.75
CA SER B 6 4.19 2.43 -13.64
C SER B 6 4.85 1.70 -12.47
N PRO B 7 4.08 0.88 -11.75
CA PRO B 7 4.57 0.11 -10.60
C PRO B 7 5.32 -1.16 -11.04
N PRO B 8 6.09 -1.76 -10.13
CA PRO B 8 6.84 -2.98 -10.43
C PRO B 8 5.93 -4.17 -10.69
N PRO B 9 6.18 -4.92 -11.77
CA PRO B 9 5.36 -6.09 -12.15
C PRO B 9 5.25 -7.10 -11.01
N PRO B 10 4.02 -7.41 -10.59
CA PRO B 10 3.76 -8.37 -9.51
C PRO B 10 4.22 -9.78 -9.86
N PRO B 11 4.83 -10.49 -8.90
CA PRO B 11 5.31 -11.85 -9.11
C PRO B 11 4.16 -12.84 -9.36
N MET A 1 -7.87 6.62 19.04
CA MET A 1 -6.52 6.94 18.52
C MET A 1 -6.00 5.81 17.64
N ASP A 2 -6.90 5.03 17.06
CA ASP A 2 -6.49 3.92 16.21
C ASP A 2 -6.41 4.40 14.76
N GLU A 3 -5.22 4.42 14.17
CA GLU A 3 -5.11 4.87 12.75
C GLU A 3 -5.36 3.71 11.78
N THR A 4 -5.83 2.56 12.27
CA THR A 4 -6.10 1.41 11.40
C THR A 4 -7.60 1.11 11.36
N GLY A 5 -8.39 2.13 11.68
CA GLY A 5 -9.83 1.97 11.68
C GLY A 5 -10.45 2.57 10.43
N LYS A 6 -9.91 2.16 9.29
CA LYS A 6 -10.38 2.65 8.01
C LYS A 6 -10.43 1.47 7.04
N GLU A 7 -10.47 1.76 5.76
CA GLU A 7 -10.50 0.72 4.74
C GLU A 7 -9.24 -0.12 4.86
N LEU A 8 -9.41 -1.41 5.06
CA LEU A 8 -8.27 -2.29 5.20
C LEU A 8 -7.99 -3.05 3.93
N VAL A 9 -6.72 -3.33 3.73
CA VAL A 9 -6.26 -4.06 2.57
C VAL A 9 -5.27 -5.14 2.97
N LEU A 10 -5.12 -6.11 2.10
CA LEU A 10 -4.20 -7.21 2.33
C LEU A 10 -3.05 -7.14 1.34
N ALA A 11 -1.83 -7.34 1.83
CA ALA A 11 -0.67 -7.30 0.96
C ALA A 11 -0.47 -8.66 0.29
N LEU A 12 -0.63 -8.69 -1.03
CA LEU A 12 -0.49 -9.91 -1.81
C LEU A 12 0.98 -10.31 -2.01
N TYR A 13 1.83 -9.32 -2.21
CA TYR A 13 3.25 -9.61 -2.46
C TYR A 13 4.13 -8.71 -1.63
N ASP A 14 5.42 -9.03 -1.60
CA ASP A 14 6.40 -8.26 -0.89
C ASP A 14 6.77 -7.06 -1.72
N TYR A 15 6.84 -5.92 -1.08
CA TYR A 15 7.18 -4.68 -1.76
C TYR A 15 8.18 -3.86 -0.96
N GLN A 16 9.11 -3.24 -1.67
CA GLN A 16 10.14 -2.42 -1.08
C GLN A 16 9.96 -0.97 -1.55
N GLU A 17 9.92 -0.04 -0.61
CA GLU A 17 9.74 1.38 -0.94
C GLU A 17 10.89 1.89 -1.80
N LYS A 18 10.56 2.68 -2.82
CA LYS A 18 11.59 3.21 -3.71
C LYS A 18 11.74 4.73 -3.56
N SER A 19 10.63 5.43 -3.32
CA SER A 19 10.65 6.87 -3.16
C SER A 19 10.35 7.24 -1.71
N PRO A 20 10.64 8.50 -1.31
CA PRO A 20 10.38 8.99 0.06
C PRO A 20 8.88 9.05 0.37
N ALA A 21 8.05 8.73 -0.60
CA ALA A 21 6.62 8.72 -0.43
C ALA A 21 6.08 7.31 -0.59
N GLU A 22 6.97 6.35 -0.42
CA GLU A 22 6.62 4.94 -0.55
C GLU A 22 6.89 4.23 0.76
N VAL A 23 6.20 3.11 0.98
CA VAL A 23 6.40 2.35 2.21
C VAL A 23 6.56 0.86 1.90
N THR A 24 7.44 0.22 2.64
CA THR A 24 7.72 -1.21 2.47
C THR A 24 6.65 -2.07 3.14
N MET A 25 6.21 -3.12 2.43
CA MET A 25 5.19 -4.03 2.93
C MET A 25 5.59 -5.47 2.63
N LYS A 26 4.95 -6.41 3.32
CA LYS A 26 5.23 -7.83 3.13
C LYS A 26 3.91 -8.58 2.95
N LYS A 27 3.96 -9.68 2.19
CA LYS A 27 2.76 -10.48 1.97
C LYS A 27 2.25 -11.04 3.29
N GLY A 28 0.96 -10.85 3.54
CA GLY A 28 0.38 -11.33 4.78
C GLY A 28 0.16 -10.20 5.77
N ASP A 29 0.57 -9.00 5.39
CA ASP A 29 0.42 -7.84 6.23
C ASP A 29 -0.89 -7.13 5.94
N ILE A 30 -1.47 -6.53 6.95
CA ILE A 30 -2.72 -5.81 6.81
C ILE A 30 -2.42 -4.31 6.75
N LEU A 31 -2.73 -3.71 5.63
CA LEU A 31 -2.48 -2.30 5.43
C LEU A 31 -3.76 -1.49 5.57
N THR A 32 -3.62 -0.25 5.99
CA THR A 32 -4.77 0.64 6.11
C THR A 32 -4.78 1.61 4.94
N LEU A 33 -5.90 1.66 4.23
CA LEU A 33 -6.03 2.53 3.08
C LEU A 33 -6.26 3.97 3.50
N LEU A 34 -5.52 4.87 2.88
CA LEU A 34 -5.61 6.28 3.16
C LEU A 34 -6.15 7.01 1.93
N ASN A 35 -5.65 6.62 0.77
CA ASN A 35 -6.07 7.21 -0.49
C ASN A 35 -5.92 6.18 -1.60
N SER A 36 -6.99 5.95 -2.34
CA SER A 36 -6.98 4.98 -3.41
C SER A 36 -7.55 5.58 -4.69
N THR A 37 -7.36 6.88 -4.86
CA THR A 37 -7.85 7.58 -6.04
C THR A 37 -6.98 7.25 -7.27
N ASN A 38 -5.88 6.57 -7.02
CA ASN A 38 -4.95 6.17 -8.08
C ASN A 38 -5.19 4.70 -8.38
N LYS A 39 -4.98 4.29 -9.63
CA LYS A 39 -5.22 2.93 -10.03
C LYS A 39 -3.98 2.05 -9.88
N ASP A 40 -2.80 2.65 -9.89
CA ASP A 40 -1.57 1.88 -9.79
C ASP A 40 -0.90 2.01 -8.43
N TRP A 41 -1.16 3.10 -7.75
CA TRP A 41 -0.54 3.34 -6.46
C TRP A 41 -1.59 3.70 -5.40
N TRP A 42 -1.55 3.00 -4.28
CA TRP A 42 -2.49 3.25 -3.20
C TRP A 42 -1.75 3.72 -1.95
N LYS A 43 -2.23 4.81 -1.37
CA LYS A 43 -1.63 5.36 -0.17
C LYS A 43 -2.11 4.57 1.03
N VAL A 44 -1.21 3.94 1.74
CA VAL A 44 -1.57 3.13 2.90
C VAL A 44 -0.66 3.43 4.09
N GLU A 45 -0.99 2.82 5.21
CA GLU A 45 -0.23 2.98 6.43
C GLU A 45 0.13 1.62 7.04
N VAL A 46 1.42 1.37 7.20
CA VAL A 46 1.87 0.12 7.81
C VAL A 46 2.36 0.43 9.19
N ASN A 47 1.64 -0.10 10.19
CA ASN A 47 1.93 0.08 11.63
C ASN A 47 1.94 1.54 12.03
N ASP A 48 2.83 2.27 11.44
CA ASP A 48 2.99 3.70 11.70
C ASP A 48 3.56 4.45 10.49
N ARG A 49 4.02 3.72 9.49
CA ARG A 49 4.63 4.33 8.33
C ARG A 49 3.60 4.51 7.22
N GLN A 50 3.34 5.77 6.90
CA GLN A 50 2.38 6.09 5.85
C GLN A 50 3.10 6.39 4.54
N GLY A 51 2.59 5.82 3.47
CA GLY A 51 3.17 6.02 2.16
C GLY A 51 2.45 5.24 1.09
N PHE A 52 3.00 5.25 -0.11
CA PHE A 52 2.37 4.59 -1.24
C PHE A 52 2.93 3.22 -1.56
N VAL A 53 2.06 2.36 -2.06
CA VAL A 53 2.40 1.01 -2.48
C VAL A 53 1.62 0.68 -3.75
N PRO A 54 2.09 -0.29 -4.53
CA PRO A 54 1.40 -0.73 -5.76
C PRO A 54 0.00 -1.25 -5.43
N ALA A 55 -0.99 -0.70 -6.10
CA ALA A 55 -2.37 -1.13 -5.89
C ALA A 55 -2.54 -2.60 -6.24
N ALA A 56 -1.77 -3.06 -7.23
CA ALA A 56 -1.82 -4.45 -7.67
C ALA A 56 -1.19 -5.38 -6.63
N TYR A 57 -0.59 -4.80 -5.61
CA TYR A 57 0.06 -5.57 -4.56
C TYR A 57 -0.81 -5.63 -3.33
N VAL A 58 -1.97 -5.01 -3.42
CA VAL A 58 -2.88 -4.94 -2.31
C VAL A 58 -4.31 -5.27 -2.75
N LYS A 59 -5.11 -5.84 -1.86
CA LYS A 59 -6.48 -6.19 -2.17
C LYS A 59 -7.42 -5.75 -1.06
N LYS A 60 -8.58 -5.23 -1.47
CA LYS A 60 -9.61 -4.78 -0.52
C LYS A 60 -10.04 -5.93 0.37
N LEU A 61 -9.84 -5.78 1.67
CA LEU A 61 -10.24 -6.81 2.62
C LEU A 61 -11.74 -6.76 2.82
N ASP A 62 -12.30 -5.60 2.52
CA ASP A 62 -13.72 -5.37 2.64
C ASP A 62 -14.28 -4.96 1.28
C ACE B 1 3.06 10.96 -4.38
O ACE B 1 3.88 10.03 -4.40
CH3 ACE B 1 3.34 12.21 -3.60
H1 ACE B 1 4.36 12.18 -3.24
H2 ACE B 1 2.66 12.27 -2.76
H3 ACE B 1 3.17 13.07 -4.25
N ALA B 2 1.90 10.91 -5.03
CA ALA B 2 1.51 9.77 -5.83
C ALA B 2 2.41 9.61 -7.06
N PRO B 3 3.16 8.50 -7.13
CA PRO B 3 4.07 8.23 -8.23
C PRO B 3 3.36 8.23 -9.59
N SER B 4 3.80 9.12 -10.47
CA SER B 4 3.19 9.24 -11.79
C SER B 4 3.84 8.27 -12.78
N TYR B 5 4.13 7.07 -12.30
CA TYR B 5 4.73 6.04 -13.15
C TYR B 5 4.13 4.68 -12.78
N SER B 6 4.53 3.65 -13.50
CA SER B 6 4.02 2.31 -13.25
C SER B 6 4.87 1.57 -12.22
N PRO B 7 4.23 0.78 -11.35
CA PRO B 7 4.92 -0.01 -10.32
C PRO B 7 5.51 -1.29 -10.90
N PRO B 8 6.48 -1.91 -10.20
CA PRO B 8 7.11 -3.16 -10.64
C PRO B 8 6.08 -4.27 -10.80
N PRO B 9 6.16 -5.01 -11.92
CA PRO B 9 5.24 -6.12 -12.23
C PRO B 9 5.13 -7.12 -11.08
N PRO B 10 3.91 -7.40 -10.63
CA PRO B 10 3.64 -8.35 -9.55
C PRO B 10 4.20 -9.74 -9.85
N PRO B 11 5.01 -10.27 -8.93
CA PRO B 11 5.62 -11.59 -9.08
C PRO B 11 4.75 -12.70 -8.48
N MET A 1 -0.87 7.53 11.51
CA MET A 1 -1.80 8.23 12.43
C MET A 1 -3.16 7.54 12.46
N ASP A 2 -3.14 6.22 12.38
CA ASP A 2 -4.36 5.43 12.40
C ASP A 2 -4.09 4.09 13.05
N GLU A 3 -5.09 3.23 13.10
CA GLU A 3 -4.94 1.88 13.68
C GLU A 3 -5.88 0.91 13.00
N THR A 4 -5.72 0.77 11.67
CA THR A 4 -6.55 -0.13 10.85
C THR A 4 -8.05 0.05 11.12
N GLY A 5 -8.46 1.27 11.44
CA GLY A 5 -9.86 1.54 11.73
C GLY A 5 -10.60 2.15 10.56
N LYS A 6 -10.60 1.44 9.44
CA LYS A 6 -11.27 1.89 8.21
C LYS A 6 -10.96 0.92 7.08
N GLU A 7 -10.93 1.45 5.87
CA GLU A 7 -10.64 0.66 4.67
C GLU A 7 -9.35 -0.15 4.86
N LEU A 8 -9.46 -1.46 4.74
CA LEU A 8 -8.30 -2.31 4.91
C LEU A 8 -7.99 -3.10 3.66
N VAL A 9 -6.72 -3.37 3.49
CA VAL A 9 -6.23 -4.12 2.34
C VAL A 9 -5.25 -5.18 2.77
N LEU A 10 -5.07 -6.15 1.90
CA LEU A 10 -4.17 -7.25 2.15
C LEU A 10 -2.98 -7.15 1.20
N ALA A 11 -1.78 -7.33 1.74
CA ALA A 11 -0.58 -7.28 0.93
C ALA A 11 -0.32 -8.63 0.28
N LEU A 12 -0.51 -8.69 -1.03
CA LEU A 12 -0.32 -9.93 -1.79
C LEU A 12 1.14 -10.30 -1.94
N TYR A 13 2.01 -9.32 -2.09
CA TYR A 13 3.42 -9.58 -2.28
C TYR A 13 4.28 -8.66 -1.42
N ASP A 14 5.55 -8.95 -1.37
CA ASP A 14 6.50 -8.14 -0.61
C ASP A 14 6.93 -6.99 -1.48
N TYR A 15 6.96 -5.81 -0.89
CA TYR A 15 7.34 -4.61 -1.60
C TYR A 15 8.26 -3.75 -0.75
N GLN A 16 9.17 -3.05 -1.40
CA GLN A 16 10.11 -2.19 -0.70
C GLN A 16 9.99 -0.76 -1.21
N GLU A 17 9.90 0.19 -0.29
CA GLU A 17 9.75 1.60 -0.66
C GLU A 17 10.91 2.07 -1.55
N LYS A 18 10.58 2.71 -2.66
CA LYS A 18 11.60 3.21 -3.57
C LYS A 18 11.89 4.68 -3.33
N SER A 19 10.84 5.45 -3.07
CA SER A 19 10.97 6.87 -2.84
C SER A 19 10.55 7.23 -1.41
N PRO A 20 10.84 8.46 -0.96
CA PRO A 20 10.47 8.94 0.38
C PRO A 20 8.95 9.01 0.59
N ALA A 21 8.19 8.77 -0.47
CA ALA A 21 6.74 8.80 -0.40
C ALA A 21 6.18 7.39 -0.50
N GLU A 22 7.06 6.42 -0.34
CA GLU A 22 6.69 5.02 -0.43
C GLU A 22 6.87 4.34 0.92
N VAL A 23 6.19 3.21 1.10
CA VAL A 23 6.29 2.46 2.34
C VAL A 23 6.55 0.98 2.04
N THR A 24 7.18 0.31 2.98
CA THR A 24 7.52 -1.10 2.80
C THR A 24 6.47 -2.02 3.43
N MET A 25 6.05 -3.03 2.68
CA MET A 25 5.05 -3.98 3.14
C MET A 25 5.51 -5.41 2.88
N LYS A 26 4.87 -6.36 3.54
CA LYS A 26 5.20 -7.77 3.38
C LYS A 26 3.93 -8.57 3.13
N LYS A 27 4.04 -9.66 2.38
CA LYS A 27 2.89 -10.51 2.09
C LYS A 27 2.30 -11.03 3.40
N GLY A 28 1.01 -10.77 3.61
CA GLY A 28 0.38 -11.21 4.83
C GLY A 28 0.10 -10.07 5.78
N ASP A 29 0.51 -8.87 5.41
CA ASP A 29 0.31 -7.69 6.24
C ASP A 29 -1.01 -7.03 5.92
N ILE A 30 -1.67 -6.48 6.93
CA ILE A 30 -2.93 -5.80 6.75
C ILE A 30 -2.67 -4.30 6.74
N LEU A 31 -2.86 -3.70 5.58
CA LEU A 31 -2.62 -2.28 5.40
C LEU A 31 -3.90 -1.48 5.53
N THR A 32 -3.76 -0.26 6.00
CA THR A 32 -4.88 0.64 6.14
C THR A 32 -4.92 1.57 4.94
N LEU A 33 -6.03 1.59 4.22
CA LEU A 33 -6.16 2.43 3.04
C LEU A 33 -6.38 3.88 3.43
N LEU A 34 -5.48 4.73 2.99
CA LEU A 34 -5.58 6.15 3.27
C LEU A 34 -6.10 6.89 2.03
N ASN A 35 -5.63 6.45 0.87
CA ASN A 35 -6.04 7.05 -0.39
C ASN A 35 -5.92 6.04 -1.53
N SER A 36 -6.91 6.04 -2.41
CA SER A 36 -6.94 5.12 -3.53
C SER A 36 -7.43 5.85 -4.79
N THR A 37 -7.11 7.13 -4.89
CA THR A 37 -7.53 7.94 -6.05
C THR A 37 -6.68 7.60 -7.27
N ASN A 38 -5.67 6.78 -7.06
CA ASN A 38 -4.78 6.33 -8.12
C ASN A 38 -5.10 4.88 -8.43
N LYS A 39 -4.99 4.48 -9.69
CA LYS A 39 -5.32 3.11 -10.07
C LYS A 39 -4.11 2.17 -10.09
N ASP A 40 -2.93 2.71 -9.87
CA ASP A 40 -1.72 1.89 -9.86
C ASP A 40 -0.99 1.98 -8.53
N TRP A 41 -1.23 3.04 -7.79
CA TRP A 41 -0.58 3.26 -6.51
C TRP A 41 -1.61 3.63 -5.45
N TRP A 42 -1.55 2.96 -4.32
CA TRP A 42 -2.47 3.22 -3.23
C TRP A 42 -1.70 3.65 -1.98
N LYS A 43 -2.17 4.70 -1.33
CA LYS A 43 -1.52 5.17 -0.12
C LYS A 43 -2.07 4.42 1.08
N VAL A 44 -1.20 3.78 1.82
CA VAL A 44 -1.59 2.99 2.97
C VAL A 44 -0.66 3.26 4.15
N GLU A 45 -1.02 2.74 5.31
CA GLU A 45 -0.22 2.92 6.51
C GLU A 45 0.14 1.56 7.13
N VAL A 46 1.44 1.38 7.37
CA VAL A 46 1.95 0.15 7.98
C VAL A 46 2.68 0.49 9.25
N ASN A 47 2.20 -0.05 10.37
CA ASN A 47 2.78 0.13 11.72
C ASN A 47 2.76 1.58 12.18
N ASP A 48 3.37 2.42 11.39
CA ASP A 48 3.45 3.86 11.66
C ASP A 48 3.91 4.61 10.41
N ARG A 49 4.28 3.88 9.38
CA ARG A 49 4.76 4.49 8.16
C ARG A 49 3.61 4.71 7.17
N GLN A 50 3.44 5.95 6.76
CA GLN A 50 2.40 6.31 5.81
C GLN A 50 3.02 6.58 4.46
N GLY A 51 2.56 5.87 3.44
CA GLY A 51 3.11 6.07 2.11
C GLY A 51 2.40 5.25 1.04
N PHE A 52 2.98 5.23 -0.14
CA PHE A 52 2.36 4.54 -1.27
C PHE A 52 2.95 3.17 -1.57
N VAL A 53 2.08 2.31 -2.09
CA VAL A 53 2.43 0.96 -2.51
C VAL A 53 1.67 0.65 -3.78
N PRO A 54 2.16 -0.32 -4.58
CA PRO A 54 1.48 -0.73 -5.80
C PRO A 54 0.08 -1.26 -5.50
N ALA A 55 -0.92 -0.70 -6.16
CA ALA A 55 -2.30 -1.13 -5.96
C ALA A 55 -2.46 -2.60 -6.38
N ALA A 56 -1.60 -3.04 -7.29
CA ALA A 56 -1.62 -4.42 -7.77
C ALA A 56 -1.02 -5.37 -6.74
N TYR A 57 -0.43 -4.80 -5.70
CA TYR A 57 0.19 -5.60 -4.64
C TYR A 57 -0.72 -5.68 -3.43
N VAL A 58 -1.87 -5.06 -3.55
CA VAL A 58 -2.82 -5.00 -2.48
C VAL A 58 -4.22 -5.35 -2.98
N LYS A 59 -5.03 -5.93 -2.09
CA LYS A 59 -6.39 -6.31 -2.44
C LYS A 59 -7.36 -5.88 -1.35
N LYS A 60 -8.51 -5.34 -1.76
CA LYS A 60 -9.54 -4.93 -0.82
C LYS A 60 -9.94 -6.13 0.03
N LEU A 61 -9.87 -5.97 1.34
CA LEU A 61 -10.23 -7.06 2.23
C LEU A 61 -11.74 -7.23 2.27
N ASP A 62 -12.44 -6.15 1.97
CA ASP A 62 -13.90 -6.17 1.96
C ASP A 62 -14.42 -5.16 0.96
C ACE B 1 3.26 10.65 -4.09
O ACE B 1 3.90 9.60 -4.04
CH3 ACE B 1 3.67 11.84 -3.26
H1 ACE B 1 3.98 12.63 -3.93
H2 ACE B 1 4.48 11.56 -2.63
H3 ACE B 1 2.83 12.15 -2.66
N ALA B 2 2.18 10.80 -4.85
CA ALA B 2 1.68 9.73 -5.70
C ALA B 2 2.51 9.62 -6.96
N PRO B 3 3.17 8.48 -7.17
CA PRO B 3 3.99 8.24 -8.37
C PRO B 3 3.16 8.19 -9.64
N SER B 4 3.54 8.98 -10.63
CA SER B 4 2.81 9.03 -11.90
C SER B 4 3.44 8.09 -12.93
N TYR B 5 3.57 6.82 -12.57
CA TYR B 5 4.14 5.82 -13.47
C TYR B 5 3.69 4.43 -13.07
N SER B 6 4.00 3.45 -13.90
CA SER B 6 3.61 2.07 -13.64
C SER B 6 4.54 1.40 -12.63
N PRO B 7 3.98 0.76 -11.60
CA PRO B 7 4.75 0.07 -10.56
C PRO B 7 5.34 -1.25 -11.06
N PRO B 8 6.28 -1.86 -10.29
CA PRO B 8 6.91 -3.13 -10.64
C PRO B 8 5.89 -4.25 -10.83
N PRO B 9 6.06 -5.09 -11.86
CA PRO B 9 5.16 -6.20 -12.18
C PRO B 9 4.97 -7.15 -11.00
N PRO B 10 3.72 -7.37 -10.60
CA PRO B 10 3.37 -8.27 -9.48
C PRO B 10 3.71 -9.72 -9.80
N PRO B 11 4.53 -10.35 -8.94
CA PRO B 11 4.94 -11.75 -9.12
C PRO B 11 3.75 -12.71 -9.18
N MET A 1 -0.67 7.68 11.24
CA MET A 1 -1.30 7.90 12.55
C MET A 1 -2.63 7.15 12.66
N ASP A 2 -2.61 5.87 12.33
CA ASP A 2 -3.82 5.06 12.40
C ASP A 2 -3.50 3.70 13.01
N GLU A 3 -4.54 2.97 13.38
CA GLU A 3 -4.39 1.66 13.98
C GLU A 3 -5.30 0.67 13.26
N THR A 4 -5.18 0.65 11.92
CA THR A 4 -5.98 -0.21 11.05
C THR A 4 -7.48 -0.10 11.38
N GLY A 5 -7.92 1.12 11.67
CA GLY A 5 -9.31 1.35 12.02
C GLY A 5 -10.07 2.03 10.90
N LYS A 6 -10.15 1.35 9.76
CA LYS A 6 -10.86 1.85 8.57
C LYS A 6 -10.58 0.92 7.41
N GLU A 7 -10.64 1.45 6.21
CA GLU A 7 -10.38 0.70 4.99
C GLU A 7 -9.11 -0.13 5.11
N LEU A 8 -9.25 -1.44 5.04
CA LEU A 8 -8.11 -2.32 5.15
C LEU A 8 -7.85 -3.09 3.87
N VAL A 9 -6.59 -3.34 3.63
CA VAL A 9 -6.16 -4.07 2.47
C VAL A 9 -5.16 -5.16 2.85
N LEU A 10 -5.04 -6.13 1.98
CA LEU A 10 -4.13 -7.25 2.18
C LEU A 10 -2.98 -7.15 1.20
N ALA A 11 -1.76 -7.36 1.70
CA ALA A 11 -0.59 -7.31 0.84
C ALA A 11 -0.37 -8.65 0.17
N LEU A 12 -0.60 -8.69 -1.13
CA LEU A 12 -0.44 -9.91 -1.92
C LEU A 12 1.03 -10.29 -2.12
N TYR A 13 1.91 -9.30 -2.15
CA TYR A 13 3.32 -9.56 -2.36
C TYR A 13 4.16 -8.60 -1.54
N ASP A 14 5.44 -8.90 -1.43
CA ASP A 14 6.37 -8.05 -0.72
C ASP A 14 6.75 -6.90 -1.60
N TYR A 15 6.85 -5.73 -1.01
CA TYR A 15 7.19 -4.53 -1.75
C TYR A 15 8.11 -3.64 -0.94
N GLN A 16 9.05 -2.99 -1.61
CA GLN A 16 9.99 -2.10 -0.94
C GLN A 16 9.80 -0.68 -1.42
N GLU A 17 9.82 0.26 -0.50
CA GLU A 17 9.65 1.67 -0.82
C GLU A 17 10.76 2.19 -1.73
N LYS A 18 10.39 2.92 -2.77
CA LYS A 18 11.38 3.47 -3.70
C LYS A 18 11.58 4.96 -3.47
N SER A 19 10.60 5.61 -2.86
CA SER A 19 10.68 7.04 -2.63
C SER A 19 10.23 7.37 -1.20
N PRO A 20 10.45 8.61 -0.72
CA PRO A 20 10.03 9.05 0.62
C PRO A 20 8.51 9.04 0.77
N ALA A 21 7.82 8.88 -0.36
CA ALA A 21 6.37 8.84 -0.37
C ALA A 21 5.90 7.42 -0.56
N GLU A 22 6.78 6.48 -0.25
CA GLU A 22 6.48 5.07 -0.39
C GLU A 22 6.74 4.34 0.91
N VAL A 23 6.07 3.20 1.08
CA VAL A 23 6.24 2.40 2.29
C VAL A 23 6.48 0.93 1.94
N THR A 24 7.22 0.25 2.81
CA THR A 24 7.54 -1.15 2.60
C THR A 24 6.46 -2.05 3.22
N MET A 25 5.97 -2.99 2.44
CA MET A 25 4.93 -3.91 2.90
C MET A 25 5.40 -5.35 2.70
N LYS A 26 4.73 -6.29 3.36
CA LYS A 26 5.10 -7.70 3.27
C LYS A 26 3.86 -8.55 3.06
N LYS A 27 4.01 -9.67 2.40
CA LYS A 27 2.89 -10.57 2.15
C LYS A 27 2.29 -11.04 3.48
N GLY A 28 0.99 -10.83 3.64
CA GLY A 28 0.34 -11.24 4.87
C GLY A 28 0.15 -10.08 5.83
N ASP A 29 0.60 -8.90 5.41
CA ASP A 29 0.51 -7.70 6.23
C ASP A 29 -0.80 -6.99 5.94
N ILE A 30 -1.47 -6.53 6.99
CA ILE A 30 -2.72 -5.83 6.82
C ILE A 30 -2.44 -4.33 6.77
N LEU A 31 -2.69 -3.74 5.61
CA LEU A 31 -2.42 -2.33 5.40
C LEU A 31 -3.68 -1.52 5.57
N THR A 32 -3.52 -0.30 6.01
CA THR A 32 -4.62 0.62 6.20
C THR A 32 -4.69 1.56 5.01
N LEU A 33 -5.81 1.56 4.31
CA LEU A 33 -5.98 2.41 3.14
C LEU A 33 -6.17 3.86 3.56
N LEU A 34 -5.35 4.73 3.03
CA LEU A 34 -5.43 6.14 3.31
C LEU A 34 -5.95 6.91 2.10
N ASN A 35 -5.51 6.48 0.92
CA ASN A 35 -5.93 7.11 -0.33
C ASN A 35 -5.85 6.12 -1.49
N SER A 36 -6.91 6.03 -2.27
CA SER A 36 -6.95 5.11 -3.40
C SER A 36 -7.49 5.82 -4.65
N THR A 37 -7.16 7.11 -4.79
CA THR A 37 -7.63 7.87 -5.95
C THR A 37 -6.86 7.50 -7.21
N ASN A 38 -5.82 6.71 -7.03
CA ASN A 38 -5.00 6.23 -8.14
C ASN A 38 -5.30 4.75 -8.32
N LYS A 39 -5.18 4.22 -9.53
CA LYS A 39 -5.48 2.81 -9.75
C LYS A 39 -4.20 1.98 -9.87
N ASP A 40 -3.06 2.66 -9.82
CA ASP A 40 -1.78 1.96 -9.91
C ASP A 40 -1.06 2.01 -8.58
N TRP A 41 -1.29 3.08 -7.83
CA TRP A 41 -0.64 3.29 -6.54
C TRP A 41 -1.65 3.67 -5.48
N TRP A 42 -1.61 2.97 -4.34
CA TRP A 42 -2.50 3.24 -3.24
C TRP A 42 -1.72 3.66 -2.01
N LYS A 43 -2.16 4.72 -1.34
CA LYS A 43 -1.48 5.17 -0.14
C LYS A 43 -2.03 4.40 1.05
N VAL A 44 -1.14 3.75 1.78
CA VAL A 44 -1.52 2.96 2.93
C VAL A 44 -0.58 3.21 4.10
N GLU A 45 -0.99 2.75 5.28
CA GLU A 45 -0.18 2.92 6.48
C GLU A 45 0.09 1.57 7.13
N VAL A 46 1.36 1.28 7.37
CA VAL A 46 1.76 0.05 8.02
C VAL A 46 2.34 0.37 9.37
N ASN A 47 1.65 -0.08 10.41
CA ASN A 47 2.03 0.10 11.83
C ASN A 47 2.21 1.56 12.25
N ASP A 48 3.07 2.23 11.55
CA ASP A 48 3.39 3.64 11.83
C ASP A 48 3.90 4.37 10.59
N ARG A 49 4.21 3.64 9.53
CA ARG A 49 4.76 4.24 8.31
C ARG A 49 3.65 4.53 7.30
N GLN A 50 3.65 5.75 6.77
CA GLN A 50 2.66 6.16 5.79
C GLN A 50 3.30 6.38 4.42
N GLY A 51 2.64 5.89 3.37
CA GLY A 51 3.15 6.07 2.03
C GLY A 51 2.42 5.24 1.01
N PHE A 52 2.90 5.29 -0.21
CA PHE A 52 2.27 4.61 -1.33
C PHE A 52 2.86 3.24 -1.62
N VAL A 53 1.99 2.37 -2.14
CA VAL A 53 2.33 1.01 -2.55
C VAL A 53 1.56 0.68 -3.82
N PRO A 54 2.01 -0.31 -4.59
CA PRO A 54 1.33 -0.73 -5.80
C PRO A 54 -0.07 -1.26 -5.49
N ALA A 55 -1.08 -0.72 -6.17
CA ALA A 55 -2.45 -1.17 -5.96
C ALA A 55 -2.61 -2.63 -6.37
N ALA A 56 -1.73 -3.08 -7.26
CA ALA A 56 -1.77 -4.47 -7.72
C ALA A 56 -1.14 -5.40 -6.69
N TYR A 57 -0.57 -4.81 -5.65
CA TYR A 57 0.08 -5.58 -4.59
C TYR A 57 -0.81 -5.62 -3.37
N VAL A 58 -1.98 -5.02 -3.49
CA VAL A 58 -2.90 -4.94 -2.39
C VAL A 58 -4.32 -5.26 -2.85
N LYS A 59 -5.11 -5.84 -1.95
CA LYS A 59 -6.49 -6.20 -2.26
C LYS A 59 -7.43 -5.76 -1.15
N LYS A 60 -8.60 -5.26 -1.52
CA LYS A 60 -9.61 -4.84 -0.54
C LYS A 60 -10.00 -6.04 0.30
N LEU A 61 -9.90 -5.89 1.60
CA LEU A 61 -10.24 -6.97 2.51
C LEU A 61 -11.75 -7.07 2.69
N ASP A 62 -12.43 -5.98 2.41
CA ASP A 62 -13.88 -5.93 2.55
C ASP A 62 -14.47 -4.92 1.57
C ACE B 1 2.82 10.65 -4.46
O ACE B 1 3.51 9.65 -4.30
CH3 ACE B 1 3.00 11.86 -3.60
H1 ACE B 1 3.92 11.77 -3.04
H2 ACE B 1 2.18 11.95 -2.92
H3 ACE B 1 3.03 12.75 -4.24
N ALA B 2 1.88 10.74 -5.40
CA ALA B 2 1.60 9.63 -6.29
C ALA B 2 2.65 9.56 -7.39
N PRO B 3 3.33 8.41 -7.52
CA PRO B 3 4.38 8.21 -8.54
C PRO B 3 3.83 8.35 -9.94
N SER B 4 4.56 9.05 -10.79
CA SER B 4 4.16 9.28 -12.17
C SER B 4 4.71 8.21 -13.10
N TYR B 5 4.69 6.96 -12.67
CA TYR B 5 5.18 5.86 -13.47
C TYR B 5 4.48 4.57 -13.09
N SER B 6 4.67 3.54 -13.92
CA SER B 6 4.05 2.24 -13.69
C SER B 6 4.71 1.51 -12.53
N PRO B 7 3.91 0.75 -11.76
CA PRO B 7 4.41 -0.03 -10.63
C PRO B 7 5.16 -1.29 -11.08
N PRO B 8 5.99 -1.87 -10.21
CA PRO B 8 6.75 -3.08 -10.52
C PRO B 8 5.85 -4.28 -10.80
N PRO B 9 6.17 -5.07 -11.83
CA PRO B 9 5.39 -6.24 -12.22
C PRO B 9 5.24 -7.26 -11.08
N PRO B 10 4.01 -7.51 -10.64
CA PRO B 10 3.72 -8.45 -9.56
C PRO B 10 4.03 -9.90 -9.96
N PRO B 11 4.69 -10.65 -9.08
CA PRO B 11 5.05 -12.04 -9.32
C PRO B 11 3.86 -12.98 -9.14
N MET A 1 -7.04 5.63 19.28
CA MET A 1 -5.65 5.27 18.87
C MET A 1 -5.67 3.99 18.04
N ASP A 2 -6.47 3.97 16.98
CA ASP A 2 -6.55 2.81 16.10
C ASP A 2 -6.42 3.24 14.66
N GLU A 3 -5.19 3.61 14.28
CA GLU A 3 -4.93 4.06 12.88
C GLU A 3 -5.24 2.94 11.86
N THR A 4 -5.49 1.74 12.36
CA THR A 4 -5.83 0.62 11.46
C THR A 4 -7.33 0.37 11.45
N GLY A 5 -8.07 1.36 11.92
CA GLY A 5 -9.52 1.28 11.96
C GLY A 5 -10.14 2.03 10.80
N LYS A 6 -9.67 1.72 9.61
CA LYS A 6 -10.12 2.35 8.40
C LYS A 6 -10.26 1.29 7.32
N GLU A 7 -10.29 1.71 6.07
CA GLU A 7 -10.38 0.78 4.95
C GLU A 7 -9.16 -0.12 4.97
N LEU A 8 -9.36 -1.42 5.09
CA LEU A 8 -8.23 -2.33 5.16
C LEU A 8 -7.97 -3.05 3.85
N VAL A 9 -6.70 -3.33 3.64
CA VAL A 9 -6.24 -4.04 2.46
C VAL A 9 -5.26 -5.14 2.84
N LEU A 10 -5.10 -6.09 1.96
CA LEU A 10 -4.21 -7.21 2.18
C LEU A 10 -3.02 -7.11 1.25
N ALA A 11 -1.83 -7.34 1.77
CA ALA A 11 -0.62 -7.28 0.95
C ALA A 11 -0.40 -8.62 0.25
N LEU A 12 -0.54 -8.62 -1.06
CA LEU A 12 -0.36 -9.82 -1.87
C LEU A 12 1.10 -10.18 -2.04
N TYR A 13 1.95 -9.18 -2.20
CA TYR A 13 3.37 -9.44 -2.42
C TYR A 13 4.25 -8.54 -1.56
N ASP A 14 5.53 -8.88 -1.51
CA ASP A 14 6.51 -8.12 -0.76
C ASP A 14 6.92 -6.91 -1.58
N TYR A 15 6.89 -5.77 -0.95
CA TYR A 15 7.26 -4.54 -1.62
C TYR A 15 8.20 -3.71 -0.77
N GLN A 16 9.13 -3.02 -1.42
CA GLN A 16 10.11 -2.19 -0.75
C GLN A 16 9.91 -0.74 -1.18
N GLU A 17 9.86 0.17 -0.21
CA GLU A 17 9.68 1.58 -0.50
C GLU A 17 10.85 2.14 -1.31
N LYS A 18 10.56 2.88 -2.36
CA LYS A 18 11.62 3.43 -3.20
C LYS A 18 11.80 4.93 -2.95
N SER A 19 10.70 5.64 -2.73
CA SER A 19 10.76 7.07 -2.49
C SER A 19 10.32 7.38 -1.06
N PRO A 20 10.55 8.61 -0.58
CA PRO A 20 10.13 9.03 0.77
C PRO A 20 8.62 9.02 0.92
N ALA A 21 7.92 8.86 -0.20
CA ALA A 21 6.47 8.83 -0.21
C ALA A 21 5.99 7.42 -0.44
N GLU A 22 6.87 6.47 -0.14
CA GLU A 22 6.56 5.06 -0.31
C GLU A 22 6.78 4.33 1.01
N VAL A 23 6.15 3.17 1.14
CA VAL A 23 6.29 2.37 2.36
C VAL A 23 6.50 0.90 2.01
N THR A 24 7.15 0.18 2.91
CA THR A 24 7.45 -1.23 2.71
C THR A 24 6.36 -2.12 3.30
N MET A 25 6.01 -3.19 2.59
CA MET A 25 4.99 -4.12 3.04
C MET A 25 5.41 -5.56 2.75
N LYS A 26 4.76 -6.50 3.41
CA LYS A 26 5.06 -7.91 3.23
C LYS A 26 3.79 -8.71 2.99
N LYS A 27 3.90 -9.78 2.21
CA LYS A 27 2.75 -10.64 1.91
C LYS A 27 2.20 -11.24 3.19
N GLY A 28 0.92 -11.06 3.42
CA GLY A 28 0.29 -11.58 4.62
C GLY A 28 0.07 -10.51 5.66
N ASP A 29 0.51 -9.30 5.35
CA ASP A 29 0.36 -8.17 6.25
C ASP A 29 -0.90 -7.39 5.91
N ILE A 30 -1.59 -6.92 6.94
CA ILE A 30 -2.80 -6.16 6.74
C ILE A 30 -2.45 -4.68 6.74
N LEU A 31 -2.72 -4.03 5.62
CA LEU A 31 -2.43 -2.61 5.46
C LEU A 31 -3.70 -1.79 5.58
N THR A 32 -3.55 -0.53 5.95
CA THR A 32 -4.68 0.37 6.08
C THR A 32 -4.67 1.36 4.92
N LEU A 33 -5.77 1.46 4.21
CA LEU A 33 -5.87 2.36 3.07
C LEU A 33 -6.10 3.80 3.51
N LEU A 34 -5.28 4.68 2.97
CA LEU A 34 -5.36 6.09 3.28
C LEU A 34 -5.89 6.87 2.08
N ASN A 35 -5.39 6.53 0.91
CA ASN A 35 -5.80 7.17 -0.33
C ASN A 35 -5.67 6.21 -1.50
N SER A 36 -6.66 6.18 -2.36
CA SER A 36 -6.66 5.31 -3.51
C SER A 36 -7.09 6.07 -4.77
N THR A 37 -6.69 7.34 -4.86
CA THR A 37 -7.04 8.17 -6.00
C THR A 37 -6.24 7.76 -7.25
N ASN A 38 -5.28 6.89 -7.05
CA ASN A 38 -4.43 6.40 -8.12
C ASN A 38 -4.81 4.94 -8.40
N LYS A 39 -4.79 4.57 -9.66
CA LYS A 39 -5.16 3.25 -10.09
C LYS A 39 -4.03 2.23 -9.97
N ASP A 40 -2.80 2.69 -10.02
CA ASP A 40 -1.66 1.78 -9.94
C ASP A 40 -0.92 1.91 -8.62
N TRP A 41 -1.18 2.97 -7.89
CA TRP A 41 -0.51 3.22 -6.62
C TRP A 41 -1.50 3.61 -5.53
N TRP A 42 -1.44 2.94 -4.40
CA TRP A 42 -2.34 3.23 -3.29
C TRP A 42 -1.55 3.65 -2.05
N LYS A 43 -2.03 4.70 -1.39
CA LYS A 43 -1.39 5.19 -0.18
C LYS A 43 -1.93 4.43 1.01
N VAL A 44 -1.06 3.73 1.72
CA VAL A 44 -1.46 2.95 2.86
C VAL A 44 -0.63 3.30 4.11
N GLU A 45 -1.06 2.75 5.23
CA GLU A 45 -0.40 2.96 6.52
C GLU A 45 0.04 1.62 7.12
N VAL A 46 1.34 1.49 7.38
CA VAL A 46 1.87 0.27 7.98
C VAL A 46 2.47 0.61 9.31
N ASN A 47 1.89 0.04 10.37
CA ASN A 47 2.30 0.22 11.77
C ASN A 47 2.32 1.67 12.19
N ASP A 48 3.19 2.41 11.58
CA ASP A 48 3.36 3.83 11.89
C ASP A 48 3.84 4.63 10.66
N ARG A 49 4.14 3.94 9.58
CA ARG A 49 4.63 4.60 8.37
C ARG A 49 3.51 4.80 7.37
N GLN A 50 3.52 5.94 6.71
CA GLN A 50 2.51 6.26 5.72
C GLN A 50 3.17 6.51 4.37
N GLY A 51 2.61 5.91 3.33
CA GLY A 51 3.17 6.07 1.99
C GLY A 51 2.47 5.23 0.95
N PHE A 52 2.97 5.28 -0.25
CA PHE A 52 2.35 4.59 -1.38
C PHE A 52 2.97 3.23 -1.66
N VAL A 53 2.11 2.34 -2.17
CA VAL A 53 2.48 1.00 -2.59
C VAL A 53 1.71 0.65 -3.86
N PRO A 54 2.18 -0.31 -4.64
CA PRO A 54 1.50 -0.74 -5.86
C PRO A 54 0.09 -1.24 -5.56
N ALA A 55 -0.90 -0.69 -6.25
CA ALA A 55 -2.29 -1.10 -6.04
C ALA A 55 -2.50 -2.55 -6.46
N ALA A 56 -1.60 -3.04 -7.31
CA ALA A 56 -1.65 -4.41 -7.79
C ALA A 56 -1.04 -5.36 -6.76
N TYR A 57 -0.50 -4.78 -5.69
CA TYR A 57 0.13 -5.55 -4.63
C TYR A 57 -0.77 -5.60 -3.40
N VAL A 58 -1.93 -4.98 -3.53
CA VAL A 58 -2.85 -4.91 -2.42
C VAL A 58 -4.29 -5.19 -2.88
N LYS A 59 -5.08 -5.76 -1.98
CA LYS A 59 -6.47 -6.10 -2.30
C LYS A 59 -7.41 -5.67 -1.17
N LYS A 60 -8.56 -5.11 -1.56
CA LYS A 60 -9.59 -4.68 -0.60
C LYS A 60 -10.02 -5.85 0.27
N LEU A 61 -9.89 -5.70 1.58
CA LEU A 61 -10.31 -6.77 2.50
C LEU A 61 -11.78 -6.66 2.81
N ASP A 62 -12.35 -5.51 2.49
CA ASP A 62 -13.76 -5.26 2.73
C ASP A 62 -14.54 -5.31 1.43
C ACE B 1 2.89 10.69 -4.46
O ACE B 1 3.56 9.65 -4.44
CH3 ACE B 1 3.30 11.88 -3.64
H1 ACE B 1 4.20 11.63 -3.08
H2 ACE B 1 2.51 12.14 -2.96
H3 ACE B 1 3.49 12.72 -4.31
N ALA B 2 1.79 10.83 -5.18
CA ALA B 2 1.28 9.75 -6.02
C ALA B 2 2.12 9.61 -7.28
N PRO B 3 2.76 8.44 -7.46
CA PRO B 3 3.59 8.16 -8.64
C PRO B 3 2.77 8.07 -9.92
N SER B 4 3.21 8.77 -10.94
CA SER B 4 2.50 8.79 -12.22
C SER B 4 3.16 7.85 -13.23
N TYR B 5 3.42 6.62 -12.82
CA TYR B 5 4.05 5.63 -13.69
C TYR B 5 3.59 4.24 -13.28
N SER B 6 3.88 3.26 -14.13
CA SER B 6 3.50 1.89 -13.87
C SER B 6 4.40 1.25 -12.81
N PRO B 7 3.80 0.56 -11.83
CA PRO B 7 4.53 -0.10 -10.74
C PRO B 7 5.28 -1.35 -11.21
N PRO B 8 6.23 -1.84 -10.40
CA PRO B 8 7.01 -3.04 -10.73
C PRO B 8 6.11 -4.26 -10.93
N PRO B 9 6.43 -5.09 -11.93
CA PRO B 9 5.64 -6.29 -12.26
C PRO B 9 5.40 -7.18 -11.05
N PRO B 10 4.11 -7.32 -10.66
CA PRO B 10 3.73 -8.14 -9.51
C PRO B 10 3.97 -9.63 -9.74
N PRO B 11 4.65 -10.28 -8.79
CA PRO B 11 4.96 -11.71 -8.86
C PRO B 11 3.81 -12.57 -8.34
N MET A 1 -0.73 7.79 10.87
CA MET A 1 -1.42 8.25 12.09
C MET A 1 -2.79 7.58 12.22
N ASP A 2 -2.81 6.27 12.05
CA ASP A 2 -4.06 5.52 12.15
C ASP A 2 -3.80 4.21 12.89
N GLU A 3 -4.82 3.36 12.95
CA GLU A 3 -4.70 2.06 13.61
C GLU A 3 -5.65 1.06 12.96
N THR A 4 -5.48 0.87 11.64
CA THR A 4 -6.33 -0.03 10.85
C THR A 4 -7.82 0.24 11.13
N GLY A 5 -8.19 1.51 11.25
CA GLY A 5 -9.56 1.86 11.54
C GLY A 5 -10.26 2.52 10.37
N LYS A 6 -10.35 1.80 9.26
CA LYS A 6 -10.99 2.26 8.04
C LYS A 6 -10.76 1.26 6.94
N GLU A 7 -10.75 1.74 5.71
CA GLU A 7 -10.53 0.90 4.54
C GLU A 7 -9.29 0.05 4.74
N LEU A 8 -9.46 -1.26 4.65
CA LEU A 8 -8.33 -2.17 4.84
C LEU A 8 -8.03 -2.96 3.60
N VAL A 9 -6.76 -3.28 3.46
CA VAL A 9 -6.29 -4.05 2.32
C VAL A 9 -5.31 -5.12 2.75
N LEU A 10 -5.12 -6.10 1.89
CA LEU A 10 -4.20 -7.20 2.16
C LEU A 10 -3.01 -7.11 1.23
N ALA A 11 -1.82 -7.33 1.77
CA ALA A 11 -0.61 -7.28 0.97
C ALA A 11 -0.38 -8.62 0.26
N LEU A 12 -0.58 -8.62 -1.05
CA LEU A 12 -0.43 -9.81 -1.86
C LEU A 12 1.03 -10.23 -2.04
N TYR A 13 1.92 -9.25 -2.11
CA TYR A 13 3.33 -9.53 -2.30
C TYR A 13 4.18 -8.62 -1.44
N ASP A 14 5.47 -8.92 -1.36
CA ASP A 14 6.39 -8.12 -0.61
C ASP A 14 6.82 -6.95 -1.47
N TYR A 15 6.88 -5.79 -0.87
CA TYR A 15 7.25 -4.59 -1.58
C TYR A 15 8.14 -3.70 -0.72
N GLN A 16 9.14 -3.10 -1.34
CA GLN A 16 10.04 -2.22 -0.62
C GLN A 16 9.94 -0.82 -1.19
N GLU A 17 9.87 0.17 -0.31
CA GLU A 17 9.77 1.56 -0.72
C GLU A 17 10.91 1.97 -1.65
N LYS A 18 10.58 2.61 -2.76
CA LYS A 18 11.60 3.04 -3.71
C LYS A 18 11.88 4.53 -3.54
N SER A 19 10.87 5.28 -3.10
CA SER A 19 11.01 6.71 -2.90
C SER A 19 10.52 7.08 -1.50
N PRO A 20 10.77 8.34 -1.06
CA PRO A 20 10.34 8.83 0.26
C PRO A 20 8.82 8.88 0.41
N ALA A 21 8.10 8.68 -0.70
CA ALA A 21 6.65 8.70 -0.67
C ALA A 21 6.09 7.29 -0.73
N GLU A 22 6.95 6.33 -0.45
CA GLU A 22 6.56 4.92 -0.48
C GLU A 22 6.81 4.26 0.86
N VAL A 23 6.13 3.16 1.11
CA VAL A 23 6.30 2.40 2.34
C VAL A 23 6.49 0.93 2.04
N THR A 24 7.27 0.27 2.87
CA THR A 24 7.56 -1.14 2.70
C THR A 24 6.48 -2.02 3.33
N MET A 25 6.03 -3.02 2.57
CA MET A 25 4.99 -3.93 3.04
C MET A 25 5.43 -5.37 2.83
N LYS A 26 4.85 -6.28 3.60
CA LYS A 26 5.19 -7.69 3.49
C LYS A 26 3.94 -8.53 3.25
N LYS A 27 4.10 -9.58 2.47
CA LYS A 27 3.00 -10.49 2.15
C LYS A 27 2.38 -11.03 3.44
N GLY A 28 1.08 -10.81 3.59
CA GLY A 28 0.39 -11.28 4.78
C GLY A 28 0.07 -10.16 5.75
N ASP A 29 0.46 -8.94 5.43
CA ASP A 29 0.20 -7.80 6.29
C ASP A 29 -1.09 -7.10 5.90
N ILE A 30 -1.77 -6.55 6.88
CA ILE A 30 -3.00 -5.84 6.64
C ILE A 30 -2.71 -4.35 6.63
N LEU A 31 -2.89 -3.74 5.48
CA LEU A 31 -2.62 -2.33 5.31
C LEU A 31 -3.88 -1.50 5.45
N THR A 32 -3.71 -0.29 5.93
CA THR A 32 -4.83 0.62 6.08
C THR A 32 -4.84 1.61 4.92
N LEU A 33 -5.93 1.62 4.18
CA LEU A 33 -6.06 2.49 3.02
C LEU A 33 -6.27 3.93 3.45
N LEU A 34 -5.35 4.79 3.05
CA LEU A 34 -5.43 6.21 3.37
C LEU A 34 -5.93 6.97 2.16
N ASN A 35 -5.50 6.54 0.98
CA ASN A 35 -5.91 7.16 -0.26
C ASN A 35 -5.81 6.16 -1.41
N SER A 36 -6.77 6.19 -2.31
CA SER A 36 -6.80 5.27 -3.43
C SER A 36 -7.29 5.97 -4.70
N THR A 37 -6.96 7.25 -4.84
CA THR A 37 -7.39 8.02 -6.01
C THR A 37 -6.59 7.62 -7.26
N ASN A 38 -5.58 6.81 -7.05
CA ASN A 38 -4.72 6.32 -8.12
C ASN A 38 -5.08 4.86 -8.37
N LYS A 39 -4.90 4.36 -9.59
CA LYS A 39 -5.24 2.99 -9.88
C LYS A 39 -4.03 2.07 -9.89
N ASP A 40 -2.85 2.65 -9.82
CA ASP A 40 -1.62 1.85 -9.82
C ASP A 40 -0.89 1.98 -8.49
N TRP A 41 -1.19 3.02 -7.75
CA TRP A 41 -0.54 3.27 -6.47
C TRP A 41 -1.55 3.68 -5.41
N TRP A 42 -1.51 3.03 -4.27
CA TRP A 42 -2.42 3.32 -3.17
C TRP A 42 -1.65 3.72 -1.94
N LYS A 43 -2.11 4.76 -1.24
CA LYS A 43 -1.44 5.21 -0.03
C LYS A 43 -2.00 4.45 1.15
N VAL A 44 -1.12 3.77 1.88
CA VAL A 44 -1.51 2.99 3.04
C VAL A 44 -0.56 3.23 4.20
N GLU A 45 -0.93 2.73 5.37
CA GLU A 45 -0.09 2.86 6.56
C GLU A 45 0.24 1.48 7.13
N VAL A 46 1.53 1.23 7.34
CA VAL A 46 1.99 -0.01 7.92
C VAL A 46 2.68 0.30 9.22
N ASN A 47 2.20 -0.32 10.30
CA ASN A 47 2.73 -0.18 11.66
C ASN A 47 2.67 1.25 12.18
N ASP A 48 3.24 2.13 11.43
CA ASP A 48 3.28 3.55 11.75
C ASP A 48 3.73 4.38 10.55
N ARG A 49 4.23 3.71 9.52
CA ARG A 49 4.74 4.41 8.35
C ARG A 49 3.66 4.59 7.30
N GLN A 50 3.51 5.82 6.83
CA GLN A 50 2.51 6.13 5.82
C GLN A 50 3.19 6.39 4.49
N GLY A 51 2.59 5.90 3.42
CA GLY A 51 3.14 6.10 2.11
C GLY A 51 2.44 5.29 1.05
N PHE A 52 2.95 5.32 -0.15
CA PHE A 52 2.32 4.64 -1.26
C PHE A 52 2.92 3.27 -1.55
N VAL A 53 2.04 2.40 -2.04
CA VAL A 53 2.40 1.05 -2.44
C VAL A 53 1.65 0.72 -3.71
N PRO A 54 2.15 -0.24 -4.50
CA PRO A 54 1.49 -0.66 -5.72
C PRO A 54 0.08 -1.17 -5.45
N ALA A 55 -0.91 -0.61 -6.12
CA ALA A 55 -2.29 -1.03 -5.95
C ALA A 55 -2.43 -2.50 -6.36
N ALA A 56 -1.57 -2.92 -7.30
CA ALA A 56 -1.56 -4.29 -7.78
C ALA A 56 -0.97 -5.24 -6.75
N TYR A 57 -0.43 -4.67 -5.67
CA TYR A 57 0.18 -5.47 -4.61
C TYR A 57 -0.76 -5.54 -3.41
N VAL A 58 -1.90 -4.92 -3.54
CA VAL A 58 -2.85 -4.88 -2.45
C VAL A 58 -4.26 -5.19 -2.95
N LYS A 59 -5.07 -5.78 -2.07
CA LYS A 59 -6.44 -6.13 -2.41
C LYS A 59 -7.40 -5.70 -1.31
N LYS A 60 -8.54 -5.15 -1.70
CA LYS A 60 -9.57 -4.71 -0.75
C LYS A 60 -9.99 -5.89 0.11
N LEU A 61 -10.05 -5.68 1.42
CA LEU A 61 -10.45 -6.75 2.32
C LEU A 61 -11.97 -6.84 2.40
N ASP A 62 -12.62 -5.74 2.10
CA ASP A 62 -14.07 -5.67 2.13
C ASP A 62 -14.57 -4.83 0.95
C ACE B 1 2.59 10.97 -4.42
O ACE B 1 3.25 9.96 -4.19
CH3 ACE B 1 2.92 12.28 -3.76
H1 ACE B 1 2.90 12.14 -2.68
H2 ACE B 1 2.19 13.01 -4.04
H3 ACE B 1 3.89 12.60 -4.09
N ALA B 2 1.55 10.98 -5.24
CA ALA B 2 1.11 9.78 -5.94
C ALA B 2 1.97 9.56 -7.19
N PRO B 3 2.68 8.44 -7.24
CA PRO B 3 3.55 8.09 -8.37
C PRO B 3 2.77 7.98 -9.67
N SER B 4 3.13 8.81 -10.63
CA SER B 4 2.46 8.82 -11.93
C SER B 4 3.19 7.92 -12.92
N TYR B 5 3.39 6.68 -12.51
CA TYR B 5 4.06 5.70 -13.35
C TYR B 5 3.62 4.29 -12.95
N SER B 6 3.92 3.32 -13.78
CA SER B 6 3.55 1.94 -13.53
C SER B 6 4.41 1.33 -12.41
N PRO B 7 3.79 0.58 -11.50
CA PRO B 7 4.48 -0.05 -10.39
C PRO B 7 5.28 -1.29 -10.82
N PRO B 8 6.24 -1.73 -9.99
CA PRO B 8 7.07 -2.90 -10.29
C PRO B 8 6.24 -4.14 -10.56
N PRO B 9 6.50 -4.84 -11.67
CA PRO B 9 5.77 -6.04 -12.07
C PRO B 9 5.77 -7.12 -10.98
N PRO B 10 4.58 -7.49 -10.50
CA PRO B 10 4.42 -8.51 -9.46
C PRO B 10 4.51 -9.92 -10.02
N PRO B 11 5.16 -10.84 -9.29
CA PRO B 11 5.30 -12.22 -9.72
C PRO B 11 4.01 -13.02 -9.48
N MET A 1 -6.81 5.97 18.70
CA MET A 1 -5.41 5.50 18.65
C MET A 1 -5.33 4.20 17.86
N ASP A 2 -5.99 4.18 16.71
CA ASP A 2 -6.00 2.98 15.87
C ASP A 2 -5.65 3.33 14.44
N GLU A 3 -4.35 3.41 14.15
CA GLU A 3 -3.90 3.72 12.74
C GLU A 3 -4.43 2.67 11.76
N THR A 4 -4.87 1.53 12.26
CA THR A 4 -5.39 0.47 11.40
C THR A 4 -6.91 0.39 11.51
N GLY A 5 -7.51 1.45 12.02
CA GLY A 5 -8.95 1.50 12.18
C GLY A 5 -9.62 2.25 11.06
N LYS A 6 -9.26 1.87 9.84
CA LYS A 6 -9.79 2.47 8.64
C LYS A 6 -9.98 1.37 7.61
N GLU A 7 -10.17 1.75 6.35
CA GLU A 7 -10.34 0.79 5.27
C GLU A 7 -9.10 -0.08 5.17
N LEU A 8 -9.24 -1.37 5.37
CA LEU A 8 -8.09 -2.26 5.34
C LEU A 8 -7.92 -2.97 4.01
N VAL A 9 -6.68 -3.30 3.74
CA VAL A 9 -6.30 -4.02 2.53
C VAL A 9 -5.31 -5.13 2.87
N LEU A 10 -5.22 -6.09 1.97
CA LEU A 10 -4.31 -7.22 2.15
C LEU A 10 -3.16 -7.12 1.17
N ALA A 11 -1.95 -7.34 1.66
CA ALA A 11 -0.78 -7.29 0.81
C ALA A 11 -0.58 -8.63 0.10
N LEU A 12 -0.79 -8.64 -1.21
CA LEU A 12 -0.65 -9.85 -2.00
C LEU A 12 0.81 -10.27 -2.19
N TYR A 13 1.70 -9.29 -2.30
CA TYR A 13 3.11 -9.59 -2.50
C TYR A 13 4.00 -8.69 -1.64
N ASP A 14 5.29 -9.00 -1.61
CA ASP A 14 6.26 -8.23 -0.88
C ASP A 14 6.65 -7.03 -1.72
N TYR A 15 6.86 -5.91 -1.07
CA TYR A 15 7.24 -4.70 -1.77
C TYR A 15 8.21 -3.86 -0.93
N GLN A 16 9.15 -3.20 -1.61
CA GLN A 16 10.13 -2.35 -0.96
C GLN A 16 9.95 -0.92 -1.42
N GLU A 17 9.88 0.02 -0.48
CA GLU A 17 9.70 1.43 -0.79
C GLU A 17 10.85 1.94 -1.66
N LYS A 18 10.53 2.77 -2.65
CA LYS A 18 11.56 3.32 -3.53
C LYS A 18 11.74 4.82 -3.33
N SER A 19 10.70 5.50 -2.86
CA SER A 19 10.78 6.93 -2.66
C SER A 19 10.36 7.30 -1.23
N PRO A 20 10.61 8.56 -0.80
CA PRO A 20 10.23 9.03 0.54
C PRO A 20 8.71 9.05 0.73
N ALA A 21 7.99 8.83 -0.36
CA ALA A 21 6.53 8.82 -0.33
C ALA A 21 6.04 7.40 -0.54
N GLU A 22 6.93 6.44 -0.31
CA GLU A 22 6.62 5.04 -0.47
C GLU A 22 6.88 4.31 0.83
N VAL A 23 6.16 3.22 1.06
CA VAL A 23 6.33 2.43 2.26
C VAL A 23 6.50 0.95 1.92
N THR A 24 7.28 0.27 2.73
CA THR A 24 7.55 -1.14 2.52
C THR A 24 6.44 -2.01 3.13
N MET A 25 6.07 -3.05 2.41
CA MET A 25 5.02 -3.96 2.86
C MET A 25 5.46 -5.41 2.67
N LYS A 26 4.73 -6.33 3.25
CA LYS A 26 5.05 -7.75 3.15
C LYS A 26 3.79 -8.57 2.89
N LYS A 27 3.93 -9.66 2.16
CA LYS A 27 2.81 -10.55 1.85
C LYS A 27 2.24 -11.13 3.15
N GLY A 28 0.93 -11.01 3.32
CA GLY A 28 0.30 -11.53 4.53
C GLY A 28 0.10 -10.45 5.56
N ASP A 29 0.48 -9.23 5.22
CA ASP A 29 0.34 -8.10 6.11
C ASP A 29 -0.93 -7.34 5.80
N ILE A 30 -1.55 -6.79 6.83
CA ILE A 30 -2.77 -6.03 6.66
C ILE A 30 -2.43 -4.55 6.66
N LEU A 31 -2.64 -3.93 5.52
CA LEU A 31 -2.34 -2.51 5.34
C LEU A 31 -3.59 -1.69 5.52
N THR A 32 -3.42 -0.45 5.92
CA THR A 32 -4.55 0.45 6.10
C THR A 32 -4.58 1.45 4.96
N LEU A 33 -5.70 1.52 4.26
CA LEU A 33 -5.83 2.44 3.13
C LEU A 33 -6.02 3.86 3.59
N LEU A 34 -5.29 4.75 2.97
CA LEU A 34 -5.37 6.17 3.27
C LEU A 34 -5.93 6.93 2.08
N ASN A 35 -5.53 6.51 0.88
CA ASN A 35 -5.99 7.11 -0.36
C ASN A 35 -5.88 6.10 -1.49
N SER A 36 -6.91 5.99 -2.30
CA SER A 36 -6.92 5.04 -3.40
C SER A 36 -7.51 5.68 -4.67
N THR A 37 -7.22 6.96 -4.87
CA THR A 37 -7.72 7.66 -6.05
C THR A 37 -6.86 7.36 -7.27
N ASN A 38 -5.72 6.72 -7.03
CA ASN A 38 -4.80 6.35 -8.09
C ASN A 38 -5.08 4.89 -8.45
N LYS A 39 -4.93 4.55 -9.71
CA LYS A 39 -5.20 3.23 -10.18
C LYS A 39 -3.99 2.30 -10.10
N ASP A 40 -2.78 2.87 -10.09
CA ASP A 40 -1.58 2.05 -10.03
C ASP A 40 -0.91 2.11 -8.68
N TRP A 41 -1.19 3.14 -7.91
CA TRP A 41 -0.58 3.31 -6.60
C TRP A 41 -1.60 3.68 -5.54
N TRP A 42 -1.54 3.01 -4.40
CA TRP A 42 -2.46 3.28 -3.30
C TRP A 42 -1.68 3.71 -2.07
N LYS A 43 -2.17 4.74 -1.41
CA LYS A 43 -1.53 5.24 -0.21
C LYS A 43 -2.02 4.44 0.99
N VAL A 44 -1.09 3.85 1.71
CA VAL A 44 -1.44 3.04 2.86
C VAL A 44 -0.58 3.39 4.07
N GLU A 45 -0.95 2.82 5.20
CA GLU A 45 -0.25 3.03 6.46
C GLU A 45 0.12 1.68 7.08
N VAL A 46 1.42 1.46 7.30
CA VAL A 46 1.89 0.23 7.91
C VAL A 46 2.48 0.55 9.25
N ASN A 47 1.89 -0.01 10.30
CA ASN A 47 2.30 0.16 11.70
C ASN A 47 2.25 1.61 12.16
N ASP A 48 2.93 2.45 11.45
CA ASP A 48 3.00 3.88 11.73
C ASP A 48 3.56 4.66 10.54
N ARG A 49 4.06 3.94 9.54
CA ARG A 49 4.65 4.56 8.36
C ARG A 49 3.60 4.75 7.27
N GLN A 50 3.49 5.98 6.79
CA GLN A 50 2.54 6.30 5.74
C GLN A 50 3.26 6.50 4.41
N GLY A 51 2.68 5.96 3.36
CA GLY A 51 3.23 6.09 2.03
C GLY A 51 2.49 5.28 1.00
N PHE A 52 2.99 5.29 -0.21
CA PHE A 52 2.34 4.60 -1.31
C PHE A 52 2.92 3.23 -1.64
N VAL A 53 2.04 2.36 -2.13
CA VAL A 53 2.39 1.02 -2.55
C VAL A 53 1.62 0.69 -3.82
N PRO A 54 2.07 -0.31 -4.59
CA PRO A 54 1.38 -0.72 -5.81
C PRO A 54 -0.03 -1.21 -5.51
N ALA A 55 -1.01 -0.68 -6.24
CA ALA A 55 -2.40 -1.07 -6.06
C ALA A 55 -2.61 -2.53 -6.46
N ALA A 56 -1.72 -3.02 -7.32
CA ALA A 56 -1.78 -4.41 -7.77
C ALA A 56 -1.17 -5.33 -6.72
N TYR A 57 -0.66 -4.74 -5.65
CA TYR A 57 -0.03 -5.51 -4.57
C TYR A 57 -0.91 -5.52 -3.34
N VAL A 58 -2.08 -4.93 -3.47
CA VAL A 58 -2.99 -4.84 -2.36
C VAL A 58 -4.43 -5.12 -2.81
N LYS A 59 -5.24 -5.66 -1.92
CA LYS A 59 -6.64 -5.99 -2.22
C LYS A 59 -7.57 -5.51 -1.11
N LYS A 60 -8.72 -4.96 -1.49
CA LYS A 60 -9.73 -4.48 -0.54
C LYS A 60 -10.19 -5.64 0.35
N LEU A 61 -10.02 -5.50 1.66
CA LEU A 61 -10.47 -6.54 2.58
C LEU A 61 -11.96 -6.39 2.84
N ASP A 62 -12.47 -5.21 2.53
CA ASP A 62 -13.88 -4.89 2.71
C ASP A 62 -14.58 -4.88 1.36
C ACE B 1 2.97 10.68 -4.02
O ACE B 1 3.57 9.61 -3.92
CH3 ACE B 1 3.40 11.87 -3.19
H1 ACE B 1 2.59 12.59 -3.18
H2 ACE B 1 4.27 12.31 -3.62
H3 ACE B 1 3.62 11.53 -2.18
N ALA B 2 1.96 10.88 -4.85
CA ALA B 2 1.46 9.82 -5.70
C ALA B 2 2.30 9.67 -6.95
N PRO B 3 2.95 8.50 -7.12
CA PRO B 3 3.79 8.23 -8.29
C PRO B 3 2.95 8.18 -9.57
N SER B 4 3.45 8.83 -10.62
CA SER B 4 2.75 8.87 -11.89
C SER B 4 3.39 7.95 -12.92
N TYR B 5 3.61 6.70 -12.55
CA TYR B 5 4.22 5.72 -13.44
C TYR B 5 3.77 4.32 -13.05
N SER B 6 4.03 3.36 -13.92
CA SER B 6 3.66 1.98 -13.65
C SER B 6 4.56 1.35 -12.58
N PRO B 7 3.98 0.57 -11.66
CA PRO B 7 4.72 -0.09 -10.58
C PRO B 7 5.43 -1.36 -11.04
N PRO B 8 6.33 -1.91 -10.21
CA PRO B 8 7.07 -3.13 -10.52
C PRO B 8 6.14 -4.34 -10.67
N PRO B 9 6.36 -5.15 -11.71
CA PRO B 9 5.54 -6.33 -11.98
C PRO B 9 5.58 -7.34 -10.85
N PRO B 10 4.40 -7.78 -10.37
CA PRO B 10 4.29 -8.75 -9.29
C PRO B 10 5.06 -10.05 -9.56
N PRO B 11 5.66 -10.62 -8.52
CA PRO B 11 6.42 -11.86 -8.63
C PRO B 11 5.57 -13.02 -9.13
N MET A 1 -1.15 7.94 10.86
CA MET A 1 -1.58 8.17 12.25
C MET A 1 -2.89 7.44 12.55
N ASP A 2 -2.93 6.16 12.21
CA ASP A 2 -4.12 5.36 12.46
C ASP A 2 -3.71 4.02 13.05
N GLU A 3 -4.69 3.24 13.46
CA GLU A 3 -4.43 1.92 14.04
C GLU A 3 -5.09 0.84 13.19
N THR A 4 -4.98 1.01 11.87
CA THR A 4 -5.56 0.06 10.92
C THR A 4 -7.07 -0.11 11.19
N GLY A 5 -7.76 1.03 11.37
CA GLY A 5 -9.19 0.98 11.64
C GLY A 5 -10.01 1.81 10.66
N LYS A 6 -10.22 1.26 9.48
CA LYS A 6 -10.98 1.88 8.39
C LYS A 6 -10.82 1.02 7.15
N GLU A 7 -10.76 1.66 6.01
CA GLU A 7 -10.56 0.96 4.74
C GLU A 7 -9.30 0.11 4.86
N LEU A 8 -9.42 -1.18 4.63
CA LEU A 8 -8.26 -2.05 4.75
C LEU A 8 -7.97 -2.83 3.49
N VAL A 9 -6.73 -3.27 3.41
CA VAL A 9 -6.26 -4.02 2.26
C VAL A 9 -5.30 -5.11 2.69
N LEU A 10 -5.17 -6.10 1.83
CA LEU A 10 -4.28 -7.22 2.08
C LEU A 10 -3.10 -7.17 1.13
N ALA A 11 -1.90 -7.36 1.67
CA ALA A 11 -0.70 -7.34 0.84
C ALA A 11 -0.49 -8.68 0.15
N LEU A 12 -0.72 -8.71 -1.15
CA LEU A 12 -0.57 -9.93 -1.94
C LEU A 12 0.89 -10.35 -2.08
N TYR A 13 1.78 -9.39 -2.17
CA TYR A 13 3.20 -9.69 -2.32
C TYR A 13 4.05 -8.73 -1.51
N ASP A 14 5.34 -9.02 -1.44
CA ASP A 14 6.28 -8.19 -0.73
C ASP A 14 6.67 -7.03 -1.62
N TYR A 15 6.86 -5.89 -1.01
CA TYR A 15 7.23 -4.69 -1.73
C TYR A 15 8.16 -3.83 -0.89
N GLN A 16 9.14 -3.20 -1.53
CA GLN A 16 10.08 -2.34 -0.82
C GLN A 16 9.96 -0.91 -1.35
N GLU A 17 10.00 0.04 -0.43
CA GLU A 17 9.89 1.46 -0.78
C GLU A 17 11.07 1.89 -1.66
N LYS A 18 10.82 2.87 -2.53
CA LYS A 18 11.86 3.38 -3.40
C LYS A 18 12.26 4.79 -2.96
N SER A 19 11.25 5.61 -2.69
CA SER A 19 11.46 6.97 -2.24
C SER A 19 10.72 7.19 -0.93
N PRO A 20 10.95 8.34 -0.25
CA PRO A 20 10.28 8.66 1.02
C PRO A 20 8.76 8.64 0.94
N ALA A 21 8.23 8.66 -0.27
CA ALA A 21 6.78 8.64 -0.46
C ALA A 21 6.23 7.22 -0.46
N GLU A 22 7.11 6.24 -0.63
CA GLU A 22 6.68 4.84 -0.65
C GLU A 22 6.97 4.18 0.69
N VAL A 23 6.23 3.13 1.02
CA VAL A 23 6.43 2.40 2.27
C VAL A 23 6.64 0.92 1.97
N THR A 24 7.38 0.24 2.85
CA THR A 24 7.67 -1.17 2.68
C THR A 24 6.58 -2.05 3.31
N MET A 25 6.17 -3.08 2.58
CA MET A 25 5.14 -4.00 3.04
C MET A 25 5.54 -5.44 2.75
N LYS A 26 4.92 -6.39 3.46
CA LYS A 26 5.22 -7.80 3.28
C LYS A 26 3.93 -8.58 3.04
N LYS A 27 4.06 -9.72 2.36
CA LYS A 27 2.91 -10.58 2.08
C LYS A 27 2.28 -11.05 3.39
N GLY A 28 0.99 -10.83 3.53
CA GLY A 28 0.30 -11.26 4.74
C GLY A 28 0.07 -10.11 5.71
N ASP A 29 0.48 -8.90 5.31
CA ASP A 29 0.32 -7.72 6.15
C ASP A 29 -0.98 -7.01 5.81
N ILE A 30 -1.66 -6.50 6.83
CA ILE A 30 -2.90 -5.78 6.64
C ILE A 30 -2.61 -4.28 6.65
N LEU A 31 -2.85 -3.63 5.53
CA LEU A 31 -2.57 -2.22 5.38
C LEU A 31 -3.83 -1.37 5.53
N THR A 32 -3.66 -0.18 6.07
CA THR A 32 -4.74 0.77 6.23
C THR A 32 -4.81 1.68 5.02
N LEU A 33 -5.94 1.69 4.32
CA LEU A 33 -6.11 2.52 3.13
C LEU A 33 -6.33 3.97 3.52
N LEU A 34 -5.43 4.83 3.08
CA LEU A 34 -5.52 6.26 3.35
C LEU A 34 -6.04 6.98 2.13
N ASN A 35 -5.57 6.59 0.95
CA ASN A 35 -5.98 7.20 -0.30
C ASN A 35 -5.83 6.19 -1.43
N SER A 36 -6.90 5.98 -2.18
CA SER A 36 -6.88 5.04 -3.28
C SER A 36 -7.48 5.67 -4.54
N THR A 37 -7.24 6.97 -4.73
CA THR A 37 -7.76 7.68 -5.90
C THR A 37 -6.94 7.34 -7.14
N ASN A 38 -5.84 6.63 -6.95
CA ASN A 38 -4.95 6.23 -8.04
C ASN A 38 -5.23 4.77 -8.36
N LYS A 39 -5.02 4.34 -9.59
CA LYS A 39 -5.29 2.95 -9.96
C LYS A 39 -4.03 2.09 -9.96
N ASP A 40 -2.88 2.71 -9.80
CA ASP A 40 -1.62 1.96 -9.80
C ASP A 40 -0.92 2.04 -8.46
N TRP A 41 -1.17 3.11 -7.72
CA TRP A 41 -0.54 3.33 -6.43
C TRP A 41 -1.58 3.69 -5.37
N TRP A 42 -1.51 3.02 -4.23
CA TRP A 42 -2.44 3.29 -3.14
C TRP A 42 -1.66 3.72 -1.89
N LYS A 43 -2.13 4.77 -1.24
CA LYS A 43 -1.46 5.25 -0.03
C LYS A 43 -2.01 4.52 1.18
N VAL A 44 -1.14 3.84 1.89
CA VAL A 44 -1.52 3.07 3.06
C VAL A 44 -0.55 3.30 4.22
N GLU A 45 -0.91 2.82 5.39
CA GLU A 45 -0.05 2.96 6.55
C GLU A 45 0.28 1.60 7.15
N VAL A 46 1.57 1.32 7.26
CA VAL A 46 2.04 0.07 7.84
C VAL A 46 2.65 0.37 9.18
N ASN A 47 2.06 -0.18 10.24
CA ASN A 47 2.52 -0.03 11.62
C ASN A 47 2.47 1.41 12.11
N ASP A 48 3.15 2.26 11.40
CA ASP A 48 3.23 3.69 11.71
C ASP A 48 3.76 4.49 10.52
N ARG A 49 4.17 3.81 9.48
CA ARG A 49 4.72 4.48 8.31
C ARG A 49 3.66 4.68 7.25
N GLN A 50 3.49 5.93 6.85
CA GLN A 50 2.52 6.31 5.83
C GLN A 50 3.21 6.49 4.49
N GLY A 51 2.68 5.85 3.47
CA GLY A 51 3.25 5.97 2.15
C GLY A 51 2.50 5.19 1.11
N PHE A 52 3.04 5.19 -0.09
CA PHE A 52 2.40 4.54 -1.22
C PHE A 52 2.96 3.16 -1.53
N VAL A 53 2.06 2.31 -1.99
CA VAL A 53 2.38 0.96 -2.40
C VAL A 53 1.62 0.66 -3.69
N PRO A 54 2.08 -0.31 -4.47
CA PRO A 54 1.41 -0.71 -5.71
C PRO A 54 0.00 -1.23 -5.45
N ALA A 55 -0.98 -0.65 -6.11
CA ALA A 55 -2.36 -1.09 -5.96
C ALA A 55 -2.50 -2.53 -6.43
N ALA A 56 -1.62 -2.92 -7.35
CA ALA A 56 -1.60 -4.27 -7.89
C ALA A 56 -1.04 -5.27 -6.89
N TYR A 57 -0.50 -4.74 -5.80
CA TYR A 57 0.09 -5.57 -4.74
C TYR A 57 -0.82 -5.65 -3.55
N VAL A 58 -1.96 -4.98 -3.64
CA VAL A 58 -2.90 -4.92 -2.54
C VAL A 58 -4.32 -5.18 -3.02
N LYS A 59 -5.14 -5.77 -2.15
CA LYS A 59 -6.53 -6.08 -2.49
C LYS A 59 -7.47 -5.67 -1.36
N LYS A 60 -8.63 -5.14 -1.73
CA LYS A 60 -9.64 -4.74 -0.75
C LYS A 60 -10.06 -5.94 0.08
N LEU A 61 -9.93 -5.83 1.38
CA LEU A 61 -10.28 -6.92 2.27
C LEU A 61 -11.80 -7.04 2.41
N ASP A 62 -12.49 -5.94 2.15
CA ASP A 62 -13.94 -5.90 2.25
C ASP A 62 -14.49 -4.97 1.19
C ACE B 1 2.85 10.51 -4.43
O ACE B 1 3.51 9.46 -4.45
CH3 ACE B 1 3.23 11.63 -3.50
H1 ACE B 1 4.28 11.53 -3.26
H2 ACE B 1 2.65 11.56 -2.60
H3 ACE B 1 3.03 12.57 -4.00
N ALA B 2 1.79 10.71 -5.19
CA ALA B 2 1.31 9.70 -6.12
C ALA B 2 2.14 9.73 -7.40
N PRO B 3 2.87 8.65 -7.69
CA PRO B 3 3.69 8.53 -8.89
C PRO B 3 2.86 8.44 -10.16
N SER B 4 3.38 9.00 -11.25
CA SER B 4 2.70 9.00 -12.52
C SER B 4 3.24 7.91 -13.44
N TYR B 5 3.29 6.69 -12.92
CA TYR B 5 3.79 5.55 -13.69
C TYR B 5 3.33 4.25 -13.06
N SER B 6 3.42 3.17 -13.82
CA SER B 6 3.01 1.86 -13.32
C SER B 6 4.10 1.25 -12.44
N PRO B 7 3.71 0.64 -11.31
CA PRO B 7 4.64 0.00 -10.37
C PRO B 7 5.30 -1.25 -10.95
N PRO B 8 6.36 -1.76 -10.28
CA PRO B 8 7.08 -2.95 -10.73
C PRO B 8 6.16 -4.17 -10.86
N PRO B 9 6.38 -5.00 -11.90
CA PRO B 9 5.57 -6.19 -12.17
C PRO B 9 5.45 -7.12 -10.96
N PRO B 10 4.22 -7.45 -10.56
CA PRO B 10 3.93 -8.32 -9.41
C PRO B 10 4.57 -9.70 -9.55
N PRO B 11 5.33 -10.13 -8.53
CA PRO B 11 5.99 -11.44 -8.53
C PRO B 11 4.99 -12.60 -8.45
N MET A 1 -6.97 6.41 18.80
CA MET A 1 -5.64 5.77 18.86
C MET A 1 -5.64 4.48 18.04
N ASP A 2 -6.24 4.54 16.86
CA ASP A 2 -6.31 3.37 15.98
C ASP A 2 -6.00 3.77 14.54
N GLU A 3 -4.72 3.89 14.25
CA GLU A 3 -4.31 4.26 12.85
C GLU A 3 -4.75 3.21 11.84
N THR A 4 -5.11 2.02 12.31
CA THR A 4 -5.56 0.95 11.42
C THR A 4 -7.08 0.82 11.49
N GLY A 5 -7.73 1.87 11.98
CA GLY A 5 -9.17 1.88 12.08
C GLY A 5 -9.80 2.56 10.89
N LYS A 6 -9.43 2.10 9.70
CA LYS A 6 -9.91 2.64 8.46
C LYS A 6 -10.11 1.48 7.50
N GLU A 7 -10.27 1.78 6.21
CA GLU A 7 -10.46 0.76 5.19
C GLU A 7 -9.21 -0.10 5.11
N LEU A 8 -9.34 -1.40 5.33
CA LEU A 8 -8.19 -2.28 5.31
C LEU A 8 -7.99 -3.00 3.99
N VAL A 9 -6.73 -3.32 3.74
CA VAL A 9 -6.31 -4.03 2.54
C VAL A 9 -5.33 -5.13 2.89
N LEU A 10 -5.17 -6.08 2.00
CA LEU A 10 -4.27 -7.20 2.21
C LEU A 10 -3.12 -7.13 1.20
N ALA A 11 -1.90 -7.35 1.67
CA ALA A 11 -0.75 -7.32 0.79
C ALA A 11 -0.57 -8.68 0.10
N LEU A 12 -0.67 -8.68 -1.21
CA LEU A 12 -0.51 -9.90 -2.00
C LEU A 12 0.95 -10.28 -2.21
N TYR A 13 1.83 -9.29 -2.28
CA TYR A 13 3.24 -9.56 -2.52
C TYR A 13 4.14 -8.68 -1.67
N ASP A 14 5.42 -9.03 -1.64
CA ASP A 14 6.42 -8.29 -0.90
C ASP A 14 6.85 -7.07 -1.69
N TYR A 15 6.92 -5.94 -1.02
CA TYR A 15 7.31 -4.70 -1.67
C TYR A 15 8.24 -3.88 -0.80
N GLN A 16 9.14 -3.15 -1.44
CA GLN A 16 10.10 -2.29 -0.76
C GLN A 16 9.91 -0.86 -1.25
N GLU A 17 9.91 0.09 -0.32
CA GLU A 17 9.73 1.50 -0.66
C GLU A 17 10.88 2.00 -1.53
N LYS A 18 10.55 2.75 -2.58
CA LYS A 18 11.59 3.28 -3.47
C LYS A 18 11.78 4.79 -3.26
N SER A 19 10.68 5.50 -3.01
CA SER A 19 10.75 6.94 -2.82
C SER A 19 10.38 7.30 -1.38
N PRO A 20 10.61 8.57 -0.98
CA PRO A 20 10.28 9.03 0.38
C PRO A 20 8.76 9.04 0.62
N ALA A 21 8.01 8.81 -0.45
CA ALA A 21 6.56 8.78 -0.37
C ALA A 21 6.07 7.37 -0.54
N GLU A 22 6.96 6.42 -0.29
CA GLU A 22 6.64 5.02 -0.44
C GLU A 22 6.86 4.30 0.88
N VAL A 23 6.12 3.22 1.09
CA VAL A 23 6.27 2.44 2.30
C VAL A 23 6.46 0.97 1.96
N THR A 24 7.15 0.27 2.83
CA THR A 24 7.42 -1.14 2.65
C THR A 24 6.31 -2.02 3.22
N MET A 25 6.04 -3.12 2.53
CA MET A 25 5.00 -4.05 2.95
C MET A 25 5.45 -5.49 2.66
N LYS A 26 4.75 -6.45 3.24
CA LYS A 26 5.08 -7.86 3.05
C LYS A 26 3.82 -8.67 2.82
N LYS A 27 3.96 -9.78 2.10
CA LYS A 27 2.84 -10.67 1.81
C LYS A 27 2.25 -11.22 3.11
N GLY A 28 0.95 -10.99 3.30
CA GLY A 28 0.31 -11.45 4.51
C GLY A 28 0.06 -10.33 5.51
N ASP A 29 0.49 -9.13 5.15
CA ASP A 29 0.33 -7.97 6.02
C ASP A 29 -0.95 -7.25 5.70
N ILE A 30 -1.64 -6.81 6.74
CA ILE A 30 -2.88 -6.08 6.57
C ILE A 30 -2.56 -4.59 6.61
N LEU A 31 -2.71 -3.93 5.47
CA LEU A 31 -2.40 -2.52 5.35
C LEU A 31 -3.66 -1.69 5.53
N THR A 32 -3.48 -0.44 5.94
CA THR A 32 -4.59 0.47 6.10
C THR A 32 -4.64 1.42 4.92
N LEU A 33 -5.79 1.50 4.26
CA LEU A 33 -5.94 2.37 3.11
C LEU A 33 -6.16 3.81 3.54
N LEU A 34 -5.44 4.70 2.88
CA LEU A 34 -5.54 6.12 3.16
C LEU A 34 -6.09 6.85 1.94
N ASN A 35 -5.62 6.47 0.77
CA ASN A 35 -6.07 7.08 -0.47
C ASN A 35 -5.90 6.10 -1.63
N SER A 36 -6.97 5.85 -2.36
CA SER A 36 -6.93 4.94 -3.49
C SER A 36 -7.42 5.63 -4.75
N THR A 37 -7.16 6.93 -4.85
CA THR A 37 -7.58 7.71 -6.01
C THR A 37 -6.74 7.38 -7.24
N ASN A 38 -5.66 6.64 -7.03
CA ASN A 38 -4.78 6.24 -8.11
C ASN A 38 -5.06 4.77 -8.41
N LYS A 39 -4.92 4.38 -9.67
CA LYS A 39 -5.22 3.03 -10.09
C LYS A 39 -4.03 2.09 -9.92
N ASP A 40 -2.84 2.63 -10.03
CA ASP A 40 -1.63 1.81 -9.95
C ASP A 40 -0.92 1.94 -8.61
N TRP A 41 -1.20 3.02 -7.88
CA TRP A 41 -0.55 3.24 -6.59
C TRP A 41 -1.56 3.63 -5.53
N TRP A 42 -1.51 2.98 -4.37
CA TRP A 42 -2.44 3.27 -3.29
C TRP A 42 -1.67 3.73 -2.06
N LYS A 43 -2.19 4.74 -1.39
CA LYS A 43 -1.57 5.26 -0.18
C LYS A 43 -2.06 4.45 1.00
N VAL A 44 -1.14 3.82 1.70
CA VAL A 44 -1.49 3.00 2.84
C VAL A 44 -0.65 3.36 4.07
N GLU A 45 -1.01 2.74 5.19
CA GLU A 45 -0.34 2.96 6.47
C GLU A 45 0.05 1.64 7.12
N VAL A 46 1.32 1.49 7.45
CA VAL A 46 1.82 0.29 8.11
C VAL A 46 2.49 0.64 9.40
N ASN A 47 1.95 0.14 10.51
CA ASN A 47 2.46 0.33 11.88
C ASN A 47 2.53 1.79 12.31
N ASP A 48 3.22 2.57 11.54
CA ASP A 48 3.42 3.99 11.81
C ASP A 48 3.88 4.73 10.57
N ARG A 49 4.20 3.98 9.53
CA ARG A 49 4.70 4.55 8.29
C ARG A 49 3.59 4.71 7.27
N GLN A 50 3.46 5.92 6.75
CA GLN A 50 2.47 6.22 5.74
C GLN A 50 3.16 6.44 4.40
N GLY A 51 2.58 5.90 3.35
CA GLY A 51 3.16 6.06 2.02
C GLY A 51 2.43 5.26 0.97
N PHE A 52 2.98 5.26 -0.23
CA PHE A 52 2.36 4.58 -1.35
C PHE A 52 2.95 3.22 -1.65
N VAL A 53 2.08 2.35 -2.16
CA VAL A 53 2.44 1.00 -2.57
C VAL A 53 1.66 0.65 -3.84
N PRO A 54 2.14 -0.31 -4.63
CA PRO A 54 1.46 -0.75 -5.85
C PRO A 54 0.05 -1.24 -5.55
N ALA A 55 -0.94 -0.70 -6.25
CA ALA A 55 -2.33 -1.11 -6.05
C ALA A 55 -2.51 -2.57 -6.46
N ALA A 56 -1.60 -3.05 -7.31
CA ALA A 56 -1.63 -4.42 -7.78
C ALA A 56 -1.02 -5.35 -6.73
N TYR A 57 -0.56 -4.77 -5.64
CA TYR A 57 0.05 -5.54 -4.57
C TYR A 57 -0.85 -5.58 -3.35
N VAL A 58 -2.02 -5.00 -3.47
CA VAL A 58 -2.95 -4.93 -2.36
C VAL A 58 -4.38 -5.24 -2.82
N LYS A 59 -5.16 -5.81 -1.91
CA LYS A 59 -6.56 -6.17 -2.21
C LYS A 59 -7.50 -5.67 -1.12
N LYS A 60 -8.61 -5.07 -1.55
CA LYS A 60 -9.64 -4.58 -0.62
C LYS A 60 -10.14 -5.71 0.27
N LEU A 61 -10.01 -5.54 1.57
CA LEU A 61 -10.51 -6.55 2.51
C LEU A 61 -11.97 -6.26 2.85
N ASP A 62 -12.39 -5.05 2.54
CA ASP A 62 -13.73 -4.58 2.79
C ASP A 62 -14.51 -4.50 1.49
C ACE B 1 3.13 11.54 -4.81
O ACE B 1 3.05 12.18 -5.86
CH3 ACE B 1 3.95 12.06 -3.66
H1 ACE B 1 4.83 11.43 -3.54
H2 ACE B 1 3.36 12.04 -2.76
H3 ACE B 1 4.24 13.09 -3.87
N ALA B 2 2.52 10.38 -4.60
CA ALA B 2 1.67 9.73 -5.61
C ALA B 2 2.44 9.50 -6.91
N PRO B 3 3.20 8.40 -7.00
CA PRO B 3 3.99 8.05 -8.18
C PRO B 3 3.11 7.96 -9.43
N SER B 4 3.43 8.76 -10.43
CA SER B 4 2.68 8.76 -11.67
C SER B 4 3.40 7.95 -12.76
N TYR B 5 3.51 6.65 -12.52
CA TYR B 5 4.15 5.75 -13.47
C TYR B 5 3.77 4.32 -13.15
N SER B 6 4.10 3.41 -14.06
CA SER B 6 3.80 2.00 -13.88
C SER B 6 4.56 1.40 -12.70
N PRO B 7 3.85 0.67 -11.82
CA PRO B 7 4.45 0.04 -10.65
C PRO B 7 5.20 -1.24 -11.01
N PRO B 8 6.16 -1.65 -10.16
CA PRO B 8 6.95 -2.87 -10.37
C PRO B 8 6.07 -4.11 -10.54
N PRO B 9 6.24 -4.82 -11.67
CA PRO B 9 5.47 -6.03 -12.00
C PRO B 9 5.36 -7.00 -10.84
N PRO B 10 4.12 -7.37 -10.48
CA PRO B 10 3.86 -8.31 -9.37
C PRO B 10 4.50 -9.68 -9.61
N PRO B 11 5.21 -10.20 -8.60
CA PRO B 11 5.88 -11.49 -8.68
C PRO B 11 4.91 -12.65 -8.45
N MET A 1 -1.14 7.75 11.06
CA MET A 1 -1.70 7.91 12.42
C MET A 1 -3.07 7.24 12.50
N ASP A 2 -3.13 5.96 12.16
CA ASP A 2 -4.40 5.22 12.20
C ASP A 2 -4.19 3.89 12.90
N GLU A 3 -5.26 3.12 13.01
CA GLU A 3 -5.18 1.80 13.66
C GLU A 3 -6.10 0.82 12.96
N THR A 4 -5.92 0.67 11.65
CA THR A 4 -6.73 -0.24 10.81
C THR A 4 -8.23 -0.05 11.07
N GLY A 5 -8.63 1.19 11.34
CA GLY A 5 -10.03 1.47 11.63
C GLY A 5 -10.73 2.12 10.44
N LYS A 6 -10.71 1.43 9.31
CA LYS A 6 -11.33 1.90 8.07
C LYS A 6 -10.97 0.94 6.95
N GLU A 7 -10.94 1.45 5.74
CA GLU A 7 -10.62 0.67 4.56
C GLU A 7 -9.34 -0.14 4.78
N LEU A 8 -9.44 -1.45 4.66
CA LEU A 8 -8.28 -2.31 4.85
C LEU A 8 -7.97 -3.11 3.62
N VAL A 9 -6.69 -3.36 3.46
CA VAL A 9 -6.19 -4.13 2.33
C VAL A 9 -5.22 -5.20 2.77
N LEU A 10 -5.06 -6.20 1.93
CA LEU A 10 -4.15 -7.29 2.20
C LEU A 10 -2.95 -7.17 1.28
N ALA A 11 -1.76 -7.35 1.84
CA ALA A 11 -0.55 -7.29 1.04
C ALA A 11 -0.32 -8.63 0.33
N LEU A 12 -0.56 -8.65 -0.98
CA LEU A 12 -0.42 -9.85 -1.79
C LEU A 12 1.04 -10.27 -1.97
N TYR A 13 1.93 -9.31 -2.10
CA TYR A 13 3.34 -9.62 -2.31
C TYR A 13 4.22 -8.69 -1.48
N ASP A 14 5.51 -8.99 -1.43
CA ASP A 14 6.44 -8.18 -0.71
C ASP A 14 6.83 -6.99 -1.56
N TYR A 15 6.84 -5.83 -0.97
CA TYR A 15 7.20 -4.62 -1.67
C TYR A 15 8.10 -3.75 -0.80
N GLN A 16 9.08 -3.11 -1.43
CA GLN A 16 10.00 -2.25 -0.73
C GLN A 16 9.89 -0.85 -1.31
N GLU A 17 9.86 0.15 -0.43
CA GLU A 17 9.75 1.54 -0.86
C GLU A 17 10.94 1.96 -1.71
N LYS A 18 10.68 2.73 -2.76
CA LYS A 18 11.76 3.19 -3.62
C LYS A 18 12.01 4.68 -3.37
N SER A 19 10.92 5.44 -3.26
CA SER A 19 11.02 6.88 -3.03
C SER A 19 10.52 7.20 -1.62
N PRO A 20 10.76 8.44 -1.14
CA PRO A 20 10.31 8.88 0.19
C PRO A 20 8.79 8.90 0.34
N ALA A 21 8.08 8.68 -0.76
CA ALA A 21 6.62 8.68 -0.74
C ALA A 21 6.09 7.26 -0.76
N GLU A 22 6.97 6.30 -0.59
CA GLU A 22 6.59 4.90 -0.60
C GLU A 22 6.85 4.26 0.76
N VAL A 23 6.15 3.17 1.04
CA VAL A 23 6.34 2.45 2.29
C VAL A 23 6.54 0.97 2.01
N THR A 24 7.24 0.29 2.89
CA THR A 24 7.52 -1.13 2.73
C THR A 24 6.41 -1.98 3.35
N MET A 25 6.11 -3.10 2.69
CA MET A 25 5.08 -4.02 3.17
C MET A 25 5.48 -5.46 2.87
N LYS A 26 4.94 -6.39 3.63
CA LYS A 26 5.24 -7.80 3.43
C LYS A 26 3.96 -8.60 3.20
N LYS A 27 4.06 -9.64 2.38
CA LYS A 27 2.91 -10.49 2.08
C LYS A 27 2.33 -11.07 3.37
N GLY A 28 1.02 -10.89 3.54
CA GLY A 28 0.36 -11.40 4.75
C GLY A 28 0.04 -10.30 5.75
N ASP A 29 0.39 -9.08 5.41
CA ASP A 29 0.14 -7.95 6.28
C ASP A 29 -1.15 -7.23 5.90
N ILE A 30 -1.80 -6.65 6.88
CA ILE A 30 -3.03 -5.90 6.65
C ILE A 30 -2.73 -4.41 6.71
N LEU A 31 -2.89 -3.75 5.58
CA LEU A 31 -2.60 -2.32 5.48
C LEU A 31 -3.88 -1.51 5.56
N THR A 32 -3.76 -0.29 6.06
CA THR A 32 -4.90 0.60 6.16
C THR A 32 -4.89 1.57 4.98
N LEU A 33 -5.98 1.61 4.24
CA LEU A 33 -6.08 2.48 3.08
C LEU A 33 -6.25 3.93 3.49
N LEU A 34 -5.36 4.77 2.99
CA LEU A 34 -5.40 6.18 3.29
C LEU A 34 -5.91 6.95 2.07
N ASN A 35 -5.50 6.51 0.89
CA ASN A 35 -5.91 7.14 -0.36
C ASN A 35 -5.78 6.15 -1.54
N SER A 36 -6.85 6.01 -2.31
CA SER A 36 -6.86 5.11 -3.45
C SER A 36 -7.36 5.83 -4.70
N THR A 37 -7.04 7.13 -4.80
CA THR A 37 -7.44 7.94 -5.95
C THR A 37 -6.65 7.55 -7.20
N ASN A 38 -5.65 6.71 -7.02
CA ASN A 38 -4.81 6.25 -8.11
C ASN A 38 -5.15 4.78 -8.38
N LYS A 39 -5.02 4.33 -9.61
CA LYS A 39 -5.36 2.94 -9.93
C LYS A 39 -4.12 2.03 -9.98
N ASP A 40 -2.95 2.62 -9.84
CA ASP A 40 -1.70 1.84 -9.88
C ASP A 40 -0.96 1.91 -8.55
N TRP A 41 -1.21 2.97 -7.80
CA TRP A 41 -0.54 3.20 -6.53
C TRP A 41 -1.56 3.58 -5.46
N TRP A 42 -1.51 2.91 -4.31
CA TRP A 42 -2.42 3.18 -3.22
C TRP A 42 -1.63 3.59 -1.98
N LYS A 43 -2.09 4.63 -1.28
CA LYS A 43 -1.41 5.08 -0.09
C LYS A 43 -1.98 4.35 1.12
N VAL A 44 -1.10 3.68 1.86
CA VAL A 44 -1.50 2.93 3.02
C VAL A 44 -0.56 3.21 4.19
N GLU A 45 -0.92 2.73 5.36
CA GLU A 45 -0.10 2.93 6.56
C GLU A 45 0.28 1.59 7.20
N VAL A 46 1.56 1.42 7.45
CA VAL A 46 2.07 0.21 8.10
C VAL A 46 2.71 0.60 9.39
N ASN A 47 2.19 0.07 10.51
CA ASN A 47 2.68 0.32 11.87
C ASN A 47 2.56 1.78 12.29
N ASP A 48 3.15 2.63 11.48
CA ASP A 48 3.14 4.07 11.70
C ASP A 48 3.62 4.80 10.45
N ARG A 49 4.16 4.05 9.51
CA ARG A 49 4.71 4.64 8.29
C ARG A 49 3.62 4.81 7.26
N GLN A 50 3.52 6.02 6.74
CA GLN A 50 2.52 6.33 5.73
C GLN A 50 3.19 6.53 4.38
N GLY A 51 2.61 5.94 3.35
CA GLY A 51 3.16 6.08 2.02
C GLY A 51 2.45 5.24 1.00
N PHE A 52 2.97 5.24 -0.20
CA PHE A 52 2.35 4.55 -1.31
C PHE A 52 2.95 3.18 -1.59
N VAL A 53 2.08 2.30 -2.07
CA VAL A 53 2.44 0.95 -2.47
C VAL A 53 1.67 0.61 -3.74
N PRO A 54 2.16 -0.34 -4.54
CA PRO A 54 1.49 -0.76 -5.76
C PRO A 54 0.08 -1.28 -5.47
N ALA A 55 -0.92 -0.72 -6.14
CA ALA A 55 -2.28 -1.16 -5.95
C ALA A 55 -2.41 -2.63 -6.36
N ALA A 56 -1.55 -3.03 -7.29
CA ALA A 56 -1.52 -4.41 -7.78
C ALA A 56 -0.91 -5.35 -6.74
N TYR A 57 -0.38 -4.76 -5.67
CA TYR A 57 0.23 -5.54 -4.60
C TYR A 57 -0.66 -5.59 -3.39
N VAL A 58 -1.82 -4.96 -3.50
CA VAL A 58 -2.75 -4.90 -2.40
C VAL A 58 -4.17 -5.15 -2.89
N LYS A 59 -5.01 -5.71 -2.03
CA LYS A 59 -6.39 -6.00 -2.42
C LYS A 59 -7.36 -5.72 -1.27
N LYS A 60 -8.51 -5.15 -1.61
CA LYS A 60 -9.57 -4.84 -0.65
C LYS A 60 -9.96 -6.10 0.12
N LEU A 61 -10.05 -6.00 1.43
CA LEU A 61 -10.42 -7.14 2.25
C LEU A 61 -11.93 -7.29 2.30
N ASP A 62 -12.63 -6.18 2.08
CA ASP A 62 -14.09 -6.18 2.11
C ASP A 62 -14.62 -4.97 1.35
C ACE B 1 2.50 11.12 -4.41
O ACE B 1 3.47 10.36 -4.38
CH3 ACE B 1 2.53 12.43 -3.69
H1 ACE B 1 1.92 12.35 -2.80
H2 ACE B 1 2.15 13.20 -4.33
H3 ACE B 1 3.57 12.66 -3.43
N ALA B 2 1.39 10.85 -5.08
CA ALA B 2 1.20 9.62 -5.83
C ALA B 2 2.20 9.50 -6.98
N PRO B 3 2.96 8.39 -7.02
CA PRO B 3 3.95 8.13 -8.06
C PRO B 3 3.30 8.10 -9.45
N SER B 4 3.75 8.99 -10.31
CA SER B 4 3.20 9.11 -11.66
C SER B 4 3.93 8.19 -12.65
N TYR B 5 4.02 6.92 -12.31
CA TYR B 5 4.68 5.94 -13.17
C TYR B 5 4.13 4.55 -12.90
N SER B 6 4.53 3.59 -13.72
CA SER B 6 4.06 2.22 -13.60
C SER B 6 4.73 1.49 -12.44
N PRO B 7 3.94 0.79 -11.61
CA PRO B 7 4.45 0.03 -10.48
C PRO B 7 5.14 -1.26 -10.93
N PRO B 8 6.07 -1.79 -10.13
CA PRO B 8 6.80 -3.02 -10.46
C PRO B 8 5.86 -4.20 -10.67
N PRO B 9 5.93 -4.84 -11.85
CA PRO B 9 5.08 -5.98 -12.21
C PRO B 9 5.03 -7.05 -11.11
N PRO B 10 3.82 -7.35 -10.62
CA PRO B 10 3.61 -8.35 -9.57
C PRO B 10 4.02 -9.75 -10.02
N PRO B 11 4.52 -10.57 -9.08
CA PRO B 11 4.94 -11.93 -9.36
C PRO B 11 3.74 -12.86 -9.59
N MET A 1 -6.64 6.55 18.99
CA MET A 1 -5.34 6.07 18.48
C MET A 1 -5.53 4.79 17.65
N ASP A 2 -6.37 4.87 16.62
CA ASP A 2 -6.62 3.70 15.77
C ASP A 2 -6.24 4.00 14.34
N GLU A 3 -4.95 4.18 14.11
CA GLU A 3 -4.43 4.46 12.73
C GLU A 3 -4.82 3.35 11.75
N THR A 4 -5.14 2.18 12.27
CA THR A 4 -5.52 1.05 11.42
C THR A 4 -7.04 0.83 11.45
N GLY A 5 -7.75 1.86 11.89
CA GLY A 5 -9.20 1.79 11.98
C GLY A 5 -9.84 2.45 10.78
N LYS A 6 -9.50 1.96 9.60
CA LYS A 6 -10.00 2.47 8.35
C LYS A 6 -10.19 1.28 7.40
N GLU A 7 -10.34 1.56 6.10
CA GLU A 7 -10.51 0.49 5.13
C GLU A 7 -9.21 -0.30 5.01
N LEU A 8 -9.26 -1.57 5.36
CA LEU A 8 -8.08 -2.41 5.32
C LEU A 8 -7.86 -3.09 3.98
N VAL A 9 -6.60 -3.34 3.70
CA VAL A 9 -6.17 -4.02 2.50
C VAL A 9 -5.18 -5.11 2.87
N LEU A 10 -5.01 -6.06 1.96
CA LEU A 10 -4.10 -7.16 2.18
C LEU A 10 -2.94 -7.08 1.22
N ALA A 11 -1.74 -7.30 1.72
CA ALA A 11 -0.55 -7.28 0.88
C ALA A 11 -0.38 -8.61 0.18
N LEU A 12 -0.60 -8.61 -1.12
CA LEU A 12 -0.48 -9.82 -1.92
C LEU A 12 0.97 -10.24 -2.12
N TYR A 13 1.87 -9.27 -2.26
CA TYR A 13 3.27 -9.58 -2.49
C TYR A 13 4.18 -8.68 -1.66
N ASP A 14 5.45 -9.04 -1.61
CA ASP A 14 6.44 -8.29 -0.87
C ASP A 14 6.85 -7.07 -1.68
N TYR A 15 6.94 -5.94 -1.02
CA TYR A 15 7.31 -4.70 -1.67
C TYR A 15 8.27 -3.90 -0.81
N GLN A 16 9.20 -3.21 -1.45
CA GLN A 16 10.18 -2.38 -0.78
C GLN A 16 10.00 -0.94 -1.24
N GLU A 17 9.95 -0.01 -0.30
CA GLU A 17 9.78 1.40 -0.63
C GLU A 17 10.96 1.91 -1.46
N LYS A 18 10.67 2.69 -2.50
CA LYS A 18 11.72 3.21 -3.37
C LYS A 18 11.91 4.71 -3.21
N SER A 19 10.93 5.40 -2.64
CA SER A 19 11.03 6.84 -2.48
C SER A 19 10.52 7.25 -1.09
N PRO A 20 10.71 8.52 -0.69
CA PRO A 20 10.25 9.04 0.60
C PRO A 20 8.73 9.05 0.75
N ALA A 21 8.04 8.77 -0.34
CA ALA A 21 6.59 8.74 -0.33
C ALA A 21 6.10 7.31 -0.55
N GLU A 22 6.95 6.38 -0.19
CA GLU A 22 6.65 4.96 -0.34
C GLU A 22 6.88 4.24 0.98
N VAL A 23 6.12 3.19 1.22
CA VAL A 23 6.27 2.41 2.45
C VAL A 23 6.44 0.95 2.12
N THR A 24 7.28 0.28 2.91
CA THR A 24 7.56 -1.12 2.71
C THR A 24 6.49 -2.01 3.34
N MET A 25 6.14 -3.08 2.64
CA MET A 25 5.13 -4.02 3.10
C MET A 25 5.60 -5.44 2.84
N LYS A 26 4.91 -6.42 3.42
CA LYS A 26 5.28 -7.82 3.25
C LYS A 26 4.04 -8.65 2.94
N LYS A 27 4.24 -9.74 2.21
CA LYS A 27 3.14 -10.63 1.86
C LYS A 27 2.48 -11.16 3.13
N GLY A 28 1.16 -11.03 3.20
CA GLY A 28 0.44 -11.52 4.38
C GLY A 28 0.18 -10.43 5.37
N ASP A 29 0.71 -9.24 5.10
CA ASP A 29 0.54 -8.10 5.98
C ASP A 29 -0.74 -7.36 5.66
N ILE A 30 -1.36 -6.81 6.68
CA ILE A 30 -2.59 -6.06 6.51
C ILE A 30 -2.29 -4.58 6.57
N LEU A 31 -2.58 -3.89 5.48
CA LEU A 31 -2.32 -2.48 5.35
C LEU A 31 -3.60 -1.68 5.53
N THR A 32 -3.47 -0.42 5.89
CA THR A 32 -4.60 0.45 6.07
C THR A 32 -4.68 1.43 4.90
N LEU A 33 -5.83 1.51 4.24
CA LEU A 33 -5.97 2.40 3.10
C LEU A 33 -6.21 3.83 3.54
N LEU A 34 -5.51 4.74 2.89
CA LEU A 34 -5.62 6.16 3.17
C LEU A 34 -6.18 6.88 1.96
N ASN A 35 -5.69 6.50 0.78
CA ASN A 35 -6.14 7.10 -0.48
C ASN A 35 -5.97 6.09 -1.61
N SER A 36 -6.96 6.00 -2.47
CA SER A 36 -6.92 5.06 -3.58
C SER A 36 -7.46 5.71 -4.86
N THR A 37 -7.17 6.98 -5.06
CA THR A 37 -7.63 7.70 -6.24
C THR A 37 -6.80 7.34 -7.47
N ASN A 38 -5.72 6.61 -7.24
CA ASN A 38 -4.83 6.17 -8.30
C ASN A 38 -5.09 4.69 -8.57
N LYS A 39 -4.94 4.27 -9.80
CA LYS A 39 -5.22 2.87 -10.15
C LYS A 39 -3.96 2.00 -10.12
N ASP A 40 -2.81 2.60 -9.91
CA ASP A 40 -1.56 1.84 -9.88
C ASP A 40 -0.85 1.94 -8.54
N TRP A 41 -1.11 3.01 -7.82
CA TRP A 41 -0.47 3.24 -6.53
C TRP A 41 -1.51 3.65 -5.49
N TRP A 42 -1.46 3.04 -4.32
CA TRP A 42 -2.40 3.35 -3.26
C TRP A 42 -1.66 3.84 -2.02
N LYS A 43 -2.20 4.87 -1.39
CA LYS A 43 -1.61 5.43 -0.17
C LYS A 43 -2.08 4.60 1.01
N VAL A 44 -1.16 3.95 1.69
CA VAL A 44 -1.51 3.12 2.83
C VAL A 44 -0.68 3.46 4.06
N GLU A 45 -1.09 2.87 5.18
CA GLU A 45 -0.42 3.08 6.45
C GLU A 45 -0.06 1.75 7.10
N VAL A 46 1.20 1.60 7.48
CA VAL A 46 1.68 0.39 8.15
C VAL A 46 2.25 0.76 9.49
N ASN A 47 1.60 0.29 10.54
CA ASN A 47 2.00 0.49 11.94
C ASN A 47 2.02 1.96 12.36
N ASP A 48 2.79 2.73 11.65
CA ASP A 48 2.95 4.16 11.91
C ASP A 48 3.51 4.88 10.68
N ARG A 49 3.93 4.12 9.68
CA ARG A 49 4.51 4.69 8.49
C ARG A 49 3.46 4.84 7.40
N GLN A 50 3.39 6.02 6.83
CA GLN A 50 2.45 6.30 5.76
C GLN A 50 3.19 6.48 4.45
N GLY A 51 2.60 5.99 3.38
CA GLY A 51 3.21 6.12 2.07
C GLY A 51 2.49 5.31 1.01
N PHE A 52 3.03 5.31 -0.18
CA PHE A 52 2.41 4.64 -1.30
C PHE A 52 2.99 3.27 -1.59
N VAL A 53 2.11 2.40 -2.09
CA VAL A 53 2.48 1.04 -2.48
C VAL A 53 1.72 0.67 -3.76
N PRO A 54 2.20 -0.33 -4.50
CA PRO A 54 1.53 -0.79 -5.72
C PRO A 54 0.10 -1.26 -5.44
N ALA A 55 -0.86 -0.70 -6.16
CA ALA A 55 -2.26 -1.07 -5.98
C ALA A 55 -2.46 -2.53 -6.39
N ALA A 56 -1.57 -3.01 -7.25
CA ALA A 56 -1.64 -4.40 -7.71
C ALA A 56 -1.03 -5.34 -6.68
N TYR A 57 -0.47 -4.77 -5.63
CA TYR A 57 0.16 -5.55 -4.57
C TYR A 57 -0.72 -5.57 -3.34
N VAL A 58 -1.87 -4.95 -3.46
CA VAL A 58 -2.79 -4.85 -2.35
C VAL A 58 -4.22 -5.10 -2.82
N LYS A 59 -5.05 -5.68 -1.96
CA LYS A 59 -6.43 -5.96 -2.31
C LYS A 59 -7.36 -5.60 -1.17
N LYS A 60 -8.49 -5.00 -1.53
CA LYS A 60 -9.52 -4.59 -0.56
C LYS A 60 -9.96 -5.75 0.33
N LEU A 61 -9.80 -5.60 1.63
CA LEU A 61 -10.25 -6.61 2.58
C LEU A 61 -11.70 -6.33 2.97
N ASP A 62 -12.14 -5.13 2.64
CA ASP A 62 -13.49 -4.69 2.93
C ASP A 62 -14.36 -4.85 1.69
C ACE B 1 3.01 10.70 -4.17
O ACE B 1 3.66 9.65 -4.09
CH3 ACE B 1 3.38 11.90 -3.36
H1 ACE B 1 2.56 12.61 -3.39
H2 ACE B 1 4.26 12.35 -3.78
H3 ACE B 1 3.59 11.58 -2.34
N ALA B 2 1.97 10.82 -4.98
CA ALA B 2 1.51 9.73 -5.82
C ALA B 2 2.38 9.59 -7.05
N PRO B 3 3.07 8.44 -7.18
CA PRO B 3 3.95 8.17 -8.33
C PRO B 3 3.18 8.15 -9.65
N SER B 4 3.67 8.90 -10.62
CA SER B 4 3.03 8.98 -11.92
C SER B 4 3.70 8.05 -12.92
N TYR B 5 3.74 6.77 -12.58
CA TYR B 5 4.33 5.75 -13.44
C TYR B 5 3.82 4.37 -13.05
N SER B 6 4.05 3.39 -13.90
CA SER B 6 3.59 2.04 -13.66
C SER B 6 4.51 1.31 -12.67
N PRO B 7 3.93 0.69 -11.64
CA PRO B 7 4.68 -0.04 -10.61
C PRO B 7 5.24 -1.37 -11.14
N PRO B 8 6.18 -1.97 -10.39
CA PRO B 8 6.80 -3.25 -10.79
C PRO B 8 5.76 -4.36 -10.89
N PRO B 9 5.72 -5.06 -12.04
CA PRO B 9 4.76 -6.14 -12.30
C PRO B 9 4.71 -7.18 -11.17
N PRO B 10 3.49 -7.49 -10.69
CA PRO B 10 3.29 -8.46 -9.60
C PRO B 10 3.78 -9.85 -9.97
N PRO B 11 4.62 -10.44 -9.11
CA PRO B 11 5.15 -11.79 -9.34
C PRO B 11 4.08 -12.87 -9.19
N MET A 1 -7.86 6.95 18.82
CA MET A 1 -9.02 6.69 17.94
C MET A 1 -8.55 6.25 16.55
N ASP A 2 -7.34 5.70 16.46
CA ASP A 2 -6.81 5.25 15.18
C ASP A 2 -5.84 4.09 15.35
N GLU A 3 -6.36 2.87 15.23
CA GLU A 3 -5.55 1.66 15.35
C GLU A 3 -5.93 0.70 14.22
N THR A 4 -5.68 1.15 12.98
CA THR A 4 -5.99 0.39 11.76
C THR A 4 -7.47 -0.01 11.70
N GLY A 5 -8.33 0.84 12.29
CA GLY A 5 -9.75 0.57 12.29
C GLY A 5 -10.49 1.31 11.18
N LYS A 6 -9.86 1.41 10.03
CA LYS A 6 -10.43 2.07 8.88
C LYS A 6 -10.35 1.12 7.69
N GLU A 7 -10.46 1.67 6.48
CA GLU A 7 -10.40 0.89 5.25
C GLU A 7 -9.14 0.04 5.24
N LEU A 8 -9.31 -1.28 5.17
CA LEU A 8 -8.18 -2.18 5.19
C LEU A 8 -8.01 -2.92 3.87
N VAL A 9 -6.78 -3.33 3.63
CA VAL A 9 -6.41 -4.08 2.45
C VAL A 9 -5.43 -5.18 2.82
N LEU A 10 -5.25 -6.12 1.93
CA LEU A 10 -4.35 -7.24 2.14
C LEU A 10 -3.19 -7.15 1.17
N ALA A 11 -1.98 -7.35 1.66
CA ALA A 11 -0.80 -7.30 0.82
C ALA A 11 -0.56 -8.65 0.15
N LEU A 12 -0.71 -8.69 -1.16
CA LEU A 12 -0.54 -9.91 -1.94
C LEU A 12 0.92 -10.28 -2.13
N TYR A 13 1.77 -9.29 -2.33
CA TYR A 13 3.19 -9.54 -2.56
C TYR A 13 4.06 -8.65 -1.70
N ASP A 14 5.33 -9.01 -1.61
CA ASP A 14 6.29 -8.25 -0.85
C ASP A 14 6.77 -7.07 -1.66
N TYR A 15 6.71 -5.90 -1.08
CA TYR A 15 7.10 -4.69 -1.76
C TYR A 15 8.07 -3.86 -0.93
N GLN A 16 9.02 -3.23 -1.60
CA GLN A 16 10.01 -2.40 -0.93
C GLN A 16 9.90 -0.98 -1.49
N GLU A 17 9.87 -0.01 -0.58
CA GLU A 17 9.76 1.41 -0.96
C GLU A 17 10.90 1.82 -1.89
N LYS A 18 10.60 2.64 -2.89
CA LYS A 18 11.63 3.11 -3.80
C LYS A 18 11.90 4.59 -3.58
N SER A 19 10.84 5.36 -3.34
CA SER A 19 10.97 6.79 -3.10
C SER A 19 10.58 7.13 -1.66
N PRO A 20 10.89 8.35 -1.19
CA PRO A 20 10.54 8.80 0.17
C PRO A 20 9.03 8.85 0.39
N ALA A 21 8.25 8.65 -0.67
CA ALA A 21 6.80 8.67 -0.59
C ALA A 21 6.25 7.26 -0.64
N GLU A 22 7.14 6.30 -0.52
CA GLU A 22 6.74 4.90 -0.57
C GLU A 22 7.01 4.22 0.76
N VAL A 23 6.29 3.14 1.01
CA VAL A 23 6.46 2.39 2.25
C VAL A 23 6.67 0.92 1.94
N THR A 24 7.34 0.22 2.84
CA THR A 24 7.63 -1.19 2.66
C THR A 24 6.61 -2.06 3.37
N MET A 25 6.12 -3.07 2.66
CA MET A 25 5.13 -3.99 3.21
C MET A 25 5.45 -5.42 2.82
N LYS A 26 4.87 -6.38 3.53
CA LYS A 26 5.12 -7.79 3.25
C LYS A 26 3.83 -8.53 2.94
N LYS A 27 3.93 -9.60 2.17
CA LYS A 27 2.77 -10.42 1.81
C LYS A 27 2.15 -11.03 3.06
N GLY A 28 0.84 -10.88 3.18
CA GLY A 28 0.15 -11.45 4.35
C GLY A 28 -0.12 -10.40 5.40
N ASP A 29 0.31 -9.18 5.14
CA ASP A 29 0.13 -8.08 6.07
C ASP A 29 -1.15 -7.34 5.74
N ILE A 30 -1.75 -6.76 6.76
CA ILE A 30 -2.98 -6.01 6.58
C ILE A 30 -2.65 -4.52 6.56
N LEU A 31 -2.78 -3.94 5.39
CA LEU A 31 -2.49 -2.54 5.19
C LEU A 31 -3.74 -1.70 5.38
N THR A 32 -3.56 -0.47 5.78
CA THR A 32 -4.67 0.45 5.96
C THR A 32 -4.71 1.44 4.81
N LEU A 33 -5.86 1.54 4.15
CA LEU A 33 -6.00 2.45 3.02
C LEU A 33 -6.20 3.88 3.48
N LEU A 34 -5.37 4.76 2.95
CA LEU A 34 -5.44 6.17 3.27
C LEU A 34 -5.96 6.97 2.08
N ASN A 35 -5.52 6.60 0.88
CA ASN A 35 -5.94 7.26 -0.35
C ASN A 35 -5.81 6.30 -1.52
N SER A 36 -6.93 6.01 -2.16
CA SER A 36 -6.94 5.11 -3.30
C SER A 36 -7.52 5.81 -4.53
N THR A 37 -7.24 7.11 -4.67
CA THR A 37 -7.73 7.87 -5.80
C THR A 37 -6.97 7.51 -7.08
N ASN A 38 -5.87 6.79 -6.90
CA ASN A 38 -5.04 6.34 -7.99
C ASN A 38 -5.33 4.86 -8.21
N LYS A 39 -5.22 4.38 -9.43
CA LYS A 39 -5.50 2.97 -9.70
C LYS A 39 -4.23 2.12 -9.78
N ASP A 40 -3.07 2.77 -9.80
CA ASP A 40 -1.82 2.03 -9.88
C ASP A 40 -1.08 2.08 -8.56
N TRP A 41 -1.28 3.16 -7.82
CA TRP A 41 -0.62 3.34 -6.54
C TRP A 41 -1.62 3.72 -5.46
N TRP A 42 -1.54 3.06 -4.32
CA TRP A 42 -2.44 3.33 -3.22
C TRP A 42 -1.67 3.78 -2.00
N LYS A 43 -2.13 4.86 -1.39
CA LYS A 43 -1.50 5.38 -0.19
C LYS A 43 -2.01 4.58 0.99
N VAL A 44 -1.12 3.85 1.63
CA VAL A 44 -1.51 3.01 2.75
C VAL A 44 -0.65 3.29 3.97
N GLU A 45 -1.04 2.67 5.06
CA GLU A 45 -0.37 2.81 6.34
C GLU A 45 0.08 1.45 6.88
N VAL A 46 1.35 1.37 7.25
CA VAL A 46 1.91 0.16 7.83
C VAL A 46 2.67 0.52 9.07
N ASN A 47 2.12 0.14 10.20
CA ASN A 47 2.70 0.40 11.49
C ASN A 47 3.45 1.69 11.58
N ASP A 48 2.66 2.62 11.98
CA ASP A 48 3.04 4.04 12.16
C ASP A 48 3.58 4.70 10.86
N ARG A 49 3.83 3.92 9.81
CA ARG A 49 4.38 4.48 8.57
C ARG A 49 3.27 4.72 7.56
N GLN A 50 3.39 5.76 6.77
CA GLN A 50 2.40 6.10 5.77
C GLN A 50 3.07 6.41 4.44
N GLY A 51 2.63 5.72 3.40
CA GLY A 51 3.21 5.93 2.09
C GLY A 51 2.51 5.16 1.00
N PHE A 52 3.06 5.18 -0.18
CA PHE A 52 2.44 4.54 -1.33
C PHE A 52 3.00 3.16 -1.64
N VAL A 53 2.12 2.32 -2.14
CA VAL A 53 2.44 0.97 -2.58
C VAL A 53 1.63 0.66 -3.82
N PRO A 54 2.08 -0.29 -4.65
CA PRO A 54 1.35 -0.70 -5.86
C PRO A 54 -0.04 -1.22 -5.53
N ALA A 55 -1.05 -0.65 -6.15
CA ALA A 55 -2.43 -1.08 -5.94
C ALA A 55 -2.60 -2.54 -6.34
N ALA A 56 -1.81 -2.96 -7.33
CA ALA A 56 -1.85 -4.32 -7.83
C ALA A 56 -1.23 -5.30 -6.83
N TYR A 57 -0.71 -4.76 -5.74
CA TYR A 57 -0.08 -5.58 -4.70
C TYR A 57 -0.98 -5.64 -3.48
N VAL A 58 -2.15 -5.05 -3.59
CA VAL A 58 -3.07 -5.00 -2.47
C VAL A 58 -4.49 -5.34 -2.90
N LYS A 59 -5.22 -6.02 -2.02
CA LYS A 59 -6.60 -6.42 -2.28
C LYS A 59 -7.50 -5.87 -1.18
N LYS A 60 -8.66 -5.34 -1.57
CA LYS A 60 -9.61 -4.79 -0.61
C LYS A 60 -10.16 -5.85 0.31
N LEU A 61 -10.21 -5.53 1.59
CA LEU A 61 -10.75 -6.46 2.57
C LEU A 61 -12.25 -6.22 2.77
N ASP A 62 -12.68 -4.98 2.55
CA ASP A 62 -14.09 -4.64 2.69
C ASP A 62 -14.70 -4.36 1.32
C ACE B 1 3.00 10.85 -4.06
O ACE B 1 3.53 9.77 -3.79
CH3 ACE B 1 3.39 12.10 -3.34
H1 ACE B 1 2.80 12.20 -2.44
H2 ACE B 1 3.21 12.95 -3.97
H3 ACE B 1 4.45 12.06 -3.10
N ALA B 2 2.07 10.98 -4.99
CA ALA B 2 1.59 9.82 -5.75
C ALA B 2 2.45 9.60 -6.99
N PRO B 3 3.12 8.44 -7.04
CA PRO B 3 3.99 8.07 -8.17
C PRO B 3 3.19 7.97 -9.47
N SER B 4 3.51 8.83 -10.41
CA SER B 4 2.82 8.83 -11.69
C SER B 4 3.58 8.01 -12.72
N TYR B 5 3.65 6.71 -12.49
CA TYR B 5 4.33 5.80 -13.39
C TYR B 5 3.91 4.37 -13.10
N SER B 6 4.13 3.49 -14.05
CA SER B 6 3.75 2.09 -13.93
C SER B 6 4.48 1.41 -12.77
N PRO B 7 3.72 0.75 -11.88
CA PRO B 7 4.29 0.04 -10.72
C PRO B 7 5.06 -1.21 -11.15
N PRO B 8 5.98 -1.68 -10.30
CA PRO B 8 6.81 -2.86 -10.59
C PRO B 8 5.97 -4.14 -10.71
N PRO B 9 6.31 -5.00 -11.69
CA PRO B 9 5.60 -6.26 -11.91
C PRO B 9 5.65 -7.18 -10.69
N PRO B 10 4.49 -7.76 -10.31
CA PRO B 10 4.39 -8.66 -9.15
C PRO B 10 5.45 -9.75 -9.14
N PRO B 11 6.21 -9.85 -8.05
CA PRO B 11 7.26 -10.84 -7.88
C PRO B 11 6.73 -12.12 -7.28
N MET A 1 -7.48 6.21 19.25
CA MET A 1 -6.16 6.45 18.60
C MET A 1 -5.76 5.27 17.72
N ASP A 2 -6.71 4.76 16.93
CA ASP A 2 -6.43 3.64 16.04
C ASP A 2 -6.47 4.09 14.59
N GLU A 3 -5.31 4.49 14.06
CA GLU A 3 -5.25 4.94 12.64
C GLU A 3 -5.53 3.77 11.68
N THR A 4 -5.69 2.56 12.21
CA THR A 4 -5.97 1.40 11.36
C THR A 4 -7.48 1.13 11.32
N GLY A 5 -8.24 2.11 11.77
CA GLY A 5 -9.69 2.00 11.80
C GLY A 5 -10.32 2.57 10.55
N LYS A 6 -9.90 2.04 9.41
CA LYS A 6 -10.40 2.48 8.12
C LYS A 6 -10.55 1.25 7.23
N GLU A 7 -10.65 1.48 5.92
CA GLU A 7 -10.76 0.40 4.97
C GLU A 7 -9.43 -0.32 4.89
N LEU A 8 -9.42 -1.59 5.24
CA LEU A 8 -8.20 -2.36 5.22
C LEU A 8 -7.97 -3.09 3.92
N VAL A 9 -6.71 -3.32 3.64
CA VAL A 9 -6.28 -4.05 2.45
C VAL A 9 -5.29 -5.13 2.83
N LEU A 10 -5.17 -6.12 1.98
CA LEU A 10 -4.26 -7.23 2.20
C LEU A 10 -3.08 -7.12 1.25
N ALA A 11 -1.88 -7.36 1.76
CA ALA A 11 -0.69 -7.30 0.93
C ALA A 11 -0.46 -8.63 0.23
N LEU A 12 -0.62 -8.64 -1.09
CA LEU A 12 -0.44 -9.85 -1.88
C LEU A 12 1.02 -10.23 -2.07
N TYR A 13 1.89 -9.24 -2.14
CA TYR A 13 3.32 -9.52 -2.35
C TYR A 13 4.19 -8.61 -1.50
N ASP A 14 5.46 -8.96 -1.41
CA ASP A 14 6.44 -8.18 -0.68
C ASP A 14 6.83 -6.99 -1.53
N TYR A 15 6.89 -5.84 -0.92
CA TYR A 15 7.24 -4.62 -1.62
C TYR A 15 8.22 -3.78 -0.82
N GLN A 16 9.16 -3.17 -1.53
CA GLN A 16 10.17 -2.32 -0.91
C GLN A 16 10.04 -0.90 -1.46
N GLU A 17 9.93 0.07 -0.58
CA GLU A 17 9.79 1.48 -0.99
C GLU A 17 10.98 1.92 -1.84
N LYS A 18 10.71 2.68 -2.88
CA LYS A 18 11.76 3.17 -3.77
C LYS A 18 12.03 4.65 -3.51
N SER A 19 10.96 5.39 -3.26
CA SER A 19 11.08 6.81 -2.97
C SER A 19 10.51 7.10 -1.59
N PRO A 20 10.79 8.29 -1.03
CA PRO A 20 10.28 8.69 0.30
C PRO A 20 8.75 8.73 0.37
N ALA A 21 8.10 8.60 -0.78
CA ALA A 21 6.65 8.61 -0.84
C ALA A 21 6.09 7.20 -0.88
N GLU A 22 6.96 6.23 -0.70
CA GLU A 22 6.55 4.83 -0.72
C GLU A 22 6.80 4.19 0.64
N VAL A 23 6.07 3.12 0.91
CA VAL A 23 6.25 2.39 2.15
C VAL A 23 6.44 0.90 1.86
N THR A 24 7.19 0.24 2.72
CA THR A 24 7.49 -1.16 2.55
C THR A 24 6.40 -2.03 3.19
N MET A 25 5.98 -3.06 2.46
CA MET A 25 4.97 -3.99 2.94
C MET A 25 5.44 -5.43 2.75
N LYS A 26 4.81 -6.34 3.47
CA LYS A 26 5.16 -7.75 3.38
C LYS A 26 3.92 -8.58 3.10
N LYS A 27 4.09 -9.67 2.39
CA LYS A 27 2.98 -10.56 2.05
C LYS A 27 2.35 -11.12 3.32
N GLY A 28 1.04 -10.96 3.44
CA GLY A 28 0.34 -11.46 4.62
C GLY A 28 0.08 -10.36 5.62
N ASP A 29 0.50 -9.15 5.29
CA ASP A 29 0.31 -8.01 6.18
C ASP A 29 -0.98 -7.28 5.85
N ILE A 30 -1.58 -6.68 6.86
CA ILE A 30 -2.80 -5.95 6.69
C ILE A 30 -2.49 -4.45 6.68
N LEU A 31 -2.76 -3.83 5.54
CA LEU A 31 -2.50 -2.41 5.36
C LEU A 31 -3.78 -1.60 5.51
N THR A 32 -3.64 -0.35 5.90
CA THR A 32 -4.79 0.54 6.06
C THR A 32 -4.84 1.50 4.88
N LEU A 33 -5.97 1.54 4.18
CA LEU A 33 -6.11 2.42 3.02
C LEU A 33 -6.36 3.85 3.46
N LEU A 34 -5.57 4.76 2.91
CA LEU A 34 -5.68 6.16 3.22
C LEU A 34 -6.20 6.93 2.01
N ASN A 35 -5.73 6.55 0.83
CA ASN A 35 -6.12 7.20 -0.41
C ASN A 35 -5.94 6.23 -1.58
N SER A 36 -6.97 6.09 -2.41
CA SER A 36 -6.91 5.19 -3.55
C SER A 36 -7.40 5.87 -4.82
N THR A 37 -7.13 7.18 -4.93
CA THR A 37 -7.56 7.94 -6.10
C THR A 37 -6.72 7.55 -7.33
N ASN A 38 -5.62 6.85 -7.07
CA ASN A 38 -4.72 6.39 -8.13
C ASN A 38 -5.06 4.94 -8.43
N LYS A 39 -4.99 4.56 -9.68
CA LYS A 39 -5.32 3.24 -10.11
C LYS A 39 -4.17 2.25 -9.92
N ASP A 40 -2.94 2.73 -9.95
CA ASP A 40 -1.79 1.83 -9.83
C ASP A 40 -1.06 1.98 -8.51
N TRP A 41 -1.30 3.09 -7.83
CA TRP A 41 -0.64 3.35 -6.55
C TRP A 41 -1.65 3.72 -5.47
N TRP A 42 -1.58 3.04 -4.34
CA TRP A 42 -2.50 3.30 -3.25
C TRP A 42 -1.75 3.76 -2.01
N LYS A 43 -2.26 4.81 -1.37
CA LYS A 43 -1.65 5.34 -0.16
C LYS A 43 -2.14 4.55 1.04
N VAL A 44 -1.23 3.91 1.74
CA VAL A 44 -1.58 3.09 2.89
C VAL A 44 -0.65 3.39 4.07
N GLU A 45 -0.97 2.77 5.20
CA GLU A 45 -0.18 2.93 6.41
C GLU A 45 0.15 1.57 7.03
N VAL A 46 1.42 1.36 7.35
CA VAL A 46 1.88 0.12 7.98
C VAL A 46 2.52 0.44 9.30
N ASN A 47 1.92 -0.08 10.37
CA ASN A 47 2.39 0.09 11.76
C ASN A 47 2.37 1.55 12.21
N ASP A 48 3.08 2.37 11.46
CA ASP A 48 3.19 3.80 11.72
C ASP A 48 3.73 4.54 10.50
N ARG A 49 4.16 3.77 9.51
CA ARG A 49 4.73 4.33 8.29
C ARG A 49 3.64 4.60 7.27
N GLN A 50 3.60 5.80 6.73
CA GLN A 50 2.59 6.16 5.75
C GLN A 50 3.24 6.42 4.39
N GLY A 51 2.63 5.89 3.35
CA GLY A 51 3.15 6.08 2.00
C GLY A 51 2.39 5.29 0.97
N PHE A 52 2.94 5.25 -0.24
CA PHE A 52 2.28 4.59 -1.35
C PHE A 52 2.85 3.22 -1.66
N VAL A 53 1.97 2.35 -2.15
CA VAL A 53 2.33 1.01 -2.57
C VAL A 53 1.56 0.66 -3.84
N PRO A 54 2.04 -0.32 -4.61
CA PRO A 54 1.36 -0.77 -5.82
C PRO A 54 -0.04 -1.29 -5.51
N ALA A 55 -1.03 -0.75 -6.19
CA ALA A 55 -2.42 -1.16 -5.98
C ALA A 55 -2.60 -2.63 -6.36
N ALA A 56 -1.72 -3.12 -7.22
CA ALA A 56 -1.76 -4.51 -7.67
C ALA A 56 -1.14 -5.43 -6.62
N TYR A 57 -0.59 -4.83 -5.59
CA TYR A 57 0.04 -5.59 -4.50
C TYR A 57 -0.86 -5.61 -3.30
N VAL A 58 -2.05 -5.06 -3.46
CA VAL A 58 -2.99 -4.96 -2.37
C VAL A 58 -4.41 -5.34 -2.81
N LYS A 59 -5.20 -5.86 -1.88
CA LYS A 59 -6.57 -6.27 -2.16
C LYS A 59 -7.52 -5.76 -1.09
N LYS A 60 -8.66 -5.21 -1.52
CA LYS A 60 -9.68 -4.70 -0.60
C LYS A 60 -10.16 -5.79 0.34
N LEU A 61 -9.94 -5.61 1.64
CA LEU A 61 -10.41 -6.58 2.63
C LEU A 61 -11.84 -6.27 3.02
N ASP A 62 -12.28 -5.08 2.65
CA ASP A 62 -13.61 -4.61 2.96
C ASP A 62 -14.50 -4.72 1.72
C ACE B 1 3.17 11.49 -4.43
O ACE B 1 3.15 12.28 -5.37
CH3 ACE B 1 3.99 11.80 -3.21
H1 ACE B 1 3.74 12.79 -2.85
H2 ACE B 1 5.03 11.76 -3.46
H3 ACE B 1 3.78 11.05 -2.45
N ALA B 2 2.50 10.35 -4.41
CA ALA B 2 1.64 9.91 -5.51
C ALA B 2 2.44 9.72 -6.80
N PRO B 3 3.03 8.52 -6.99
CA PRO B 3 3.81 8.20 -8.17
C PRO B 3 2.96 8.14 -9.43
N SER B 4 3.40 8.79 -10.49
CA SER B 4 2.67 8.81 -11.75
C SER B 4 3.40 7.97 -12.80
N TYR B 5 3.75 6.75 -12.44
CA TYR B 5 4.43 5.85 -13.34
C TYR B 5 4.03 4.41 -13.05
N SER B 6 4.40 3.52 -13.95
CA SER B 6 4.06 2.10 -13.81
C SER B 6 4.74 1.46 -12.60
N PRO B 7 3.94 0.79 -11.75
CA PRO B 7 4.44 0.12 -10.55
C PRO B 7 5.24 -1.13 -10.92
N PRO B 8 6.05 -1.65 -9.97
CA PRO B 8 6.85 -2.85 -10.20
C PRO B 8 5.98 -4.08 -10.51
N PRO B 9 6.31 -4.81 -11.59
CA PRO B 9 5.57 -6.00 -12.01
C PRO B 9 5.43 -7.02 -10.88
N PRO B 10 4.18 -7.40 -10.55
CA PRO B 10 3.88 -8.36 -9.48
C PRO B 10 4.58 -9.70 -9.69
N PRO B 11 5.47 -10.09 -8.76
CA PRO B 11 6.21 -11.34 -8.82
C PRO B 11 5.40 -12.49 -8.24
N MET A 1 -7.57 6.16 18.77
CA MET A 1 -6.15 5.91 18.47
C MET A 1 -5.98 4.63 17.65
N ASP A 2 -6.91 4.39 16.74
CA ASP A 2 -6.86 3.21 15.88
C ASP A 2 -6.58 3.62 14.45
N GLU A 3 -5.31 3.86 14.15
CA GLU A 3 -4.91 4.27 12.76
C GLU A 3 -5.29 3.20 11.72
N THR A 4 -5.63 2.00 12.18
CA THR A 4 -6.01 0.93 11.27
C THR A 4 -7.54 0.80 11.22
N GLY A 5 -8.20 1.86 11.68
CA GLY A 5 -9.65 1.88 11.70
C GLY A 5 -10.21 2.55 10.45
N LYS A 6 -9.76 2.06 9.31
CA LYS A 6 -10.17 2.58 8.03
C LYS A 6 -10.33 1.40 7.08
N GLU A 7 -10.43 1.65 5.79
CA GLU A 7 -10.56 0.58 4.81
C GLU A 7 -9.30 -0.26 4.81
N LEU A 8 -9.43 -1.53 5.11
CA LEU A 8 -8.27 -2.41 5.18
C LEU A 8 -8.02 -3.16 3.88
N VAL A 9 -6.75 -3.37 3.63
CA VAL A 9 -6.29 -4.10 2.45
C VAL A 9 -5.30 -5.17 2.86
N LEU A 10 -5.15 -6.16 2.00
CA LEU A 10 -4.23 -7.25 2.24
C LEU A 10 -3.05 -7.14 1.29
N ALA A 11 -1.85 -7.31 1.81
CA ALA A 11 -0.66 -7.24 0.97
C ALA A 11 -0.40 -8.58 0.30
N LEU A 12 -0.57 -8.63 -1.01
CA LEU A 12 -0.38 -9.85 -1.78
C LEU A 12 1.08 -10.21 -1.97
N TYR A 13 1.94 -9.22 -2.14
CA TYR A 13 3.35 -9.47 -2.36
C TYR A 13 4.22 -8.55 -1.50
N ASP A 14 5.51 -8.85 -1.47
CA ASP A 14 6.47 -8.06 -0.74
C ASP A 14 6.86 -6.87 -1.60
N TYR A 15 6.89 -5.72 -1.01
CA TYR A 15 7.24 -4.52 -1.74
C TYR A 15 8.25 -3.69 -0.98
N GLN A 16 9.17 -3.07 -1.72
CA GLN A 16 10.20 -2.23 -1.15
C GLN A 16 9.98 -0.79 -1.56
N GLU A 17 9.87 0.09 -0.57
CA GLU A 17 9.66 1.52 -0.82
C GLU A 17 10.83 2.09 -1.60
N LYS A 18 10.54 2.91 -2.61
CA LYS A 18 11.60 3.52 -3.40
C LYS A 18 11.78 4.99 -3.05
N SER A 19 10.68 5.70 -2.83
CA SER A 19 10.76 7.11 -2.52
C SER A 19 10.34 7.37 -1.07
N PRO A 20 10.56 8.59 -0.55
CA PRO A 20 10.17 8.95 0.82
C PRO A 20 8.66 8.95 1.01
N ALA A 21 7.93 8.79 -0.10
CA ALA A 21 6.48 8.76 -0.07
C ALA A 21 6.00 7.36 -0.37
N GLU A 22 6.87 6.40 -0.12
CA GLU A 22 6.57 5.01 -0.35
C GLU A 22 6.77 4.24 0.94
N VAL A 23 6.07 3.12 1.10
CA VAL A 23 6.21 2.32 2.30
C VAL A 23 6.38 0.85 1.97
N THR A 24 7.34 0.23 2.65
CA THR A 24 7.62 -1.17 2.45
C THR A 24 6.56 -2.05 3.14
N MET A 25 6.01 -2.98 2.37
CA MET A 25 5.00 -3.90 2.88
C MET A 25 5.46 -5.33 2.67
N LYS A 26 4.78 -6.27 3.33
CA LYS A 26 5.12 -7.68 3.22
C LYS A 26 3.87 -8.51 3.02
N LYS A 27 3.99 -9.55 2.20
CA LYS A 27 2.86 -10.44 1.91
C LYS A 27 2.35 -11.07 3.21
N GLY A 28 1.05 -10.97 3.43
CA GLY A 28 0.46 -11.53 4.63
C GLY A 28 0.17 -10.47 5.66
N ASP A 29 0.56 -9.24 5.36
CA ASP A 29 0.33 -8.13 6.28
C ASP A 29 -0.91 -7.38 5.87
N ILE A 30 -1.56 -6.78 6.85
CA ILE A 30 -2.77 -6.02 6.60
C ILE A 30 -2.41 -4.54 6.58
N LEU A 31 -2.72 -3.89 5.47
CA LEU A 31 -2.44 -2.48 5.30
C LEU A 31 -3.71 -1.67 5.46
N THR A 32 -3.56 -0.43 5.87
CA THR A 32 -4.71 0.44 6.02
C THR A 32 -4.75 1.43 4.88
N LEU A 33 -5.86 1.46 4.16
CA LEU A 33 -6.01 2.36 3.03
C LEU A 33 -6.26 3.78 3.49
N LEU A 34 -5.49 4.70 2.95
CA LEU A 34 -5.61 6.12 3.28
C LEU A 34 -6.20 6.86 2.09
N ASN A 35 -5.76 6.47 0.90
CA ASN A 35 -6.23 7.08 -0.34
C ASN A 35 -6.02 6.13 -1.51
N SER A 36 -6.98 6.10 -2.42
CA SER A 36 -6.91 5.25 -3.58
C SER A 36 -7.33 6.01 -4.83
N THR A 37 -6.96 7.30 -4.90
CA THR A 37 -7.31 8.15 -6.04
C THR A 37 -6.47 7.77 -7.27
N ASN A 38 -5.48 6.92 -7.06
CA ASN A 38 -4.62 6.46 -8.12
C ASN A 38 -4.97 5.01 -8.42
N LYS A 39 -4.87 4.62 -9.68
CA LYS A 39 -5.22 3.30 -10.11
C LYS A 39 -4.05 2.32 -10.01
N ASP A 40 -2.83 2.83 -10.00
CA ASP A 40 -1.65 1.98 -9.94
C ASP A 40 -0.96 2.06 -8.59
N TRP A 41 -1.20 3.14 -7.87
CA TRP A 41 -0.59 3.36 -6.57
C TRP A 41 -1.62 3.74 -5.51
N TRP A 42 -1.57 3.06 -4.37
CA TRP A 42 -2.50 3.33 -3.29
C TRP A 42 -1.76 3.80 -2.04
N LYS A 43 -2.30 4.82 -1.39
CA LYS A 43 -1.69 5.37 -0.18
C LYS A 43 -2.15 4.53 1.01
N VAL A 44 -1.21 3.93 1.73
CA VAL A 44 -1.55 3.09 2.86
C VAL A 44 -0.67 3.40 4.07
N GLU A 45 -1.02 2.81 5.21
CA GLU A 45 -0.28 2.98 6.45
C GLU A 45 0.10 1.62 7.05
N VAL A 46 1.35 1.49 7.46
CA VAL A 46 1.84 0.25 8.07
C VAL A 46 2.52 0.56 9.38
N ASN A 47 1.97 0.03 10.46
CA ASN A 47 2.49 0.16 11.83
C ASN A 47 2.58 1.61 12.31
N ASP A 48 3.31 2.39 11.59
CA ASP A 48 3.52 3.80 11.91
C ASP A 48 3.98 4.59 10.68
N ARG A 49 4.30 3.89 9.61
CA ARG A 49 4.78 4.53 8.39
C ARG A 49 3.64 4.73 7.39
N GLN A 50 3.63 5.87 6.76
CA GLN A 50 2.62 6.19 5.76
C GLN A 50 3.29 6.40 4.41
N GLY A 51 2.65 5.91 3.36
CA GLY A 51 3.18 6.07 2.03
C GLY A 51 2.43 5.28 0.99
N PHE A 52 2.95 5.29 -0.22
CA PHE A 52 2.31 4.64 -1.34
C PHE A 52 2.89 3.27 -1.65
N VAL A 53 2.02 2.41 -2.17
CA VAL A 53 2.36 1.06 -2.59
C VAL A 53 1.60 0.72 -3.86
N PRO A 54 2.07 -0.26 -4.63
CA PRO A 54 1.40 -0.69 -5.85
C PRO A 54 -0.01 -1.20 -5.56
N ALA A 55 -1.00 -0.66 -6.25
CA ALA A 55 -2.39 -1.07 -6.05
C ALA A 55 -2.55 -2.54 -6.43
N ALA A 56 -1.70 -2.99 -7.35
CA ALA A 56 -1.73 -4.37 -7.83
C ALA A 56 -1.12 -5.31 -6.79
N TYR A 57 -0.60 -4.75 -5.72
CA TYR A 57 0.04 -5.54 -4.66
C TYR A 57 -0.86 -5.61 -3.45
N VAL A 58 -2.04 -5.04 -3.58
CA VAL A 58 -2.97 -4.99 -2.46
C VAL A 58 -4.39 -5.38 -2.91
N LYS A 59 -5.16 -5.95 -1.98
CA LYS A 59 -6.52 -6.37 -2.26
C LYS A 59 -7.45 -5.86 -1.15
N LYS A 60 -8.62 -5.34 -1.54
CA LYS A 60 -9.60 -4.84 -0.57
C LYS A 60 -10.08 -5.98 0.32
N LEU A 61 -10.08 -5.75 1.62
CA LEU A 61 -10.54 -6.76 2.57
C LEU A 61 -12.04 -6.59 2.84
N ASP A 62 -12.55 -5.42 2.52
CA ASP A 62 -13.96 -5.10 2.72
C ASP A 62 -14.75 -5.37 1.45
C ACE B 1 3.56 10.69 -4.21
O ACE B 1 4.14 9.62 -4.08
CH3 ACE B 1 4.03 11.92 -3.48
H1 ACE B 1 3.53 11.98 -2.52
H2 ACE B 1 3.79 12.80 -4.06
H3 ACE B 1 5.11 11.86 -3.36
N ALA B 2 2.49 10.85 -4.98
CA ALA B 2 1.93 9.75 -5.74
C ALA B 2 2.65 9.57 -7.07
N PRO B 3 3.32 8.43 -7.25
CA PRO B 3 4.06 8.12 -8.48
C PRO B 3 3.16 8.07 -9.71
N SER B 4 3.60 8.71 -10.78
CA SER B 4 2.83 8.75 -12.01
C SER B 4 3.41 7.79 -13.05
N TYR B 5 3.49 6.51 -12.69
CA TYR B 5 4.02 5.49 -13.59
C TYR B 5 3.55 4.11 -13.16
N SER B 6 3.83 3.11 -13.97
CA SER B 6 3.43 1.75 -13.67
C SER B 6 4.38 1.12 -12.65
N PRO B 7 3.82 0.53 -11.59
CA PRO B 7 4.62 -0.13 -10.54
C PRO B 7 5.24 -1.43 -11.03
N PRO B 8 6.30 -1.91 -10.35
CA PRO B 8 6.99 -3.15 -10.71
C PRO B 8 6.02 -4.32 -10.81
N PRO B 9 6.09 -5.09 -11.91
CA PRO B 9 5.22 -6.25 -12.15
C PRO B 9 5.18 -7.21 -10.96
N PRO B 10 3.97 -7.55 -10.50
CA PRO B 10 3.77 -8.46 -9.36
C PRO B 10 4.35 -9.85 -9.61
N PRO B 11 5.12 -10.37 -8.65
CA PRO B 11 5.72 -11.70 -8.75
C PRO B 11 4.70 -12.81 -8.57
N MET A 1 -1.09 7.45 10.95
CA MET A 1 -1.66 7.90 12.23
C MET A 1 -3.00 7.23 12.49
N ASP A 2 -3.07 5.94 12.23
CA ASP A 2 -4.30 5.18 12.43
C ASP A 2 -3.97 3.83 13.04
N GLU A 3 -4.94 2.95 13.10
CA GLU A 3 -4.75 1.61 13.66
C GLU A 3 -5.65 0.60 12.94
N THR A 4 -5.49 0.51 11.62
CA THR A 4 -6.28 -0.40 10.79
C THR A 4 -7.77 -0.31 11.11
N GLY A 5 -8.26 0.89 11.40
CA GLY A 5 -9.66 1.06 11.73
C GLY A 5 -10.41 1.82 10.64
N LYS A 6 -10.46 1.21 9.46
CA LYS A 6 -11.14 1.79 8.29
C LYS A 6 -10.87 0.91 7.08
N GLU A 7 -10.79 1.54 5.93
CA GLU A 7 -10.50 0.84 4.69
C GLU A 7 -9.25 0.00 4.83
N LEU A 8 -9.39 -1.31 4.71
CA LEU A 8 -8.26 -2.20 4.85
C LEU A 8 -7.97 -2.96 3.58
N VAL A 9 -6.72 -3.31 3.44
CA VAL A 9 -6.25 -4.04 2.28
C VAL A 9 -5.31 -5.15 2.69
N LEU A 10 -5.17 -6.12 1.82
CA LEU A 10 -4.29 -7.24 2.06
C LEU A 10 -3.07 -7.15 1.15
N ALA A 11 -1.89 -7.32 1.72
CA ALA A 11 -0.67 -7.26 0.94
C ALA A 11 -0.44 -8.60 0.23
N LEU A 12 -0.67 -8.63 -1.08
CA LEU A 12 -0.52 -9.83 -1.89
C LEU A 12 0.93 -10.24 -2.03
N TYR A 13 1.84 -9.29 -2.12
CA TYR A 13 3.25 -9.59 -2.28
C TYR A 13 4.10 -8.66 -1.46
N ASP A 14 5.38 -8.99 -1.35
CA ASP A 14 6.33 -8.18 -0.63
C ASP A 14 6.80 -7.05 -1.52
N TYR A 15 6.81 -5.87 -0.96
CA TYR A 15 7.21 -4.68 -1.70
C TYR A 15 8.20 -3.86 -0.89
N GLN A 16 9.17 -3.26 -1.56
CA GLN A 16 10.17 -2.44 -0.90
C GLN A 16 10.06 -1.01 -1.36
N GLU A 17 10.01 -0.08 -0.41
CA GLU A 17 9.90 1.34 -0.73
C GLU A 17 11.13 1.80 -1.52
N LYS A 18 10.90 2.74 -2.44
CA LYS A 18 12.00 3.25 -3.26
C LYS A 18 12.29 4.71 -2.91
N SER A 19 11.24 5.49 -2.73
CA SER A 19 11.39 6.90 -2.40
C SER A 19 10.64 7.20 -1.11
N PRO A 20 10.85 8.40 -0.51
CA PRO A 20 10.18 8.81 0.73
C PRO A 20 8.65 8.81 0.64
N ALA A 21 8.12 8.67 -0.57
CA ALA A 21 6.68 8.65 -0.77
C ALA A 21 6.18 7.21 -0.84
N GLU A 22 7.07 6.28 -0.60
CA GLU A 22 6.72 4.87 -0.63
C GLU A 22 6.97 4.22 0.72
N VAL A 23 6.28 3.11 0.99
CA VAL A 23 6.46 2.38 2.24
C VAL A 23 6.60 0.89 1.95
N THR A 24 7.33 0.20 2.80
CA THR A 24 7.57 -1.23 2.62
C THR A 24 6.49 -2.07 3.30
N MET A 25 6.04 -3.10 2.60
CA MET A 25 5.02 -4.00 3.11
C MET A 25 5.45 -5.46 2.91
N LYS A 26 4.77 -6.37 3.59
CA LYS A 26 5.09 -7.79 3.49
C LYS A 26 3.83 -8.59 3.20
N LYS A 27 3.97 -9.70 2.48
CA LYS A 27 2.85 -10.56 2.15
C LYS A 27 2.18 -11.08 3.42
N GLY A 28 0.86 -10.97 3.49
CA GLY A 28 0.13 -11.46 4.65
C GLY A 28 -0.11 -10.37 5.67
N ASP A 29 0.28 -9.15 5.35
CA ASP A 29 0.11 -8.03 6.24
C ASP A 29 -1.11 -7.22 5.87
N ILE A 30 -1.86 -6.78 6.87
CA ILE A 30 -3.04 -5.97 6.64
C ILE A 30 -2.65 -4.49 6.69
N LEU A 31 -2.89 -3.81 5.59
CA LEU A 31 -2.56 -2.39 5.47
C LEU A 31 -3.80 -1.53 5.60
N THR A 32 -3.61 -0.32 6.10
CA THR A 32 -4.70 0.63 6.24
C THR A 32 -4.72 1.56 5.04
N LEU A 33 -5.84 1.59 4.34
CA LEU A 33 -5.97 2.44 3.16
C LEU A 33 -6.18 3.89 3.57
N LEU A 34 -5.32 4.76 3.08
CA LEU A 34 -5.42 6.18 3.36
C LEU A 34 -5.97 6.91 2.16
N ASN A 35 -5.54 6.47 0.98
CA ASN A 35 -5.98 7.07 -0.28
C ASN A 35 -5.83 6.06 -1.41
N SER A 36 -6.83 6.00 -2.28
CA SER A 36 -6.80 5.06 -3.40
C SER A 36 -7.38 5.70 -4.66
N THR A 37 -7.25 7.02 -4.79
CA THR A 37 -7.77 7.73 -5.95
C THR A 37 -6.94 7.40 -7.20
N ASN A 38 -5.80 6.76 -7.00
CA ASN A 38 -4.91 6.36 -8.08
C ASN A 38 -5.23 4.90 -8.43
N LYS A 39 -5.01 4.51 -9.68
CA LYS A 39 -5.32 3.15 -10.10
C LYS A 39 -4.09 2.23 -10.09
N ASP A 40 -2.92 2.78 -9.85
CA ASP A 40 -1.71 1.95 -9.84
C ASP A 40 -0.95 2.05 -8.51
N TRP A 41 -1.17 3.13 -7.78
CA TRP A 41 -0.49 3.35 -6.50
C TRP A 41 -1.48 3.74 -5.43
N TRP A 42 -1.45 3.04 -4.30
CA TRP A 42 -2.36 3.33 -3.20
C TRP A 42 -1.57 3.74 -1.96
N LYS A 43 -2.07 4.75 -1.27
CA LYS A 43 -1.40 5.22 -0.07
C LYS A 43 -1.95 4.47 1.13
N VAL A 44 -1.08 3.80 1.86
CA VAL A 44 -1.46 3.01 3.01
C VAL A 44 -0.55 3.29 4.20
N GLU A 45 -0.94 2.78 5.35
CA GLU A 45 -0.16 2.95 6.57
C GLU A 45 0.23 1.60 7.16
N VAL A 46 1.52 1.43 7.43
CA VAL A 46 2.02 0.21 8.03
C VAL A 46 2.67 0.51 9.34
N ASN A 47 2.09 -0.02 10.42
CA ASN A 47 2.55 0.12 11.80
C ASN A 47 2.61 1.57 12.28
N ASP A 48 3.33 2.38 11.55
CA ASP A 48 3.50 3.79 11.86
C ASP A 48 3.99 4.57 10.64
N ARG A 49 4.34 3.87 9.57
CA ARG A 49 4.84 4.50 8.37
C ARG A 49 3.74 4.66 7.34
N GLN A 50 3.59 5.87 6.84
CA GLN A 50 2.58 6.16 5.82
C GLN A 50 3.25 6.41 4.48
N GLY A 51 2.68 5.87 3.42
CA GLY A 51 3.23 6.07 2.10
C GLY A 51 2.52 5.27 1.05
N PHE A 52 3.06 5.26 -0.15
CA PHE A 52 2.43 4.58 -1.27
C PHE A 52 3.02 3.22 -1.57
N VAL A 53 2.15 2.35 -2.06
CA VAL A 53 2.49 1.00 -2.47
C VAL A 53 1.73 0.68 -3.75
N PRO A 54 2.22 -0.27 -4.55
CA PRO A 54 1.54 -0.68 -5.77
C PRO A 54 0.14 -1.20 -5.49
N ALA A 55 -0.85 -0.61 -6.13
CA ALA A 55 -2.23 -1.04 -5.94
C ALA A 55 -2.38 -2.49 -6.38
N ALA A 56 -1.55 -2.90 -7.33
CA ALA A 56 -1.56 -4.26 -7.84
C ALA A 56 -0.97 -5.24 -6.82
N TYR A 57 -0.43 -4.70 -5.75
CA TYR A 57 0.16 -5.54 -4.69
C TYR A 57 -0.76 -5.59 -3.49
N VAL A 58 -1.90 -4.94 -3.61
CA VAL A 58 -2.85 -4.88 -2.53
C VAL A 58 -4.28 -5.16 -3.04
N LYS A 59 -5.11 -5.71 -2.17
CA LYS A 59 -6.49 -6.02 -2.53
C LYS A 59 -7.44 -5.61 -1.40
N LYS A 60 -8.58 -5.05 -1.80
CA LYS A 60 -9.63 -4.63 -0.85
C LYS A 60 -10.09 -5.83 -0.04
N LEU A 61 -10.12 -5.69 1.27
CA LEU A 61 -10.55 -6.78 2.14
C LEU A 61 -12.08 -6.85 2.17
N ASP A 62 -12.69 -5.72 1.85
CA ASP A 62 -14.14 -5.62 1.82
C ASP A 62 -14.57 -4.67 0.72
C ACE B 1 2.41 11.47 -5.10
O ACE B 1 2.25 12.16 -6.11
CH3 ACE B 1 3.23 11.99 -3.95
H1 ACE B 1 4.13 12.45 -4.34
H2 ACE B 1 3.50 11.17 -3.31
H3 ACE B 1 2.63 12.70 -3.39
N ALA B 2 1.88 10.25 -4.94
CA ALA B 2 1.06 9.60 -5.97
C ALA B 2 1.83 9.49 -7.28
N PRO B 3 2.69 8.46 -7.40
CA PRO B 3 3.48 8.23 -8.61
C PRO B 3 2.63 8.20 -9.88
N SER B 4 3.10 8.89 -10.92
CA SER B 4 2.39 8.96 -12.19
C SER B 4 2.92 7.93 -13.17
N TYR B 5 3.61 6.93 -12.66
CA TYR B 5 4.19 5.90 -13.50
C TYR B 5 3.67 4.54 -13.05
N SER B 6 3.80 3.55 -13.92
CA SER B 6 3.33 2.22 -13.63
C SER B 6 4.22 1.55 -12.58
N PRO B 7 3.63 0.70 -11.72
CA PRO B 7 4.36 0.00 -10.67
C PRO B 7 5.05 -1.25 -11.20
N PRO B 8 6.03 -1.79 -10.46
CA PRO B 8 6.74 -3.00 -10.85
C PRO B 8 5.82 -4.22 -10.90
N PRO B 9 5.97 -5.06 -11.93
CA PRO B 9 5.15 -6.27 -12.11
C PRO B 9 5.19 -7.18 -10.89
N PRO B 10 4.02 -7.72 -10.49
CA PRO B 10 3.91 -8.61 -9.33
C PRO B 10 4.81 -9.84 -9.44
N PRO B 11 5.56 -10.15 -8.38
CA PRO B 11 6.45 -11.31 -8.37
C PRO B 11 5.67 -12.62 -8.28
N MET A 1 -6.77 6.29 18.71
CA MET A 1 -5.49 5.55 18.71
C MET A 1 -5.60 4.29 17.85
N ASP A 2 -6.57 4.28 16.95
CA ASP A 2 -6.78 3.13 16.06
C ASP A 2 -6.52 3.51 14.62
N GLU A 3 -5.27 3.82 14.33
CA GLU A 3 -4.88 4.20 12.93
C GLU A 3 -5.22 3.11 11.93
N THR A 4 -5.44 1.89 12.40
CA THR A 4 -5.77 0.79 11.50
C THR A 4 -7.27 0.49 11.52
N GLY A 5 -8.03 1.45 12.05
CA GLY A 5 -9.47 1.30 12.12
C GLY A 5 -10.13 2.01 10.96
N LYS A 6 -9.67 1.70 9.76
CA LYS A 6 -10.16 2.31 8.56
C LYS A 6 -10.32 1.25 7.47
N GLU A 7 -10.37 1.68 6.23
CA GLU A 7 -10.50 0.77 5.10
C GLU A 7 -9.23 -0.08 5.02
N LEU A 8 -9.37 -1.38 5.20
CA LEU A 8 -8.21 -2.25 5.19
C LEU A 8 -8.00 -2.96 3.86
N VAL A 9 -6.74 -3.29 3.63
CA VAL A 9 -6.32 -3.99 2.44
C VAL A 9 -5.35 -5.10 2.80
N LEU A 10 -5.24 -6.07 1.92
CA LEU A 10 -4.34 -7.19 2.13
C LEU A 10 -3.16 -7.08 1.18
N ALA A 11 -1.96 -7.31 1.69
CA ALA A 11 -0.77 -7.24 0.86
C ALA A 11 -0.52 -8.58 0.18
N LEU A 12 -0.70 -8.62 -1.13
CA LEU A 12 -0.53 -9.83 -1.91
C LEU A 12 0.92 -10.22 -2.09
N TYR A 13 1.81 -9.24 -2.24
CA TYR A 13 3.22 -9.53 -2.45
C TYR A 13 4.09 -8.62 -1.59
N ASP A 14 5.37 -8.94 -1.54
CA ASP A 14 6.33 -8.16 -0.79
C ASP A 14 6.77 -6.98 -1.63
N TYR A 15 6.83 -5.83 -1.00
CA TYR A 15 7.21 -4.62 -1.70
C TYR A 15 8.23 -3.83 -0.89
N GLN A 16 9.17 -3.22 -1.60
CA GLN A 16 10.22 -2.41 -0.99
C GLN A 16 10.05 -0.97 -1.46
N GLU A 17 10.03 -0.02 -0.54
CA GLU A 17 9.89 1.38 -0.88
C GLU A 17 11.06 1.86 -1.72
N LYS A 18 10.79 2.71 -2.70
CA LYS A 18 11.84 3.23 -3.55
C LYS A 18 12.10 4.70 -3.23
N SER A 19 11.03 5.46 -3.07
CA SER A 19 11.12 6.88 -2.76
C SER A 19 10.61 7.15 -1.35
N PRO A 20 10.86 8.36 -0.81
CA PRO A 20 10.40 8.77 0.53
C PRO A 20 8.88 8.83 0.64
N ALA A 21 8.19 8.62 -0.48
CA ALA A 21 6.74 8.64 -0.50
C ALA A 21 6.19 7.23 -0.56
N GLU A 22 7.07 6.25 -0.43
CA GLU A 22 6.66 4.85 -0.49
C GLU A 22 6.90 4.18 0.85
N VAL A 23 6.15 3.11 1.11
CA VAL A 23 6.31 2.35 2.34
C VAL A 23 6.50 0.87 2.04
N THR A 24 7.38 0.24 2.78
CA THR A 24 7.67 -1.17 2.59
C THR A 24 6.62 -2.04 3.27
N MET A 25 6.07 -2.98 2.51
CA MET A 25 5.05 -3.89 3.01
C MET A 25 5.47 -5.34 2.80
N LYS A 26 4.75 -6.27 3.41
CA LYS A 26 5.05 -7.70 3.28
C LYS A 26 3.77 -8.48 2.98
N LYS A 27 3.90 -9.55 2.20
CA LYS A 27 2.76 -10.39 1.85
C LYS A 27 2.19 -11.03 3.12
N GLY A 28 0.87 -10.93 3.29
CA GLY A 28 0.24 -11.51 4.46
C GLY A 28 0.00 -10.47 5.53
N ASP A 29 0.36 -9.24 5.24
CA ASP A 29 0.19 -8.14 6.18
C ASP A 29 -1.08 -7.37 5.86
N ILE A 30 -1.70 -6.81 6.88
CA ILE A 30 -2.91 -6.04 6.70
C ILE A 30 -2.58 -4.56 6.70
N LEU A 31 -2.76 -3.94 5.54
CA LEU A 31 -2.46 -2.53 5.37
C LEU A 31 -3.72 -1.69 5.53
N THR A 32 -3.55 -0.45 5.93
CA THR A 32 -4.67 0.45 6.08
C THR A 32 -4.69 1.44 4.92
N LEU A 33 -5.82 1.51 4.22
CA LEU A 33 -5.95 2.41 3.08
C LEU A 33 -6.18 3.85 3.53
N LEU A 34 -5.45 4.75 2.92
CA LEU A 34 -5.55 6.17 3.24
C LEU A 34 -6.06 6.94 2.03
N ASN A 35 -5.61 6.56 0.84
CA ASN A 35 -6.02 7.21 -0.39
C ASN A 35 -5.83 6.26 -1.57
N SER A 36 -6.91 5.94 -2.26
CA SER A 36 -6.85 5.05 -3.40
C SER A 36 -7.42 5.72 -4.65
N THR A 37 -7.14 7.02 -4.80
CA THR A 37 -7.62 7.76 -5.94
C THR A 37 -6.77 7.48 -7.18
N ASN A 38 -5.65 6.80 -6.96
CA ASN A 38 -4.74 6.42 -8.03
C ASN A 38 -4.99 4.96 -8.37
N LYS A 39 -4.81 4.60 -9.63
CA LYS A 39 -5.06 3.25 -10.08
C LYS A 39 -3.84 2.35 -9.97
N ASP A 40 -2.66 2.94 -10.04
CA ASP A 40 -1.43 2.16 -9.97
C ASP A 40 -0.79 2.21 -8.60
N TRP A 41 -1.09 3.25 -7.85
CA TRP A 41 -0.50 3.42 -6.52
C TRP A 41 -1.54 3.77 -5.48
N TRP A 42 -1.49 3.09 -4.34
CA TRP A 42 -2.42 3.34 -3.26
C TRP A 42 -1.68 3.78 -2.01
N LYS A 43 -2.16 4.83 -1.37
CA LYS A 43 -1.55 5.33 -0.15
C LYS A 43 -2.07 4.51 1.03
N VAL A 44 -1.16 3.89 1.75
CA VAL A 44 -1.53 3.07 2.88
C VAL A 44 -0.68 3.40 4.11
N GLU A 45 -1.04 2.79 5.23
CA GLU A 45 -0.34 2.98 6.48
C GLU A 45 0.01 1.64 7.11
N VAL A 46 1.28 1.46 7.46
CA VAL A 46 1.72 0.23 8.09
C VAL A 46 2.32 0.54 9.43
N ASN A 47 1.67 0.06 10.48
CA ASN A 47 2.07 0.22 11.89
C ASN A 47 2.21 1.67 12.32
N ASP A 48 3.07 2.37 11.64
CA ASP A 48 3.35 3.78 11.94
C ASP A 48 3.88 4.53 10.71
N ARG A 49 4.19 3.79 9.65
CA ARG A 49 4.74 4.40 8.45
C ARG A 49 3.66 4.61 7.40
N GLN A 50 3.55 5.83 6.92
CA GLN A 50 2.57 6.16 5.90
C GLN A 50 3.27 6.38 4.56
N GLY A 51 2.65 5.88 3.50
CA GLY A 51 3.22 6.06 2.18
C GLY A 51 2.48 5.29 1.11
N PHE A 52 3.02 5.27 -0.08
CA PHE A 52 2.38 4.62 -1.21
C PHE A 52 2.96 3.25 -1.54
N VAL A 53 2.08 2.40 -2.06
CA VAL A 53 2.44 1.06 -2.49
C VAL A 53 1.68 0.74 -3.78
N PRO A 54 2.16 -0.23 -4.56
CA PRO A 54 1.49 -0.64 -5.80
C PRO A 54 0.08 -1.15 -5.52
N ALA A 55 -0.90 -0.60 -6.21
CA ALA A 55 -2.28 -1.00 -6.04
C ALA A 55 -2.46 -2.48 -6.38
N ALA A 56 -1.67 -2.95 -7.34
CA ALA A 56 -1.72 -4.35 -7.77
C ALA A 56 -1.13 -5.28 -6.72
N TYR A 57 -0.54 -4.70 -5.68
CA TYR A 57 0.07 -5.47 -4.62
C TYR A 57 -0.82 -5.52 -3.41
N VAL A 58 -1.98 -4.90 -3.53
CA VAL A 58 -2.91 -4.83 -2.42
C VAL A 58 -4.34 -5.11 -2.90
N LYS A 59 -5.16 -5.67 -2.01
CA LYS A 59 -6.55 -6.00 -2.34
C LYS A 59 -7.50 -5.56 -1.23
N LYS A 60 -8.65 -5.00 -1.63
CA LYS A 60 -9.67 -4.55 -0.67
C LYS A 60 -10.13 -5.72 0.20
N LEU A 61 -10.03 -5.55 1.51
CA LEU A 61 -10.45 -6.60 2.44
C LEU A 61 -11.95 -6.47 2.72
N ASP A 62 -12.48 -5.30 2.42
CA ASP A 62 -13.90 -5.03 2.63
C ASP A 62 -14.57 -4.74 1.30
C ACE B 1 2.92 10.80 -4.18
O ACE B 1 3.53 9.73 -4.15
CH3 ACE B 1 3.41 11.97 -3.38
H1 ACE B 1 3.87 12.68 -4.06
H2 ACE B 1 4.12 11.64 -2.65
H3 ACE B 1 2.55 12.42 -2.87
N ALA B 2 1.82 10.98 -4.90
CA ALA B 2 1.25 9.92 -5.72
C ALA B 2 1.99 9.82 -7.05
N PRO B 3 2.71 8.71 -7.27
CA PRO B 3 3.48 8.47 -8.50
C PRO B 3 2.56 8.32 -9.72
N SER B 4 3.04 8.79 -10.87
CA SER B 4 2.28 8.71 -12.10
C SER B 4 2.95 7.77 -13.10
N TYR B 5 3.05 6.50 -12.74
CA TYR B 5 3.67 5.50 -13.61
C TYR B 5 3.32 4.09 -13.11
N SER B 6 3.57 3.09 -13.94
CA SER B 6 3.26 1.73 -13.59
C SER B 6 4.35 1.13 -12.70
N PRO B 7 3.96 0.48 -11.60
CA PRO B 7 4.89 -0.14 -10.65
C PRO B 7 5.46 -1.46 -11.19
N PRO B 8 6.52 -1.98 -10.57
CA PRO B 8 7.15 -3.25 -10.99
C PRO B 8 6.15 -4.42 -10.95
N PRO B 9 6.09 -5.20 -12.04
CA PRO B 9 5.19 -6.36 -12.13
C PRO B 9 5.37 -7.33 -10.96
N PRO B 10 4.25 -7.74 -10.33
CA PRO B 10 4.26 -8.66 -9.19
C PRO B 10 5.08 -9.92 -9.46
N PRO B 11 5.99 -10.26 -8.53
CA PRO B 11 6.84 -11.45 -8.65
C PRO B 11 6.03 -12.74 -8.58
N MET A 1 -0.84 7.58 10.92
CA MET A 1 -1.21 7.84 12.32
C MET A 1 -2.56 7.19 12.63
N ASP A 2 -2.68 5.92 12.26
CA ASP A 2 -3.91 5.16 12.50
C ASP A 2 -3.59 3.80 13.09
N GLU A 3 -4.61 3.00 13.29
CA GLU A 3 -4.45 1.65 13.84
C GLU A 3 -5.44 0.71 13.16
N THR A 4 -5.33 0.65 11.82
CA THR A 4 -6.20 -0.20 10.99
C THR A 4 -7.69 0.04 11.30
N GLY A 5 -8.03 1.29 11.62
CA GLY A 5 -9.40 1.62 11.96
C GLY A 5 -10.14 2.27 10.81
N LYS A 6 -10.22 1.58 9.68
CA LYS A 6 -10.90 2.07 8.48
C LYS A 6 -10.65 1.10 7.33
N GLU A 7 -10.68 1.65 6.12
CA GLU A 7 -10.45 0.87 4.90
C GLU A 7 -9.16 0.06 5.02
N LEU A 8 -9.30 -1.25 4.98
CA LEU A 8 -8.15 -2.12 5.07
C LEU A 8 -7.91 -2.89 3.80
N VAL A 9 -6.67 -3.23 3.60
CA VAL A 9 -6.24 -3.97 2.43
C VAL A 9 -5.27 -5.08 2.80
N LEU A 10 -5.17 -6.05 1.92
CA LEU A 10 -4.29 -7.17 2.12
C LEU A 10 -3.14 -7.10 1.14
N ALA A 11 -1.92 -7.32 1.63
CA ALA A 11 -0.74 -7.28 0.79
C ALA A 11 -0.54 -8.63 0.10
N LEU A 12 -0.73 -8.67 -1.21
CA LEU A 12 -0.59 -9.89 -1.99
C LEU A 12 0.87 -10.31 -2.15
N TYR A 13 1.77 -9.35 -2.25
CA TYR A 13 3.19 -9.66 -2.43
C TYR A 13 4.06 -8.71 -1.62
N ASP A 14 5.36 -8.97 -1.61
CA ASP A 14 6.30 -8.13 -0.90
C ASP A 14 6.68 -6.97 -1.79
N TYR A 15 6.86 -5.82 -1.19
CA TYR A 15 7.23 -4.62 -1.92
C TYR A 15 8.15 -3.75 -1.08
N GLN A 16 9.12 -3.14 -1.74
CA GLN A 16 10.06 -2.26 -1.06
C GLN A 16 9.88 -0.84 -1.55
N GLU A 17 9.85 0.11 -0.62
CA GLU A 17 9.67 1.52 -0.94
C GLU A 17 10.82 2.06 -1.81
N LYS A 18 10.46 2.87 -2.80
CA LYS A 18 11.46 3.47 -3.67
C LYS A 18 11.69 4.94 -3.31
N SER A 19 10.61 5.67 -3.09
CA SER A 19 10.70 7.08 -2.77
C SER A 19 10.27 7.33 -1.31
N PRO A 20 10.54 8.53 -0.77
CA PRO A 20 10.16 8.89 0.60
C PRO A 20 8.65 8.92 0.79
N ALA A 21 7.93 8.79 -0.32
CA ALA A 21 6.48 8.78 -0.31
C ALA A 21 5.98 7.36 -0.53
N GLU A 22 6.88 6.41 -0.31
CA GLU A 22 6.57 5.01 -0.48
C GLU A 22 6.81 4.27 0.83
N VAL A 23 6.16 3.14 0.99
CA VAL A 23 6.33 2.33 2.19
C VAL A 23 6.48 0.86 1.84
N THR A 24 7.23 0.14 2.67
CA THR A 24 7.48 -1.27 2.46
C THR A 24 6.37 -2.15 3.03
N MET A 25 5.95 -3.15 2.26
CA MET A 25 4.90 -4.06 2.68
C MET A 25 5.31 -5.50 2.45
N LYS A 26 4.69 -6.43 3.16
CA LYS A 26 5.00 -7.84 3.03
C LYS A 26 3.73 -8.66 2.86
N LYS A 27 3.83 -9.77 2.14
CA LYS A 27 2.68 -10.63 1.93
C LYS A 27 2.15 -11.14 3.26
N GLY A 28 0.88 -10.89 3.52
CA GLY A 28 0.28 -11.32 4.76
C GLY A 28 0.08 -10.15 5.71
N ASP A 29 0.53 -8.98 5.29
CA ASP A 29 0.41 -7.77 6.10
C ASP A 29 -0.90 -7.05 5.79
N ILE A 30 -1.53 -6.52 6.81
CA ILE A 30 -2.78 -5.79 6.63
C ILE A 30 -2.46 -4.30 6.62
N LEU A 31 -2.74 -3.67 5.49
CA LEU A 31 -2.47 -2.24 5.33
C LEU A 31 -3.74 -1.42 5.52
N THR A 32 -3.55 -0.21 6.02
CA THR A 32 -4.66 0.70 6.21
C THR A 32 -4.70 1.69 5.06
N LEU A 33 -5.83 1.74 4.36
CA LEU A 33 -5.98 2.63 3.21
C LEU A 33 -6.16 4.07 3.65
N LEU A 34 -5.35 4.94 3.08
CA LEU A 34 -5.41 6.36 3.37
C LEU A 34 -5.90 7.13 2.14
N ASN A 35 -5.50 6.66 0.97
CA ASN A 35 -5.91 7.26 -0.29
C ASN A 35 -5.86 6.21 -1.40
N SER A 36 -6.87 6.19 -2.25
CA SER A 36 -6.93 5.22 -3.34
C SER A 36 -7.50 5.85 -4.60
N THR A 37 -7.16 7.11 -4.84
CA THR A 37 -7.66 7.82 -6.03
C THR A 37 -6.83 7.44 -7.26
N ASN A 38 -5.73 6.75 -7.02
CA ASN A 38 -4.85 6.32 -8.10
C ASN A 38 -5.13 4.85 -8.37
N LYS A 39 -5.03 4.42 -9.62
CA LYS A 39 -5.32 3.03 -9.97
C LYS A 39 -4.08 2.13 -9.95
N ASP A 40 -2.91 2.72 -9.77
CA ASP A 40 -1.68 1.93 -9.76
C ASP A 40 -0.95 2.06 -8.43
N TRP A 41 -1.25 3.11 -7.69
CA TRP A 41 -0.61 3.37 -6.40
C TRP A 41 -1.63 3.76 -5.34
N TRP A 42 -1.59 3.08 -4.21
CA TRP A 42 -2.50 3.37 -3.11
C TRP A 42 -1.72 3.76 -1.88
N LYS A 43 -2.12 4.86 -1.23
CA LYS A 43 -1.44 5.29 -0.03
C LYS A 43 -1.99 4.54 1.16
N VAL A 44 -1.13 3.86 1.86
CA VAL A 44 -1.51 3.08 3.03
C VAL A 44 -0.53 3.29 4.17
N GLU A 45 -0.86 2.77 5.33
CA GLU A 45 -0.01 2.87 6.50
C GLU A 45 0.30 1.49 7.06
N VAL A 46 1.58 1.19 7.19
CA VAL A 46 2.03 -0.07 7.76
C VAL A 46 2.60 0.19 9.12
N ASN A 47 1.94 -0.35 10.14
CA ASN A 47 2.34 -0.24 11.54
C ASN A 47 2.33 1.20 12.05
N ASP A 48 3.07 2.03 11.37
CA ASP A 48 3.20 3.46 11.71
C ASP A 48 3.78 4.25 10.53
N ARG A 49 4.16 3.55 9.47
CA ARG A 49 4.76 4.17 8.31
C ARG A 49 3.71 4.47 7.25
N GLN A 50 3.59 5.74 6.90
CA GLN A 50 2.62 6.17 5.89
C GLN A 50 3.29 6.39 4.54
N GLY A 51 2.69 5.85 3.50
CA GLY A 51 3.23 6.02 2.16
C GLY A 51 2.48 5.24 1.12
N PHE A 52 2.97 5.26 -0.10
CA PHE A 52 2.31 4.60 -1.20
C PHE A 52 2.87 3.23 -1.52
N VAL A 53 1.98 2.37 -2.01
CA VAL A 53 2.30 1.02 -2.44
C VAL A 53 1.55 0.72 -3.72
N PRO A 54 2.02 -0.25 -4.51
CA PRO A 54 1.35 -0.63 -5.75
C PRO A 54 -0.06 -1.16 -5.47
N ALA A 55 -1.04 -0.57 -6.13
CA ALA A 55 -2.43 -0.99 -5.97
C ALA A 55 -2.59 -2.44 -6.44
N ALA A 56 -1.72 -2.86 -7.35
CA ALA A 56 -1.73 -4.22 -7.87
C ALA A 56 -1.14 -5.20 -6.87
N TYR A 57 -0.62 -4.67 -5.78
CA TYR A 57 -0.01 -5.50 -4.73
C TYR A 57 -0.92 -5.56 -3.51
N VAL A 58 -2.06 -4.91 -3.60
CA VAL A 58 -2.98 -4.85 -2.49
C VAL A 58 -4.42 -5.09 -2.95
N LYS A 59 -5.21 -5.71 -2.09
CA LYS A 59 -6.60 -6.01 -2.39
C LYS A 59 -7.51 -5.58 -1.24
N LYS A 60 -8.68 -5.03 -1.59
CA LYS A 60 -9.66 -4.61 -0.59
C LYS A 60 -10.08 -5.79 0.28
N LEU A 61 -10.06 -5.60 1.57
CA LEU A 61 -10.44 -6.67 2.50
C LEU A 61 -11.96 -6.71 2.67
N ASP A 62 -12.60 -5.59 2.40
CA ASP A 62 -14.04 -5.48 2.52
C ASP A 62 -14.61 -4.62 1.40
C ACE B 1 2.99 10.68 -4.27
O ACE B 1 3.68 9.66 -4.21
CH3 ACE B 1 3.37 11.90 -3.50
H1 ACE B 1 3.97 11.60 -2.64
H2 ACE B 1 2.48 12.40 -3.14
H3 ACE B 1 3.92 12.58 -4.14
N ALA B 2 1.91 10.78 -5.03
CA ALA B 2 1.44 9.67 -5.84
C ALA B 2 2.24 9.56 -7.11
N PRO B 3 2.95 8.44 -7.29
CA PRO B 3 3.78 8.20 -8.48
C PRO B 3 2.95 8.17 -9.76
N SER B 4 3.49 8.75 -10.81
CA SER B 4 2.80 8.81 -12.09
C SER B 4 3.39 7.82 -13.09
N TYR B 5 3.82 6.66 -12.59
CA TYR B 5 4.40 5.64 -13.42
C TYR B 5 3.95 4.27 -12.95
N SER B 6 3.85 3.32 -13.86
CA SER B 6 3.41 1.97 -13.52
C SER B 6 4.37 1.30 -12.53
N PRO B 7 3.82 0.57 -11.54
CA PRO B 7 4.63 -0.14 -10.54
C PRO B 7 5.25 -1.42 -11.11
N PRO B 8 6.31 -1.92 -10.47
CA PRO B 8 7.00 -3.14 -10.92
C PRO B 8 6.10 -4.38 -10.90
N PRO B 9 6.30 -5.31 -11.84
CA PRO B 9 5.51 -6.55 -11.94
C PRO B 9 5.62 -7.40 -10.68
N PRO B 10 4.50 -8.03 -10.26
CA PRO B 10 4.44 -8.87 -9.07
C PRO B 10 5.37 -10.09 -9.14
N PRO B 11 6.17 -10.31 -8.10
CA PRO B 11 7.10 -11.44 -8.02
C PRO B 11 6.39 -12.74 -7.66
#